data_1TH3
#
_entry.id   1TH3
#
_cell.length_a   86.060
_cell.length_b   140.110
_cell.length_c   226.510
_cell.angle_alpha   90.00
_cell.angle_beta   90.00
_cell.angle_gamma   90.00
#
_symmetry.space_group_name_H-M   'P 21 21 21'
#
loop_
_entity.id
_entity.type
_entity.pdbx_description
1 polymer Catalase
2 non-polymer 'CYANIDE ION'
3 non-polymer 'PROTOPORPHYRIN IX CONTAINING FE'
4 water water
#
_entity_poly.entity_id   1
_entity_poly.type   'polypeptide(L)'
_entity_poly.pdbx_seq_one_letter_code
;ADNRDPASDQMKHWKEQRAAQKPDVLTTGGGNPVGDKLNSLTVGPRGPLLVQDVVFTDEMAHFDRERIPERVVHAKGAGA
FGYFEVTHDITRYSKAKVFEHIGKRTPIAVRFSTVAGESGSADTVRDPRGFAVKFYTEDGNWDLVGNNTPIFFIRDALLF
PSFIHSQKRNPQTHLKDPDMVWDFWSLRPESLHQVSFLFSDRGIPDGHRHMDGYGSHTFKLVNADGEAVYCKFHYKTDQG
IKNLSVEDAARLAHEDPDYGLRDLFNAIATGNYPSWTLYIQVMTFSEAEIFPFNPFDLTKVWPHGDYPLIPVGKLVLNRN
PVNYFAEVEQLAFDPSNMPPGIEPSPDKMLQGRLFAYPDTHRHRLGPNYLQIPVNCPYRARVANYQRDGPMCMMDNQGGA
PNYYPNSFSAPEHQPSALEHRTHFSGDVQRFNSANDDNVTQVRTFYLKVLNEEQRKRLCENIAGHLKDAQLFIQKKAVKN
FSDVHPEYGSRIQALLDKYNEEKPKN
;
_entity_poly.pdbx_strand_id   A,B,C,D
#
loop_
_chem_comp.id
_chem_comp.type
_chem_comp.name
_chem_comp.formula
CYN non-polymer 'CYANIDE ION' 'C N -1'
HEM non-polymer 'PROTOPORPHYRIN IX CONTAINING FE' 'C34 H32 Fe N4 O4'
#
# COMPACT_ATOMS: atom_id res chain seq x y z
N ASN A 3 -35.22 -14.01 -25.15
CA ASN A 3 -34.06 -14.49 -24.34
C ASN A 3 -32.76 -14.29 -25.13
N ARG A 4 -31.78 -13.65 -24.49
CA ARG A 4 -30.52 -13.37 -25.16
C ARG A 4 -29.44 -14.42 -24.87
N ASP A 5 -28.21 -14.08 -25.21
CA ASP A 5 -27.06 -14.97 -24.96
C ASP A 5 -26.99 -15.21 -23.46
N PRO A 6 -26.50 -16.38 -23.06
CA PRO A 6 -26.37 -16.75 -21.63
C PRO A 6 -25.73 -15.70 -20.74
N ALA A 7 -24.91 -14.84 -21.33
CA ALA A 7 -24.23 -13.79 -20.56
C ALA A 7 -25.16 -12.61 -20.27
N SER A 8 -26.00 -12.28 -21.24
CA SER A 8 -26.92 -11.18 -21.11
C SER A 8 -27.89 -11.34 -19.96
N ASP A 9 -28.33 -12.58 -19.75
CA ASP A 9 -29.27 -12.90 -18.69
C ASP A 9 -28.62 -13.22 -17.32
N GLN A 10 -27.37 -12.83 -17.12
CA GLN A 10 -26.66 -13.11 -15.87
C GLN A 10 -27.48 -12.93 -14.58
N MET A 11 -28.02 -11.75 -14.38
CA MET A 11 -28.84 -11.44 -13.21
C MET A 11 -30.18 -12.19 -13.22
N LYS A 12 -30.71 -12.41 -14.42
CA LYS A 12 -31.97 -13.10 -14.61
C LYS A 12 -31.89 -14.48 -13.99
N HIS A 13 -30.87 -15.23 -14.40
CA HIS A 13 -30.68 -16.57 -13.89
C HIS A 13 -30.28 -16.56 -12.44
N TRP A 14 -29.79 -15.43 -11.96
CA TRP A 14 -29.39 -15.35 -10.57
C TRP A 14 -30.68 -15.20 -9.75
N LYS A 15 -31.52 -14.29 -10.18
CA LYS A 15 -32.80 -14.07 -9.52
C LYS A 15 -33.47 -15.44 -9.51
N GLU A 16 -33.59 -16.03 -10.70
CA GLU A 16 -34.20 -17.33 -10.87
C GLU A 16 -33.55 -18.37 -9.99
N GLN A 17 -32.22 -18.39 -10.00
CA GLN A 17 -31.44 -19.33 -9.20
C GLN A 17 -31.98 -19.51 -7.79
N ARG A 18 -32.16 -18.41 -7.07
CA ARG A 18 -32.70 -18.49 -5.73
C ARG A 18 -34.21 -18.25 -5.80
N ALA A 19 -34.93 -19.30 -6.20
CA ALA A 19 -36.37 -19.27 -6.36
C ALA A 19 -37.14 -18.60 -5.21
N ALA A 20 -37.11 -18.09 -4.09
CA ALA A 20 -37.94 -18.77 -3.11
C ALA A 20 -37.58 -18.22 -2.09
N GLN A 21 -36.31 -18.60 -1.96
CA GLN A 21 -35.39 -18.00 -0.97
C GLN A 21 -35.58 -16.49 -0.82
N LYS A 22 -35.62 -16.03 0.41
CA LYS A 22 -35.81 -14.59 0.68
C LYS A 22 -34.51 -13.79 0.69
N PRO A 23 -34.57 -12.55 0.15
CA PRO A 23 -33.40 -11.67 0.09
C PRO A 23 -32.69 -11.54 1.43
N ASP A 24 -31.35 -11.58 1.40
CA ASP A 24 -30.56 -11.45 2.61
C ASP A 24 -30.71 -10.02 3.13
N VAL A 25 -30.32 -9.79 4.39
CA VAL A 25 -30.55 -8.42 4.93
C VAL A 25 -29.25 -7.60 4.53
N LEU A 26 -29.53 -6.39 4.06
CA LEU A 26 -28.48 -5.44 3.68
C LEU A 26 -27.75 -4.99 4.94
N THR A 27 -26.45 -5.20 4.98
CA THR A 27 -25.68 -4.82 6.17
C THR A 27 -24.49 -3.97 5.82
N THR A 28 -23.86 -3.45 6.87
CA THR A 28 -22.66 -2.64 6.72
C THR A 28 -21.56 -3.66 6.51
N GLY A 29 -20.32 -3.21 6.53
CA GLY A 29 -19.20 -4.14 6.39
C GLY A 29 -19.07 -4.98 7.64
N GLY A 30 -19.50 -4.40 8.76
CA GLY A 30 -19.44 -5.09 10.05
C GLY A 30 -20.58 -6.06 10.34
N GLY A 31 -21.55 -6.15 9.42
CA GLY A 31 -22.67 -7.07 9.64
C GLY A 31 -23.87 -6.42 10.29
N ASN A 32 -23.78 -5.12 10.52
CA ASN A 32 -24.88 -4.37 11.15
C ASN A 32 -25.95 -4.15 10.07
N PRO A 33 -27.20 -4.52 10.36
CA PRO A 33 -28.31 -4.35 9.42
C PRO A 33 -28.58 -2.87 9.14
N VAL A 34 -28.90 -2.56 7.89
CA VAL A 34 -29.17 -1.18 7.49
C VAL A 34 -30.67 -0.81 7.45
N GLY A 35 -30.98 0.32 8.05
CA GLY A 35 -32.35 0.80 8.09
C GLY A 35 -32.81 1.42 6.80
N ASP A 36 -32.14 2.49 6.36
CA ASP A 36 -32.50 3.17 5.13
C ASP A 36 -31.25 3.38 4.29
N LYS A 37 -31.01 2.49 3.32
CA LYS A 37 -29.78 2.65 2.50
C LYS A 37 -29.87 3.66 1.38
N LEU A 38 -31.03 4.34 1.24
CA LEU A 38 -31.17 5.31 0.16
C LEU A 38 -31.15 6.78 0.57
N ASN A 39 -31.24 7.05 1.87
CA ASN A 39 -31.24 8.44 2.31
C ASN A 39 -30.24 8.71 3.40
N SER A 40 -29.32 9.62 3.12
CA SER A 40 -28.31 10.00 4.08
C SER A 40 -28.92 10.66 5.28
N LEU A 41 -28.12 10.74 6.35
CA LEU A 41 -28.55 11.35 7.61
C LEU A 41 -28.13 12.82 7.70
N THR A 42 -29.06 13.70 7.38
CA THR A 42 -28.81 15.12 7.43
C THR A 42 -29.60 15.80 8.55
N VAL A 43 -29.04 16.91 9.04
CA VAL A 43 -29.22 18.52 9.38
C VAL A 43 -30.78 18.54 9.43
N GLY A 44 -31.94 17.91 9.20
CA GLY A 44 -33.02 18.65 8.58
C GLY A 44 -33.07 18.21 7.11
N PRO A 45 -34.26 18.23 6.50
CA PRO A 45 -34.48 17.86 5.09
C PRO A 45 -33.63 18.58 4.07
N ARG A 46 -33.02 19.67 4.50
CA ARG A 46 -32.16 20.44 3.60
C ARG A 46 -30.95 20.94 4.39
N GLY A 47 -30.59 20.17 5.43
CA GLY A 47 -29.46 20.53 6.27
C GLY A 47 -28.21 19.72 5.92
N PRO A 48 -27.06 20.01 6.57
CA PRO A 48 -25.79 19.31 6.34
C PRO A 48 -25.77 17.81 6.65
N LEU A 49 -24.65 17.17 6.27
CA LEU A 49 -24.48 15.74 6.51
C LEU A 49 -23.74 15.47 7.82
N LEU A 50 -24.18 14.45 8.54
CA LEU A 50 -23.61 14.08 9.83
C LEU A 50 -22.63 12.91 9.76
N VAL A 51 -21.41 13.15 10.23
CA VAL A 51 -20.37 12.13 10.25
C VAL A 51 -20.97 10.96 11.00
N GLN A 52 -21.94 11.29 11.84
CA GLN A 52 -22.65 10.31 12.65
C GLN A 52 -23.25 9.22 11.77
N ASP A 53 -23.36 9.49 10.48
CA ASP A 53 -23.92 8.50 9.58
C ASP A 53 -22.79 7.57 9.14
N VAL A 54 -22.80 6.37 9.68
CA VAL A 54 -21.75 5.40 9.37
C VAL A 54 -22.12 4.46 8.23
N VAL A 55 -23.41 4.27 7.99
CA VAL A 55 -23.83 3.40 6.89
C VAL A 55 -23.29 3.98 5.60
N PHE A 56 -23.45 5.31 5.45
CA PHE A 56 -22.94 5.96 4.26
C PHE A 56 -21.43 5.75 4.19
N THR A 57 -20.74 6.37 5.13
CA THR A 57 -19.30 6.29 5.20
C THR A 57 -18.74 4.88 5.00
N ASP A 58 -19.38 3.89 5.62
CA ASP A 58 -18.93 2.50 5.49
C ASP A 58 -18.87 2.11 4.01
N GLU A 59 -20.00 2.31 3.31
CA GLU A 59 -20.11 1.98 1.91
C GLU A 59 -19.22 2.88 1.03
N MET A 60 -19.31 4.19 1.22
CA MET A 60 -18.53 5.13 0.42
C MET A 60 -17.03 4.87 0.50
N ALA A 61 -16.51 4.75 1.71
CA ALA A 61 -15.08 4.52 1.89
C ALA A 61 -14.66 3.28 1.13
N HIS A 62 -15.53 2.27 1.09
CA HIS A 62 -15.16 1.05 0.38
C HIS A 62 -15.20 1.30 -1.11
N PHE A 63 -16.32 1.84 -1.58
CA PHE A 63 -16.44 2.13 -3.00
C PHE A 63 -15.15 2.84 -3.42
N ASP A 64 -14.73 3.82 -2.62
CA ASP A 64 -13.53 4.61 -2.89
C ASP A 64 -12.19 3.84 -2.98
N ARG A 65 -12.20 2.53 -2.78
CA ARG A 65 -10.98 1.74 -2.82
C ARG A 65 -11.11 0.46 -3.63
N GLU A 66 -12.22 0.33 -4.37
CA GLU A 66 -12.44 -0.87 -5.16
C GLU A 66 -11.30 -1.21 -6.13
N ARG A 67 -10.66 -0.20 -6.69
CA ARG A 67 -9.61 -0.40 -7.69
C ARG A 67 -8.19 -0.72 -7.23
N ILE A 68 -7.62 -1.72 -7.89
CA ILE A 68 -6.25 -2.16 -7.63
C ILE A 68 -5.46 -1.97 -8.94
N PRO A 69 -4.13 -1.87 -8.86
CA PRO A 69 -3.40 -1.68 -10.14
C PRO A 69 -3.69 -2.81 -11.12
N GLU A 70 -3.90 -2.46 -12.37
CA GLU A 70 -4.16 -3.47 -13.39
C GLU A 70 -2.81 -4.04 -13.77
N ARG A 71 -2.79 -5.24 -14.29
CA ARG A 71 -1.52 -5.86 -14.69
C ARG A 71 -0.71 -4.88 -15.54
N VAL A 72 0.57 -4.76 -15.22
CA VAL A 72 1.46 -3.84 -15.94
C VAL A 72 1.33 -4.02 -17.48
N VAL A 73 1.13 -5.27 -17.91
CA VAL A 73 0.90 -5.62 -19.31
C VAL A 73 -0.09 -6.76 -19.28
N HIS A 74 -0.75 -7.03 -20.40
CA HIS A 74 -1.75 -8.09 -20.47
C HIS A 74 -2.84 -7.77 -19.46
N ALA A 75 -3.25 -6.52 -19.41
CA ALA A 75 -4.28 -6.06 -18.49
C ALA A 75 -5.70 -6.50 -18.85
N LYS A 76 -6.09 -6.31 -20.10
CA LYS A 76 -7.44 -6.66 -20.55
C LYS A 76 -7.53 -8.11 -20.95
N GLY A 77 -8.14 -8.93 -20.12
CA GLY A 77 -8.29 -10.33 -20.42
C GLY A 77 -9.60 -10.99 -20.02
N ALA A 78 -9.63 -12.32 -20.07
CA ALA A 78 -10.80 -13.15 -19.75
C ALA A 78 -10.31 -14.45 -19.10
N GLY A 79 -11.07 -14.95 -18.12
CA GLY A 79 -10.63 -16.16 -17.46
C GLY A 79 -11.69 -17.25 -17.31
N ALA A 80 -11.22 -18.46 -17.02
CA ALA A 80 -12.10 -19.60 -16.83
C ALA A 80 -11.37 -20.71 -16.10
N PHE A 81 -12.13 -21.67 -15.60
CA PHE A 81 -11.57 -22.79 -14.87
C PHE A 81 -12.01 -24.07 -15.51
N GLY A 82 -11.21 -25.11 -15.34
CA GLY A 82 -11.52 -26.40 -15.93
C GLY A 82 -10.62 -27.44 -15.31
N TYR A 83 -10.19 -28.43 -16.08
CA TYR A 83 -9.33 -29.47 -15.53
C TYR A 83 -8.31 -29.97 -16.54
N PHE A 84 -7.22 -30.53 -16.03
CA PHE A 84 -6.21 -31.09 -16.89
C PHE A 84 -6.28 -32.60 -16.76
N GLU A 85 -6.17 -33.30 -17.89
CA GLU A 85 -6.24 -34.75 -17.91
C GLU A 85 -5.07 -35.34 -18.68
N VAL A 86 -4.40 -36.31 -18.06
CA VAL A 86 -3.26 -37.00 -18.67
C VAL A 86 -3.77 -38.01 -19.69
N THR A 87 -3.14 -38.06 -20.85
CA THR A 87 -3.57 -38.99 -21.88
C THR A 87 -2.45 -39.86 -22.43
N HIS A 88 -1.23 -39.52 -22.08
CA HIS A 88 -0.08 -40.28 -22.57
C HIS A 88 0.94 -40.35 -21.46
N ASP A 89 1.67 -41.45 -21.37
CA ASP A 89 2.65 -41.58 -20.33
C ASP A 89 3.96 -40.91 -20.76
N ILE A 90 4.25 -39.75 -20.20
CA ILE A 90 5.48 -39.05 -20.53
C ILE A 90 6.35 -39.12 -19.27
N THR A 91 6.05 -40.08 -18.43
CA THR A 91 6.77 -40.26 -17.17
C THR A 91 8.24 -40.62 -17.35
N ARG A 92 8.70 -40.74 -18.58
CA ARG A 92 10.11 -41.06 -18.78
C ARG A 92 10.93 -39.78 -18.89
N TYR A 93 10.25 -38.65 -19.02
CA TYR A 93 10.91 -37.34 -19.13
C TYR A 93 10.72 -36.49 -17.88
N SER A 94 9.52 -36.51 -17.31
CA SER A 94 9.23 -35.74 -16.12
C SER A 94 8.62 -36.63 -15.04
N LYS A 95 9.05 -36.42 -13.81
CA LYS A 95 8.57 -37.17 -12.69
C LYS A 95 7.50 -36.37 -11.97
N ALA A 96 7.14 -35.23 -12.55
CA ALA A 96 6.13 -34.36 -11.97
C ALA A 96 4.85 -35.14 -11.71
N LYS A 97 4.21 -34.88 -10.56
CA LYS A 97 3.00 -35.57 -10.17
C LYS A 97 1.82 -35.23 -11.10
N VAL A 98 1.87 -34.08 -11.73
CA VAL A 98 0.80 -33.68 -12.62
C VAL A 98 0.71 -34.59 -13.85
N PHE A 99 1.71 -35.43 -14.05
CA PHE A 99 1.72 -36.35 -15.18
C PHE A 99 1.71 -37.78 -14.62
N GLU A 100 1.65 -37.87 -13.29
CA GLU A 100 1.68 -39.11 -12.52
C GLU A 100 1.06 -40.38 -13.14
N HIS A 101 0.08 -40.23 -14.01
CA HIS A 101 -0.54 -41.42 -14.59
C HIS A 101 -1.81 -41.17 -15.43
N ILE A 102 -1.86 -41.85 -16.56
CA ILE A 102 -2.98 -41.73 -17.50
C ILE A 102 -4.32 -41.61 -16.80
N GLY A 103 -5.14 -40.68 -17.28
CA GLY A 103 -6.47 -40.46 -16.72
C GLY A 103 -6.48 -39.42 -15.61
N LYS A 104 -5.45 -39.41 -14.80
CA LYS A 104 -5.37 -38.45 -13.69
C LYS A 104 -5.73 -37.03 -14.12
N ARG A 105 -6.63 -36.41 -13.39
CA ARG A 105 -7.08 -35.05 -13.68
C ARG A 105 -6.64 -34.05 -12.61
N THR A 106 -6.27 -32.86 -13.04
CA THR A 106 -5.84 -31.81 -12.16
C THR A 106 -6.57 -30.53 -12.50
N PRO A 107 -7.11 -29.85 -11.48
CA PRO A 107 -7.84 -28.60 -11.76
C PRO A 107 -6.90 -27.57 -12.37
N ILE A 108 -7.46 -26.67 -13.16
CA ILE A 108 -6.65 -25.64 -13.78
C ILE A 108 -7.42 -24.34 -13.80
N ALA A 109 -6.69 -23.24 -13.97
CA ALA A 109 -7.28 -21.92 -14.07
C ALA A 109 -6.58 -21.29 -15.27
N VAL A 110 -7.35 -20.61 -16.12
CA VAL A 110 -6.77 -19.99 -17.30
C VAL A 110 -7.21 -18.57 -17.50
N ARG A 111 -6.28 -17.72 -17.92
CA ARG A 111 -6.58 -16.34 -18.22
C ARG A 111 -6.01 -15.95 -19.57
N PHE A 112 -6.88 -15.49 -20.47
CA PHE A 112 -6.47 -15.06 -21.81
C PHE A 112 -6.23 -13.57 -21.77
N SER A 113 -5.56 -13.02 -22.77
CA SER A 113 -5.31 -11.60 -22.74
C SER A 113 -4.59 -11.01 -23.95
N THR A 114 -4.70 -9.69 -24.09
CA THR A 114 -3.98 -8.98 -25.11
C THR A 114 -2.72 -8.61 -24.37
N VAL A 115 -2.03 -7.58 -24.81
CA VAL A 115 -0.78 -7.23 -24.15
C VAL A 115 -0.64 -5.76 -23.77
N ALA A 116 -0.83 -4.89 -24.73
CA ALA A 116 -0.66 -3.45 -24.55
C ALA A 116 -1.78 -2.64 -23.93
N GLY A 117 -2.98 -2.76 -24.47
CA GLY A 117 -4.10 -2.00 -23.95
C GLY A 117 -4.39 -2.22 -22.49
N GLU A 118 -4.82 -1.16 -21.83
CA GLU A 118 -5.16 -1.22 -20.42
C GLU A 118 -6.56 -1.85 -20.31
N SER A 119 -7.16 -1.81 -19.13
CA SER A 119 -8.45 -2.41 -18.91
C SER A 119 -9.60 -1.95 -19.81
N GLY A 120 -9.52 -0.72 -20.31
CA GLY A 120 -10.59 -0.23 -21.15
C GLY A 120 -10.47 -0.70 -22.59
N SER A 121 -9.29 -1.15 -22.96
CA SER A 121 -8.97 -1.59 -24.32
C SER A 121 -9.92 -2.61 -24.97
N ALA A 122 -9.82 -2.72 -26.28
CA ALA A 122 -10.65 -3.62 -27.10
C ALA A 122 -9.98 -4.98 -27.30
N ASP A 123 -10.79 -6.03 -27.33
CA ASP A 123 -10.32 -7.39 -27.48
C ASP A 123 -9.74 -7.78 -28.82
N THR A 124 -10.42 -7.38 -29.88
CA THR A 124 -10.02 -7.74 -31.25
C THR A 124 -9.06 -6.78 -31.91
N VAL A 125 -7.81 -6.79 -31.46
CA VAL A 125 -6.77 -5.94 -32.02
C VAL A 125 -5.50 -6.77 -32.27
N ARG A 126 -4.73 -6.40 -33.28
CA ARG A 126 -3.48 -7.12 -33.55
C ARG A 126 -2.66 -6.97 -32.27
N ASP A 127 -2.13 -8.08 -31.75
CA ASP A 127 -1.36 -8.09 -30.51
C ASP A 127 -1.11 -9.55 -30.12
N PRO A 128 0.01 -9.85 -29.44
CA PRO A 128 0.14 -11.27 -29.10
C PRO A 128 -1.05 -11.53 -28.18
N ARG A 129 -1.21 -12.77 -27.74
CA ARG A 129 -2.31 -13.10 -26.85
C ARG A 129 -1.80 -13.92 -25.66
N GLY A 130 -2.13 -13.50 -24.46
CA GLY A 130 -1.71 -14.22 -23.30
C GLY A 130 -2.56 -15.46 -23.08
N PHE A 131 -1.92 -16.56 -22.70
CA PHE A 131 -2.60 -17.82 -22.45
C PHE A 131 -1.92 -18.50 -21.27
N ALA A 132 -2.37 -18.17 -20.08
CA ALA A 132 -1.82 -18.70 -18.83
C ALA A 132 -2.63 -19.80 -18.17
N VAL A 133 -1.95 -20.88 -17.81
CA VAL A 133 -2.62 -22.00 -17.15
C VAL A 133 -2.03 -22.24 -15.76
N LYS A 134 -2.91 -22.47 -14.79
CA LYS A 134 -2.52 -22.75 -13.44
C LYS A 134 -3.05 -24.14 -13.14
N PHE A 135 -2.14 -25.05 -12.77
CA PHE A 135 -2.49 -26.43 -12.42
C PHE A 135 -2.35 -26.56 -10.90
N TYR A 136 -3.45 -26.79 -10.20
CA TYR A 136 -3.43 -26.96 -8.77
C TYR A 136 -3.00 -28.39 -8.49
N THR A 137 -1.69 -28.65 -8.61
CA THR A 137 -1.14 -29.98 -8.40
C THR A 137 -0.72 -30.25 -6.96
N GLU A 138 -0.84 -31.52 -6.55
CA GLU A 138 -0.50 -31.98 -5.25
C GLU A 138 0.83 -31.43 -4.73
N ASP A 139 1.74 -31.16 -5.66
CA ASP A 139 3.06 -30.64 -5.33
C ASP A 139 3.12 -29.13 -5.46
N GLY A 140 2.06 -28.45 -5.04
CA GLY A 140 2.04 -27.01 -5.15
C GLY A 140 1.53 -26.63 -6.51
N ASN A 141 1.37 -25.34 -6.75
CA ASN A 141 0.86 -24.87 -8.02
C ASN A 141 1.90 -24.80 -9.11
N TRP A 142 1.50 -25.16 -10.31
CA TRP A 142 2.36 -25.09 -11.47
C TRP A 142 1.73 -24.09 -12.43
N ASP A 143 2.41 -22.98 -12.64
CA ASP A 143 1.93 -21.96 -13.54
C ASP A 143 2.68 -22.02 -14.89
N LEU A 144 1.97 -22.40 -15.97
CA LEU A 144 2.58 -22.44 -17.28
C LEU A 144 2.09 -21.14 -17.92
N VAL A 145 2.96 -20.15 -17.93
CA VAL A 145 2.61 -18.83 -18.46
C VAL A 145 2.91 -18.58 -19.94
N GLY A 146 2.09 -19.15 -20.79
CA GLY A 146 2.29 -19.02 -22.22
C GLY A 146 1.50 -17.95 -22.97
N ASN A 147 1.90 -17.75 -24.21
CA ASN A 147 1.30 -16.79 -25.11
C ASN A 147 0.76 -17.56 -26.30
N ASN A 148 0.24 -16.86 -27.29
CA ASN A 148 -0.30 -17.51 -28.50
C ASN A 148 0.75 -17.65 -29.62
N THR A 149 1.99 -17.29 -29.30
CA THR A 149 3.13 -17.38 -30.21
C THR A 149 4.24 -18.14 -29.50
N PRO A 150 5.01 -18.98 -30.22
CA PRO A 150 6.10 -19.72 -29.58
C PRO A 150 7.41 -18.95 -29.44
N ILE A 151 7.41 -17.71 -29.88
CA ILE A 151 8.62 -16.89 -29.83
C ILE A 151 8.31 -15.51 -29.28
N PHE A 152 9.31 -14.66 -29.24
CA PHE A 152 9.10 -13.32 -28.74
C PHE A 152 10.03 -12.32 -29.43
N PHE A 153 9.70 -11.04 -29.35
CA PHE A 153 10.49 -10.00 -30.00
C PHE A 153 11.95 -9.88 -29.52
N ILE A 154 12.17 -9.88 -28.20
CA ILE A 154 13.50 -9.73 -27.65
C ILE A 154 14.02 -11.02 -27.04
N ARG A 155 15.27 -11.03 -26.61
CA ARG A 155 15.81 -12.24 -26.02
C ARG A 155 16.52 -12.02 -24.69
N ASP A 156 16.68 -10.77 -24.29
CA ASP A 156 17.29 -10.44 -23.01
C ASP A 156 16.31 -9.58 -22.20
N ALA A 157 15.99 -10.03 -21.00
CA ALA A 157 15.07 -9.35 -20.10
C ALA A 157 15.26 -7.84 -19.91
N LEU A 158 16.49 -7.38 -19.95
CA LEU A 158 16.76 -5.95 -19.77
C LEU A 158 16.09 -5.05 -20.79
N LEU A 159 15.71 -5.62 -21.92
CA LEU A 159 15.05 -4.87 -23.00
C LEU A 159 13.54 -4.86 -22.87
N PHE A 160 13.04 -5.77 -22.05
CA PHE A 160 11.61 -5.90 -21.86
C PHE A 160 10.89 -4.64 -21.37
N PRO A 161 11.35 -4.06 -20.27
CA PRO A 161 10.66 -2.86 -19.83
C PRO A 161 10.63 -1.86 -20.99
N SER A 162 11.79 -1.72 -21.64
CA SER A 162 11.90 -0.82 -22.78
C SER A 162 10.93 -1.19 -23.88
N PHE A 163 10.98 -2.44 -24.32
CA PHE A 163 10.08 -2.91 -25.34
C PHE A 163 8.64 -2.53 -25.04
N ILE A 164 8.12 -3.03 -23.93
CA ILE A 164 6.78 -2.74 -23.51
C ILE A 164 6.48 -1.25 -23.51
N HIS A 165 7.47 -0.46 -23.09
CA HIS A 165 7.25 0.96 -23.08
C HIS A 165 6.94 1.45 -24.49
N SER A 166 7.80 1.10 -25.44
CA SER A 166 7.62 1.54 -26.82
C SER A 166 6.32 1.06 -27.39
N GLN A 167 5.78 0.01 -26.79
CA GLN A 167 4.52 -0.59 -27.23
C GLN A 167 3.29 0.07 -26.65
N LYS A 168 3.48 0.96 -25.67
CA LYS A 168 2.38 1.63 -25.01
C LYS A 168 2.19 3.12 -25.36
N ARG A 169 1.87 3.97 -24.38
CA ARG A 169 1.64 5.37 -24.69
C ARG A 169 2.87 6.27 -24.57
N ASN A 170 2.78 7.44 -25.19
CA ASN A 170 3.88 8.37 -25.12
C ASN A 170 3.88 9.02 -23.76
N PRO A 171 5.04 9.07 -23.09
CA PRO A 171 5.18 9.66 -21.76
C PRO A 171 4.60 11.04 -21.61
N GLN A 172 4.62 11.80 -22.72
CA GLN A 172 4.11 13.15 -22.67
C GLN A 172 2.71 13.29 -23.22
N THR A 173 2.50 12.82 -24.43
CA THR A 173 1.18 12.98 -25.06
C THR A 173 0.18 11.93 -24.61
N HIS A 174 0.70 10.80 -24.15
CA HIS A 174 -0.14 9.69 -23.68
C HIS A 174 -0.88 9.09 -24.87
N LEU A 175 -0.24 9.10 -26.04
CA LEU A 175 -0.84 8.52 -27.24
C LEU A 175 0.09 7.42 -27.73
N LYS A 176 -0.42 6.52 -28.55
CA LYS A 176 0.41 5.45 -29.11
C LYS A 176 1.36 6.13 -30.07
N ASP A 177 2.65 5.80 -29.98
CA ASP A 177 3.66 6.43 -30.80
C ASP A 177 4.29 5.47 -31.81
N PRO A 178 3.91 5.61 -33.10
CA PRO A 178 4.48 4.73 -34.14
C PRO A 178 6.00 4.86 -34.21
N ASP A 179 6.52 6.04 -33.90
CA ASP A 179 7.96 6.26 -33.90
C ASP A 179 8.52 5.35 -32.80
N MET A 180 7.90 5.42 -31.62
CA MET A 180 8.30 4.61 -30.48
C MET A 180 8.34 3.14 -30.87
N VAL A 181 7.23 2.65 -31.40
CA VAL A 181 7.12 1.26 -31.81
C VAL A 181 8.17 0.79 -32.80
N TRP A 182 8.31 1.50 -33.90
CA TRP A 182 9.25 1.10 -34.93
C TRP A 182 10.68 1.58 -34.71
N ASP A 183 10.87 2.57 -33.85
CA ASP A 183 12.21 3.03 -33.56
C ASP A 183 12.88 1.91 -32.77
N PHE A 184 12.09 1.28 -31.92
CA PHE A 184 12.59 0.21 -31.08
C PHE A 184 12.81 -1.06 -31.89
N TRP A 185 11.78 -1.48 -32.61
CA TRP A 185 11.90 -2.67 -33.42
C TRP A 185 13.02 -2.56 -34.45
N SER A 186 13.17 -1.38 -35.05
CA SER A 186 14.19 -1.15 -36.06
C SER A 186 15.61 -1.37 -35.52
N LEU A 187 15.84 -0.91 -34.30
CA LEU A 187 17.14 -1.05 -33.66
C LEU A 187 17.40 -2.47 -33.12
N ARG A 188 16.37 -3.26 -32.91
CA ARG A 188 16.56 -4.61 -32.39
C ARG A 188 15.99 -5.65 -33.35
N PRO A 189 16.73 -5.96 -34.41
CA PRO A 189 16.35 -6.92 -35.45
C PRO A 189 15.96 -8.32 -34.99
N GLU A 190 16.29 -8.68 -33.75
CA GLU A 190 15.95 -9.99 -33.28
C GLU A 190 14.44 -10.14 -33.29
N SER A 191 13.75 -8.99 -33.30
CA SER A 191 12.28 -8.97 -33.27
C SER A 191 11.60 -9.42 -34.56
N LEU A 192 12.30 -9.26 -35.68
CA LEU A 192 11.78 -9.61 -36.99
C LEU A 192 10.90 -10.85 -36.96
N HIS A 193 11.41 -11.92 -36.38
CA HIS A 193 10.67 -13.17 -36.32
C HIS A 193 9.26 -12.96 -35.75
N GLN A 194 9.18 -12.35 -34.58
CA GLN A 194 7.89 -12.11 -33.96
C GLN A 194 7.08 -11.08 -34.70
N VAL A 195 7.73 -10.04 -35.17
CA VAL A 195 7.07 -8.98 -35.91
C VAL A 195 6.35 -9.55 -37.13
N SER A 196 6.99 -10.50 -37.78
CA SER A 196 6.45 -11.16 -38.97
C SER A 196 5.29 -12.05 -38.61
N PHE A 197 5.44 -12.76 -37.50
CA PHE A 197 4.41 -13.65 -37.05
C PHE A 197 3.25 -12.75 -36.62
N LEU A 198 3.57 -11.74 -35.83
CA LEU A 198 2.57 -10.82 -35.33
C LEU A 198 1.73 -10.19 -36.42
N PHE A 199 2.35 -9.75 -37.50
CA PHE A 199 1.59 -9.12 -38.57
C PHE A 199 0.97 -10.07 -39.57
N SER A 200 1.01 -11.37 -39.26
CA SER A 200 0.43 -12.36 -40.13
C SER A 200 -1.01 -12.57 -39.64
N ASP A 201 -1.80 -13.37 -40.34
CA ASP A 201 -3.17 -13.58 -39.97
C ASP A 201 -3.37 -13.98 -38.52
N ARG A 202 -2.31 -14.50 -37.92
CA ARG A 202 -2.36 -14.94 -36.53
C ARG A 202 -2.33 -13.80 -35.51
N GLY A 203 -2.05 -12.59 -35.96
CA GLY A 203 -2.00 -11.45 -35.04
C GLY A 203 -3.31 -11.10 -34.37
N ILE A 204 -4.43 -11.35 -35.04
CA ILE A 204 -5.72 -11.05 -34.45
C ILE A 204 -6.62 -12.28 -34.48
N PRO A 205 -6.46 -13.16 -33.47
CA PRO A 205 -7.31 -14.37 -33.44
C PRO A 205 -8.81 -14.11 -33.28
N ASP A 206 -9.61 -15.13 -33.58
CA ASP A 206 -11.06 -15.01 -33.44
C ASP A 206 -11.36 -15.57 -32.05
N GLY A 207 -11.35 -14.70 -31.06
CA GLY A 207 -11.63 -15.10 -29.69
C GLY A 207 -10.47 -15.86 -29.09
N HIS A 208 -10.65 -16.35 -27.86
CA HIS A 208 -9.60 -17.06 -27.17
C HIS A 208 -9.63 -18.55 -27.46
N ARG A 209 -10.73 -19.02 -28.03
CA ARG A 209 -10.88 -20.44 -28.29
C ARG A 209 -10.23 -20.95 -29.55
N HIS A 210 -9.90 -20.07 -30.49
CA HIS A 210 -9.30 -20.49 -31.74
C HIS A 210 -7.84 -20.13 -31.92
N MET A 211 -7.05 -20.33 -30.86
CA MET A 211 -5.63 -20.03 -30.92
C MET A 211 -4.84 -21.05 -30.09
N ASP A 212 -3.63 -21.32 -30.57
CA ASP A 212 -2.75 -22.26 -29.91
C ASP A 212 -2.13 -21.58 -28.70
N GLY A 213 -1.68 -22.38 -27.75
CA GLY A 213 -1.02 -21.86 -26.59
C GLY A 213 0.39 -22.44 -26.62
N TYR A 214 1.40 -21.68 -26.22
CA TYR A 214 2.75 -22.18 -26.23
C TYR A 214 3.51 -21.80 -24.96
N GLY A 215 4.36 -22.69 -24.47
CA GLY A 215 5.14 -22.35 -23.31
C GLY A 215 6.13 -21.28 -23.74
N SER A 216 6.58 -21.38 -24.99
CA SER A 216 7.54 -20.47 -25.60
C SER A 216 8.97 -20.82 -25.21
N HIS A 217 9.30 -20.59 -23.95
CA HIS A 217 10.62 -20.87 -23.43
C HIS A 217 10.89 -22.34 -23.40
N THR A 218 12.18 -22.68 -23.39
CA THR A 218 12.61 -24.06 -23.28
C THR A 218 12.60 -24.28 -21.78
N PHE A 219 12.25 -25.48 -21.36
CA PHE A 219 12.25 -25.80 -19.95
C PHE A 219 13.07 -27.06 -19.79
N LYS A 220 13.26 -27.47 -18.54
CA LYS A 220 14.02 -28.66 -18.26
C LYS A 220 13.12 -29.63 -17.55
N LEU A 221 12.93 -30.80 -18.13
CA LEU A 221 12.11 -31.84 -17.51
C LEU A 221 13.05 -32.78 -16.78
N VAL A 222 12.63 -33.26 -15.62
CA VAL A 222 13.44 -34.17 -14.82
C VAL A 222 12.66 -35.41 -14.37
N ASN A 223 13.17 -36.59 -14.73
CA ASN A 223 12.49 -37.82 -14.36
C ASN A 223 12.93 -38.39 -13.00
N ALA A 224 12.29 -39.48 -12.62
CA ALA A 224 12.56 -40.14 -11.34
C ALA A 224 13.97 -40.63 -11.12
N ASP A 225 14.72 -40.77 -12.16
CA ASP A 225 16.10 -41.22 -12.02
C ASP A 225 17.04 -40.03 -12.01
N GLY A 226 16.45 -38.82 -11.95
CA GLY A 226 17.25 -37.63 -11.94
C GLY A 226 17.80 -37.34 -13.31
N GLU A 227 17.24 -37.98 -14.33
CA GLU A 227 17.65 -37.78 -15.70
C GLU A 227 16.91 -36.57 -16.27
N ALA A 228 17.67 -35.64 -16.83
CA ALA A 228 17.11 -34.42 -17.38
C ALA A 228 17.05 -34.31 -18.91
N VAL A 229 16.13 -33.48 -19.37
CA VAL A 229 15.93 -33.24 -20.78
C VAL A 229 15.25 -31.90 -20.93
N TYR A 230 15.57 -31.19 -22.01
CA TYR A 230 14.98 -29.89 -22.25
C TYR A 230 13.70 -30.09 -23.04
N CYS A 231 12.81 -29.12 -23.02
CA CYS A 231 11.57 -29.26 -23.72
C CYS A 231 10.86 -27.95 -24.00
N LYS A 232 9.77 -28.05 -24.76
CA LYS A 232 8.94 -26.93 -25.12
C LYS A 232 7.51 -27.44 -25.08
N PHE A 233 6.63 -26.71 -24.38
CA PHE A 233 5.22 -27.09 -24.27
C PHE A 233 4.37 -26.49 -25.35
N HIS A 234 3.45 -27.30 -25.87
CA HIS A 234 2.53 -26.83 -26.91
C HIS A 234 1.14 -27.39 -26.60
N TYR A 235 0.15 -26.53 -26.57
CA TYR A 235 -1.23 -26.95 -26.37
C TYR A 235 -2.08 -26.31 -27.46
N LYS A 236 -2.33 -27.08 -28.52
CA LYS A 236 -3.09 -26.61 -29.67
C LYS A 236 -4.60 -26.68 -29.51
N THR A 237 -5.28 -25.66 -30.00
CA THR A 237 -6.72 -25.60 -29.90
C THR A 237 -7.38 -26.80 -30.54
N ASP A 238 -8.48 -27.26 -29.97
CA ASP A 238 -9.18 -28.39 -30.52
C ASP A 238 -10.33 -27.84 -31.33
N GLN A 239 -10.54 -26.53 -31.19
CA GLN A 239 -11.62 -25.85 -31.90
C GLN A 239 -11.16 -25.34 -33.26
N GLY A 240 -9.91 -25.61 -33.62
CA GLY A 240 -9.38 -25.15 -34.90
C GLY A 240 -8.88 -23.72 -34.86
N ILE A 241 -7.73 -23.50 -35.48
CA ILE A 241 -7.14 -22.17 -35.54
C ILE A 241 -7.99 -21.30 -36.46
N LYS A 242 -8.68 -20.32 -35.88
CA LYS A 242 -9.54 -19.41 -36.64
C LYS A 242 -9.20 -17.97 -36.27
N ASN A 243 -8.75 -17.16 -37.25
CA ASN A 243 -8.52 -15.71 -36.87
C ASN A 243 -9.34 -14.76 -37.67
N LEU A 244 -9.36 -13.54 -37.13
CA LEU A 244 -10.20 -12.47 -37.67
C LEU A 244 -9.44 -11.68 -38.72
N SER A 245 -10.19 -10.96 -39.55
CA SER A 245 -9.59 -10.15 -40.61
C SER A 245 -9.44 -8.73 -40.06
N VAL A 246 -8.52 -7.95 -40.63
CA VAL A 246 -8.29 -6.59 -40.18
C VAL A 246 -9.58 -5.79 -40.30
N GLU A 247 -10.53 -6.31 -41.07
CA GLU A 247 -11.80 -5.64 -41.30
C GLU A 247 -12.81 -5.88 -40.19
N ASP A 248 -13.17 -7.14 -40.00
CA ASP A 248 -14.14 -7.50 -38.96
C ASP A 248 -13.60 -7.05 -37.62
N ALA A 249 -12.33 -7.38 -37.39
CA ALA A 249 -11.65 -7.03 -36.16
C ALA A 249 -11.81 -5.57 -35.76
N ALA A 250 -11.88 -4.68 -36.75
CA ALA A 250 -12.04 -3.26 -36.46
C ALA A 250 -13.50 -2.95 -36.18
N ARG A 251 -14.38 -3.76 -36.75
CA ARG A 251 -15.78 -3.56 -36.54
C ARG A 251 -16.08 -3.99 -35.11
N LEU A 252 -15.61 -5.20 -34.77
CA LEU A 252 -15.81 -5.73 -33.43
C LEU A 252 -15.19 -4.84 -32.37
N ALA A 253 -14.08 -4.20 -32.72
CA ALA A 253 -13.38 -3.31 -31.79
C ALA A 253 -14.28 -2.24 -31.19
N HIS A 254 -15.34 -1.86 -31.91
CA HIS A 254 -16.21 -0.83 -31.35
C HIS A 254 -17.61 -1.41 -31.06
N GLU A 255 -17.99 -2.44 -31.82
CA GLU A 255 -19.29 -3.06 -31.63
C GLU A 255 -19.29 -3.92 -30.38
N ASP A 256 -18.13 -4.46 -30.04
CA ASP A 256 -17.99 -5.31 -28.87
C ASP A 256 -16.55 -5.36 -28.35
N PRO A 257 -16.12 -4.32 -27.64
CA PRO A 257 -14.73 -4.29 -27.11
C PRO A 257 -14.42 -5.52 -26.27
N ASP A 258 -15.46 -6.22 -25.78
CA ASP A 258 -15.27 -7.39 -24.95
C ASP A 258 -15.61 -8.69 -25.68
N TYR A 259 -15.52 -8.66 -26.99
CA TYR A 259 -15.82 -9.82 -27.85
C TYR A 259 -15.26 -11.15 -27.32
N GLY A 260 -14.00 -11.17 -26.88
CA GLY A 260 -13.41 -12.39 -26.37
C GLY A 260 -14.04 -12.81 -25.08
N LEU A 261 -14.20 -11.84 -24.19
CA LEU A 261 -14.83 -12.06 -22.89
C LEU A 261 -16.17 -12.74 -23.13
N ARG A 262 -17.05 -12.05 -23.86
CA ARG A 262 -18.39 -12.52 -24.16
C ARG A 262 -18.41 -13.90 -24.80
N ASP A 263 -17.55 -14.11 -25.78
CA ASP A 263 -17.47 -15.37 -26.49
C ASP A 263 -17.16 -16.54 -25.58
N LEU A 264 -16.06 -16.45 -24.87
CA LEU A 264 -15.66 -17.50 -23.96
C LEU A 264 -16.76 -17.87 -22.98
N PHE A 265 -17.30 -16.85 -22.32
CA PHE A 265 -18.37 -17.08 -21.35
C PHE A 265 -19.50 -17.87 -21.95
N ASN A 266 -20.09 -17.30 -22.99
CA ASN A 266 -21.19 -17.94 -23.68
C ASN A 266 -20.90 -19.39 -24.08
N ALA A 267 -19.80 -19.61 -24.76
CA ALA A 267 -19.43 -20.97 -25.18
C ALA A 267 -19.53 -21.92 -24.01
N ILE A 268 -18.92 -21.55 -22.89
CA ILE A 268 -18.96 -22.38 -21.71
C ILE A 268 -20.36 -22.47 -21.16
N ALA A 269 -21.01 -21.32 -20.97
CA ALA A 269 -22.37 -21.26 -20.45
C ALA A 269 -23.30 -22.21 -21.19
N THR A 270 -23.02 -22.44 -22.47
CA THR A 270 -23.86 -23.32 -23.28
C THR A 270 -23.26 -24.71 -23.45
N GLY A 271 -22.51 -25.19 -22.47
CA GLY A 271 -21.93 -26.51 -22.54
C GLY A 271 -20.95 -26.77 -23.67
N ASN A 272 -20.68 -25.78 -24.50
CA ASN A 272 -19.74 -25.95 -25.61
C ASN A 272 -18.34 -25.64 -25.11
N TYR A 273 -17.77 -26.56 -24.36
CA TYR A 273 -16.46 -26.40 -23.77
C TYR A 273 -15.29 -26.46 -24.72
N PRO A 274 -14.39 -25.47 -24.61
CA PRO A 274 -13.20 -25.45 -25.47
C PRO A 274 -12.15 -26.33 -24.82
N SER A 275 -11.21 -26.80 -25.63
CA SER A 275 -10.17 -27.66 -25.09
C SER A 275 -8.89 -27.47 -25.88
N TRP A 276 -7.81 -28.04 -25.37
CA TRP A 276 -6.52 -27.96 -26.04
C TRP A 276 -5.78 -29.22 -25.74
N THR A 277 -5.12 -29.77 -26.76
CA THR A 277 -4.33 -30.97 -26.59
C THR A 277 -2.95 -30.48 -26.24
N LEU A 278 -2.39 -31.02 -25.16
CA LEU A 278 -1.06 -30.59 -24.76
C LEU A 278 0.06 -31.52 -25.24
N TYR A 279 0.90 -31.00 -26.11
CA TYR A 279 2.04 -31.74 -26.64
C TYR A 279 3.29 -31.11 -26.05
N ILE A 280 4.42 -31.76 -26.25
CA ILE A 280 5.68 -31.24 -25.77
C ILE A 280 6.76 -31.67 -26.74
N GLN A 281 7.82 -30.89 -26.80
CA GLN A 281 8.93 -31.22 -27.65
C GLN A 281 10.02 -31.63 -26.71
N VAL A 282 10.94 -32.46 -27.17
CA VAL A 282 12.03 -32.92 -26.32
C VAL A 282 13.39 -32.85 -26.99
N MET A 283 14.28 -32.08 -26.37
CA MET A 283 15.64 -31.93 -26.84
C MET A 283 16.55 -32.38 -25.72
N THR A 284 17.35 -33.41 -25.98
CA THR A 284 18.25 -33.94 -24.98
C THR A 284 19.45 -33.00 -24.84
N PHE A 285 20.10 -33.04 -23.67
CA PHE A 285 21.26 -32.19 -23.45
C PHE A 285 22.29 -32.29 -24.54
N SER A 286 22.42 -33.49 -25.15
CA SER A 286 23.38 -33.69 -26.22
C SER A 286 23.02 -32.84 -27.43
N GLU A 287 21.81 -33.07 -27.95
CA GLU A 287 21.34 -32.34 -29.13
C GLU A 287 21.32 -30.84 -28.90
N ALA A 288 21.06 -30.43 -27.67
CA ALA A 288 21.03 -29.00 -27.35
C ALA A 288 22.44 -28.42 -27.52
N GLU A 289 23.43 -29.30 -27.59
CA GLU A 289 24.82 -28.87 -27.73
C GLU A 289 25.13 -28.49 -29.19
N ILE A 290 24.67 -29.33 -30.13
CA ILE A 290 24.96 -29.08 -31.55
C ILE A 290 23.85 -28.38 -32.31
N PHE A 291 22.81 -27.95 -31.60
CA PHE A 291 21.71 -27.25 -32.20
C PHE A 291 22.27 -26.02 -32.95
N PRO A 292 21.83 -25.80 -34.21
CA PRO A 292 22.25 -24.70 -35.09
C PRO A 292 22.06 -23.29 -34.54
N PHE A 293 21.27 -23.17 -33.49
CA PHE A 293 21.05 -21.87 -32.86
C PHE A 293 21.14 -22.07 -31.36
N ASN A 294 21.06 -20.99 -30.61
CA ASN A 294 21.07 -21.09 -29.15
C ASN A 294 19.74 -21.72 -28.81
N PRO A 295 19.74 -22.86 -28.10
CA PRO A 295 18.51 -23.55 -27.72
C PRO A 295 17.64 -22.88 -26.68
N PHE A 296 18.16 -21.84 -26.02
CA PHE A 296 17.42 -21.15 -24.98
C PHE A 296 17.13 -19.72 -25.45
N ASP A 297 17.15 -19.52 -26.78
CA ASP A 297 16.91 -18.22 -27.37
C ASP A 297 15.44 -18.10 -27.72
N LEU A 298 14.73 -17.21 -27.02
CA LEU A 298 13.30 -17.02 -27.24
C LEU A 298 12.86 -16.64 -28.66
N THR A 299 13.77 -16.13 -29.47
CA THR A 299 13.39 -15.75 -30.84
C THR A 299 13.63 -16.88 -31.82
N LYS A 300 13.64 -18.13 -31.35
CA LYS A 300 13.88 -19.27 -32.21
C LYS A 300 12.91 -20.41 -31.89
N VAL A 301 12.75 -21.36 -32.82
CA VAL A 301 11.86 -22.52 -32.62
C VAL A 301 12.57 -23.84 -32.95
N TRP A 302 12.07 -24.92 -32.38
CA TRP A 302 12.61 -26.27 -32.63
C TRP A 302 11.78 -26.91 -33.73
N PRO A 303 12.31 -26.99 -34.96
CA PRO A 303 11.56 -27.57 -36.06
C PRO A 303 10.92 -28.94 -35.72
N HIS A 304 9.60 -28.99 -35.91
CA HIS A 304 8.84 -30.21 -35.65
C HIS A 304 9.64 -31.38 -36.21
N GLY A 305 10.11 -31.22 -37.45
CA GLY A 305 10.88 -32.25 -38.11
C GLY A 305 11.90 -32.97 -37.24
N ASP A 306 12.83 -32.23 -36.63
CA ASP A 306 13.85 -32.84 -35.79
C ASP A 306 13.40 -33.06 -34.33
N TYR A 307 12.42 -32.30 -33.89
CA TYR A 307 11.91 -32.42 -32.53
C TYR A 307 10.39 -32.49 -32.51
N PRO A 308 9.84 -33.63 -32.94
CA PRO A 308 8.40 -33.87 -33.00
C PRO A 308 7.63 -33.65 -31.69
N LEU A 309 6.41 -33.16 -31.81
CA LEU A 309 5.54 -32.92 -30.69
C LEU A 309 5.16 -34.25 -30.06
N ILE A 310 4.78 -34.24 -28.79
CA ILE A 310 4.39 -35.46 -28.11
C ILE A 310 3.15 -35.22 -27.24
N PRO A 311 2.06 -35.93 -27.52
CA PRO A 311 0.82 -35.78 -26.76
C PRO A 311 1.03 -36.08 -25.28
N VAL A 312 0.45 -35.24 -24.44
CA VAL A 312 0.56 -35.40 -23.00
C VAL A 312 -0.83 -35.59 -22.43
N GLY A 313 -1.70 -34.62 -22.66
CA GLY A 313 -3.07 -34.70 -22.16
C GLY A 313 -3.92 -33.58 -22.70
N LYS A 314 -5.09 -33.38 -22.13
CA LYS A 314 -5.99 -32.34 -22.61
C LYS A 314 -6.32 -31.26 -21.58
N LEU A 315 -6.41 -30.02 -22.05
CA LEU A 315 -6.77 -28.91 -21.17
C LEU A 315 -8.21 -28.57 -21.49
N VAL A 316 -9.10 -28.80 -20.52
CA VAL A 316 -10.51 -28.51 -20.74
C VAL A 316 -11.08 -27.48 -19.76
N LEU A 317 -11.80 -26.52 -20.30
CA LEU A 317 -12.41 -25.47 -19.48
C LEU A 317 -13.95 -25.61 -19.57
N ASN A 318 -14.57 -25.80 -18.42
CA ASN A 318 -16.02 -25.98 -18.39
C ASN A 318 -16.70 -25.19 -17.25
N ARG A 319 -16.03 -24.18 -16.73
CA ARG A 319 -16.61 -23.40 -15.64
C ARG A 319 -16.24 -21.92 -15.66
N ASN A 320 -17.24 -21.06 -15.76
CA ASN A 320 -17.03 -19.61 -15.79
C ASN A 320 -16.75 -19.06 -14.41
N PRO A 321 -16.17 -17.86 -14.33
CA PRO A 321 -15.92 -17.31 -12.99
C PRO A 321 -17.26 -16.85 -12.46
N VAL A 322 -17.47 -16.97 -11.16
CA VAL A 322 -18.71 -16.54 -10.53
C VAL A 322 -18.62 -15.04 -10.29
N ASN A 323 -17.45 -14.60 -9.84
CA ASN A 323 -17.18 -13.19 -9.62
C ASN A 323 -15.89 -12.89 -10.37
N TYR A 324 -15.97 -12.22 -11.50
CA TYR A 324 -14.80 -11.93 -12.32
C TYR A 324 -13.60 -11.40 -11.51
N PHE A 325 -13.84 -10.39 -10.69
CA PHE A 325 -12.79 -9.79 -9.88
C PHE A 325 -12.07 -10.82 -9.05
N ALA A 326 -12.79 -11.33 -8.05
CA ALA A 326 -12.23 -12.29 -7.12
C ALA A 326 -11.52 -13.48 -7.73
N GLU A 327 -12.02 -13.95 -8.88
CA GLU A 327 -11.48 -15.13 -9.54
C GLU A 327 -10.63 -14.93 -10.80
N VAL A 328 -10.69 -13.77 -11.42
CA VAL A 328 -9.90 -13.55 -12.63
C VAL A 328 -8.95 -12.36 -12.47
N GLU A 329 -9.52 -11.20 -12.21
CA GLU A 329 -8.72 -10.00 -12.02
C GLU A 329 -7.61 -10.21 -10.98
N GLN A 330 -7.97 -10.84 -9.85
CA GLN A 330 -7.02 -11.09 -8.79
C GLN A 330 -6.10 -12.25 -9.09
N LEU A 331 -6.44 -13.05 -10.09
CA LEU A 331 -5.67 -14.21 -10.49
C LEU A 331 -4.20 -13.83 -10.71
N ALA A 332 -3.29 -14.73 -10.32
CA ALA A 332 -1.87 -14.48 -10.47
C ALA A 332 -1.10 -15.72 -10.91
N PHE A 333 -0.26 -15.57 -11.90
CA PHE A 333 0.56 -16.70 -12.37
C PHE A 333 2.04 -16.38 -12.23
N ASP A 334 2.79 -17.37 -11.74
CA ASP A 334 4.21 -17.22 -11.53
C ASP A 334 4.93 -18.35 -12.24
N PRO A 335 5.75 -18.03 -13.25
CA PRO A 335 6.48 -19.10 -13.97
C PRO A 335 7.34 -19.89 -12.97
N SER A 336 7.78 -19.21 -11.93
CA SER A 336 8.60 -19.80 -10.88
C SER A 336 7.88 -20.98 -10.23
N ASN A 337 6.56 -20.90 -10.12
CA ASN A 337 5.81 -22.01 -9.53
C ASN A 337 5.92 -23.23 -10.40
N MET A 338 6.95 -24.02 -10.16
CA MET A 338 7.16 -25.24 -10.90
C MET A 338 7.41 -26.30 -9.86
N PRO A 339 6.68 -27.39 -9.92
CA PRO A 339 6.88 -28.46 -8.95
C PRO A 339 7.94 -29.43 -9.41
N PRO A 340 8.38 -30.31 -8.50
CA PRO A 340 9.42 -31.31 -8.77
C PRO A 340 9.24 -32.07 -10.10
N GLY A 341 10.24 -31.96 -10.97
CA GLY A 341 10.20 -32.64 -12.26
C GLY A 341 9.96 -31.66 -13.42
N ILE A 342 9.87 -30.40 -13.08
CA ILE A 342 9.64 -29.34 -14.04
C ILE A 342 10.47 -28.11 -13.65
N GLU A 343 11.61 -27.92 -14.30
CA GLU A 343 12.49 -26.79 -13.98
C GLU A 343 12.75 -25.84 -15.13
N PRO A 344 13.41 -24.73 -14.85
CA PRO A 344 13.72 -23.76 -15.91
C PRO A 344 15.00 -24.06 -16.69
N SER A 345 15.13 -23.44 -17.85
CA SER A 345 16.30 -23.58 -18.71
C SER A 345 17.09 -22.29 -18.48
N PRO A 346 18.29 -22.16 -19.08
CA PRO A 346 19.03 -20.92 -18.84
C PRO A 346 18.53 -19.75 -19.70
N ASP A 347 17.41 -19.97 -20.36
CA ASP A 347 16.78 -18.95 -21.22
C ASP A 347 16.86 -17.60 -20.50
N LYS A 348 17.61 -16.65 -21.09
CA LYS A 348 17.78 -15.34 -20.49
C LYS A 348 16.45 -14.67 -20.17
N MET A 349 15.48 -14.87 -21.05
CA MET A 349 14.17 -14.27 -20.85
C MET A 349 13.44 -14.97 -19.70
N LEU A 350 13.38 -16.29 -19.73
CA LEU A 350 12.72 -17.05 -18.68
C LEU A 350 13.33 -16.71 -17.33
N GLN A 351 14.65 -16.57 -17.32
CA GLN A 351 15.38 -16.26 -16.10
C GLN A 351 14.90 -14.97 -15.42
N GLY A 352 14.72 -13.92 -16.20
CA GLY A 352 14.27 -12.68 -15.62
C GLY A 352 12.83 -12.77 -15.12
N ARG A 353 12.09 -13.69 -15.70
CA ARG A 353 10.69 -13.90 -15.34
C ARG A 353 10.50 -14.57 -14.00
N LEU A 354 11.43 -15.43 -13.62
CA LEU A 354 11.36 -16.10 -12.36
C LEU A 354 11.29 -15.05 -11.26
N PHE A 355 11.81 -13.87 -11.54
CA PHE A 355 11.81 -12.79 -10.56
C PHE A 355 10.60 -11.86 -10.61
N ALA A 356 10.31 -11.34 -11.80
CA ALA A 356 9.26 -10.37 -12.01
C ALA A 356 7.80 -10.67 -11.65
N TYR A 357 7.31 -11.88 -11.94
CA TYR A 357 5.93 -12.15 -11.62
C TYR A 357 5.65 -12.05 -10.13
N PRO A 358 6.28 -12.90 -9.30
CA PRO A 358 5.99 -12.78 -7.86
C PRO A 358 6.30 -11.34 -7.41
N ASP A 359 7.37 -10.78 -7.93
CA ASP A 359 7.75 -9.43 -7.58
C ASP A 359 6.63 -8.44 -7.85
N THR A 360 5.97 -8.57 -8.97
CA THR A 360 4.91 -7.65 -9.33
C THR A 360 3.61 -7.97 -8.61
N HIS A 361 3.34 -9.25 -8.41
CA HIS A 361 2.14 -9.67 -7.71
C HIS A 361 2.14 -9.16 -6.28
N ARG A 362 3.32 -9.12 -5.66
CA ARG A 362 3.45 -8.62 -4.28
C ARG A 362 3.06 -7.15 -4.21
N HIS A 363 3.03 -6.48 -5.37
CA HIS A 363 2.69 -5.07 -5.46
C HIS A 363 1.28 -4.82 -5.95
N ARG A 364 0.91 -5.49 -7.05
CA ARG A 364 -0.43 -5.32 -7.60
C ARG A 364 -1.50 -5.85 -6.64
N LEU A 365 -1.25 -7.04 -6.10
CA LEU A 365 -2.18 -7.67 -5.17
C LEU A 365 -1.79 -7.44 -3.73
N GLY A 366 -0.52 -7.73 -3.40
CA GLY A 366 -0.07 -7.51 -2.03
C GLY A 366 0.85 -8.61 -1.53
N PRO A 367 1.62 -8.34 -0.46
CA PRO A 367 2.54 -9.35 0.03
C PRO A 367 1.94 -10.77 0.19
N ASN A 368 0.71 -10.89 0.67
CA ASN A 368 0.09 -12.21 0.87
C ASN A 368 -0.88 -12.69 -0.21
N TYR A 369 -0.64 -12.26 -1.45
CA TYR A 369 -1.50 -12.64 -2.57
C TYR A 369 -1.62 -14.15 -2.80
N LEU A 370 -0.70 -14.93 -2.26
CA LEU A 370 -0.76 -16.37 -2.45
C LEU A 370 -1.86 -16.97 -1.59
N GLN A 371 -2.50 -16.14 -0.80
CA GLN A 371 -3.56 -16.60 0.05
C GLN A 371 -4.93 -16.30 -0.54
N ILE A 372 -4.96 -15.52 -1.61
CA ILE A 372 -6.21 -15.23 -2.27
C ILE A 372 -6.65 -16.60 -2.75
N PRO A 373 -7.94 -16.96 -2.51
CA PRO A 373 -8.47 -18.27 -2.91
C PRO A 373 -8.00 -18.80 -4.25
N VAL A 374 -8.27 -18.05 -5.33
CA VAL A 374 -7.91 -18.47 -6.66
C VAL A 374 -6.41 -18.78 -6.81
N ASN A 375 -5.56 -18.06 -6.09
CA ASN A 375 -4.11 -18.26 -6.15
C ASN A 375 -3.55 -19.27 -5.14
N CYS A 376 -4.32 -19.63 -4.13
CA CYS A 376 -3.86 -20.58 -3.11
C CYS A 376 -3.70 -22.00 -3.70
N PRO A 377 -2.63 -22.72 -3.31
CA PRO A 377 -2.44 -24.10 -3.81
C PRO A 377 -3.22 -24.99 -2.87
N TYR A 378 -4.53 -24.95 -3.04
CA TYR A 378 -5.47 -25.69 -2.19
C TYR A 378 -5.42 -27.19 -2.36
N ARG A 379 -4.56 -27.68 -3.23
CA ARG A 379 -4.44 -29.10 -3.44
C ARG A 379 -3.17 -29.66 -2.82
N ALA A 380 -2.46 -28.81 -2.08
CA ALA A 380 -1.22 -29.19 -1.41
C ALA A 380 -1.31 -28.60 -0.01
N ARG A 381 -0.39 -28.98 0.87
CA ARG A 381 -0.38 -28.41 2.21
C ARG A 381 0.78 -27.47 2.37
N VAL A 382 0.51 -26.18 2.33
CA VAL A 382 1.57 -25.19 2.50
C VAL A 382 2.00 -25.12 3.95
N ALA A 383 3.23 -25.57 4.19
CA ALA A 383 3.81 -25.57 5.52
C ALA A 383 5.20 -25.03 5.33
N ASN A 384 5.56 -24.02 6.15
CA ASN A 384 6.88 -23.42 6.05
C ASN A 384 7.14 -22.50 7.23
N TYR A 385 8.20 -21.74 7.15
CA TYR A 385 8.58 -20.83 8.23
C TYR A 385 8.30 -19.38 7.89
N GLN A 386 7.33 -19.16 7.01
CA GLN A 386 6.93 -17.83 6.61
C GLN A 386 5.80 -17.36 7.52
N ARG A 387 5.82 -16.10 7.92
CA ARG A 387 4.81 -15.55 8.83
C ARG A 387 4.47 -14.09 8.58
N ASP A 388 3.33 -13.68 9.13
CA ASP A 388 2.84 -12.31 9.09
C ASP A 388 2.60 -11.68 7.71
N GLY A 389 2.89 -10.40 7.60
CA GLY A 389 2.66 -9.68 6.36
C GLY A 389 1.24 -9.12 6.39
N PRO A 390 0.92 -8.09 5.63
CA PRO A 390 -0.46 -7.59 5.67
C PRO A 390 -1.52 -8.51 5.10
N MET A 391 -2.75 -8.30 5.52
CA MET A 391 -3.90 -9.10 5.08
C MET A 391 -3.56 -10.57 5.17
N CYS A 392 -3.06 -10.96 6.34
CA CYS A 392 -2.69 -12.32 6.64
C CYS A 392 -3.94 -13.14 6.98
N MET A 393 -4.32 -14.08 6.12
CA MET A 393 -5.50 -14.91 6.36
C MET A 393 -5.12 -16.27 6.93
N MET A 394 -6.09 -17.19 6.93
CA MET A 394 -5.90 -18.52 7.51
C MET A 394 -5.40 -18.31 8.94
N ASP A 395 -4.62 -19.22 9.48
CA ASP A 395 -4.14 -19.07 10.87
C ASP A 395 -2.69 -18.63 10.99
N ASN A 396 -2.08 -18.26 9.86
CA ASN A 396 -0.69 -17.85 9.83
C ASN A 396 0.14 -19.01 10.40
N GLN A 397 -0.23 -20.22 9.98
CA GLN A 397 0.45 -21.43 10.44
C GLN A 397 0.37 -21.57 11.95
N GLY A 398 -0.52 -20.79 12.56
CA GLY A 398 -0.75 -20.83 13.98
C GLY A 398 0.42 -20.61 14.91
N GLY A 399 0.50 -21.44 15.95
CA GLY A 399 1.56 -21.31 16.93
C GLY A 399 2.72 -22.23 16.65
N ALA A 400 2.85 -22.63 15.40
CA ALA A 400 3.96 -23.50 14.99
C ALA A 400 5.31 -22.80 15.10
N PRO A 401 6.38 -23.58 15.34
CA PRO A 401 7.74 -23.03 15.48
C PRO A 401 8.07 -22.26 14.20
N ASN A 402 8.55 -21.04 14.37
CA ASN A 402 8.86 -20.20 13.22
C ASN A 402 10.34 -20.11 12.84
N TYR A 403 11.13 -21.12 13.17
CA TYR A 403 12.53 -21.08 12.81
C TYR A 403 13.03 -22.44 12.39
N TYR A 404 13.84 -22.44 11.33
CA TYR A 404 14.39 -23.67 10.78
C TYR A 404 15.91 -23.58 10.73
N PRO A 405 16.60 -24.64 11.19
CA PRO A 405 16.00 -25.85 11.78
C PRO A 405 15.58 -25.65 13.22
N ASN A 406 14.76 -26.57 13.72
CA ASN A 406 14.29 -26.54 15.10
C ASN A 406 14.10 -27.97 15.58
N SER A 407 14.06 -28.20 16.89
CA SER A 407 13.86 -29.53 17.43
C SER A 407 12.45 -29.72 17.93
N PHE A 408 11.49 -29.04 17.30
CA PHE A 408 10.10 -29.12 17.74
C PHE A 408 9.08 -29.63 16.74
N SER A 409 9.52 -30.46 15.82
CA SER A 409 8.62 -31.09 14.83
C SER A 409 7.96 -30.20 13.80
N ALA A 410 8.57 -29.06 13.49
CA ALA A 410 7.99 -28.17 12.46
C ALA A 410 8.33 -28.77 11.08
N PRO A 411 7.82 -28.20 9.99
CA PRO A 411 8.09 -28.75 8.64
C PRO A 411 9.57 -28.97 8.30
N GLU A 412 9.83 -30.01 7.51
CA GLU A 412 11.21 -30.37 7.13
C GLU A 412 11.36 -30.42 5.61
N HIS A 413 12.56 -30.15 5.12
CA HIS A 413 12.78 -30.22 3.68
C HIS A 413 12.80 -31.62 3.17
N GLN A 414 12.21 -31.83 2.01
CA GLN A 414 12.15 -33.15 1.36
C GLN A 414 13.27 -33.23 0.30
N PRO A 415 14.26 -34.11 0.52
CA PRO A 415 15.41 -34.28 -0.40
C PRO A 415 15.05 -34.73 -1.81
N SER A 416 13.87 -35.32 -1.97
CA SER A 416 13.47 -35.80 -3.30
C SER A 416 12.85 -34.68 -4.14
N ALA A 417 12.97 -33.45 -3.66
CA ALA A 417 12.43 -32.28 -4.38
C ALA A 417 13.58 -31.33 -4.72
N LEU A 418 14.81 -31.84 -4.68
CA LEU A 418 15.97 -31.03 -4.97
C LEU A 418 16.08 -30.87 -6.46
N GLU A 419 16.64 -29.76 -6.88
CA GLU A 419 16.81 -29.43 -8.30
C GLU A 419 17.89 -30.25 -8.99
N HIS A 420 17.61 -30.61 -10.24
CA HIS A 420 18.55 -31.37 -11.06
C HIS A 420 19.79 -30.50 -11.23
N ARG A 421 20.95 -31.06 -10.89
CA ARG A 421 22.20 -30.31 -10.98
C ARG A 421 22.80 -30.30 -12.38
N THR A 422 23.06 -29.10 -12.88
CA THR A 422 23.64 -28.91 -14.20
C THR A 422 24.93 -28.13 -14.06
N HIS A 423 25.89 -28.42 -14.94
CA HIS A 423 27.19 -27.76 -14.91
C HIS A 423 27.26 -26.66 -15.95
N PHE A 424 27.84 -25.52 -15.55
CA PHE A 424 28.04 -24.39 -16.45
C PHE A 424 29.43 -23.86 -16.16
N SER A 425 30.10 -23.37 -17.20
CA SER A 425 31.43 -22.85 -17.02
C SER A 425 31.67 -21.69 -17.94
N GLY A 426 32.24 -20.60 -17.41
CA GLY A 426 32.51 -19.45 -18.25
C GLY A 426 32.76 -18.29 -17.33
N ASP A 427 33.16 -17.18 -17.93
CA ASP A 427 33.40 -16.00 -17.14
C ASP A 427 32.02 -15.43 -16.84
N VAL A 428 31.89 -14.76 -15.72
CA VAL A 428 30.65 -14.13 -15.34
C VAL A 428 30.66 -12.76 -15.93
N GLN A 429 29.95 -12.58 -17.02
CA GLN A 429 29.90 -11.27 -17.67
C GLN A 429 28.63 -11.05 -18.46
N ARG A 430 28.51 -9.85 -19.01
CA ARG A 430 27.34 -9.46 -19.78
C ARG A 430 27.47 -9.83 -21.26
N PHE A 431 27.44 -11.14 -21.55
CA PHE A 431 27.53 -11.62 -22.90
C PHE A 431 26.53 -10.95 -23.83
N ASN A 432 27.00 -10.53 -25.02
CA ASN A 432 26.17 -9.86 -26.00
C ASN A 432 25.54 -10.81 -27.02
N SER A 433 24.24 -10.97 -26.94
CA SER A 433 23.50 -11.86 -27.84
C SER A 433 22.72 -11.11 -28.92
N ALA A 434 23.00 -9.83 -29.07
CA ALA A 434 22.32 -9.02 -30.06
C ALA A 434 22.42 -9.53 -31.49
N ASN A 435 23.50 -10.25 -31.79
CA ASN A 435 23.72 -10.74 -33.15
C ASN A 435 23.56 -12.26 -33.33
N ASP A 436 22.90 -12.93 -32.40
CA ASP A 436 22.70 -14.36 -32.50
C ASP A 436 21.76 -14.81 -33.60
N ASP A 437 22.02 -14.35 -34.83
CA ASP A 437 21.21 -14.68 -35.98
C ASP A 437 19.73 -14.30 -35.87
N ASN A 438 19.38 -13.15 -36.47
CA ASN A 438 18.01 -12.68 -36.41
C ASN A 438 17.31 -12.75 -37.76
N VAL A 439 17.65 -13.73 -38.59
CA VAL A 439 17.03 -13.81 -39.90
C VAL A 439 16.74 -15.20 -40.43
N THR A 440 17.66 -16.14 -40.25
CA THR A 440 17.43 -17.46 -40.76
C THR A 440 15.98 -17.92 -40.60
N GLN A 441 15.59 -18.17 -39.38
CA GLN A 441 14.25 -18.62 -39.07
C GLN A 441 13.17 -17.71 -39.64
N VAL A 442 13.44 -16.41 -39.62
CA VAL A 442 12.49 -15.44 -40.16
C VAL A 442 12.25 -15.73 -41.63
N ARG A 443 13.35 -15.90 -42.38
CA ARG A 443 13.29 -16.21 -43.80
C ARG A 443 12.44 -17.47 -44.05
N THR A 444 12.61 -18.49 -43.20
CA THR A 444 11.83 -19.69 -43.36
C THR A 444 10.35 -19.42 -43.21
N PHE A 445 10.02 -18.59 -42.25
CA PHE A 445 8.62 -18.23 -41.99
C PHE A 445 8.04 -17.49 -43.18
N TYR A 446 8.81 -16.54 -43.70
CA TYR A 446 8.37 -15.74 -44.83
C TYR A 446 8.21 -16.57 -46.09
N LEU A 447 9.25 -17.31 -46.46
CA LEU A 447 9.20 -18.07 -47.71
C LEU A 447 8.49 -19.43 -47.66
N LYS A 448 8.67 -20.19 -46.59
CA LYS A 448 8.08 -21.52 -46.50
C LYS A 448 6.75 -21.63 -45.76
N VAL A 449 6.66 -21.06 -44.57
CA VAL A 449 5.45 -21.10 -43.76
C VAL A 449 4.28 -20.32 -44.36
N LEU A 450 4.58 -19.21 -45.05
CA LEU A 450 3.53 -18.39 -45.67
C LEU A 450 3.49 -18.57 -47.18
N ASN A 451 2.31 -18.35 -47.77
CA ASN A 451 2.15 -18.45 -49.19
C ASN A 451 1.99 -17.01 -49.70
N GLU A 452 2.00 -16.82 -51.01
CA GLU A 452 1.89 -15.49 -51.56
C GLU A 452 0.73 -14.68 -50.97
N GLU A 453 -0.49 -15.20 -51.10
CA GLU A 453 -1.66 -14.49 -50.56
C GLU A 453 -1.28 -13.89 -49.21
N GLN A 454 -0.63 -14.69 -48.39
CA GLN A 454 -0.20 -14.32 -47.03
C GLN A 454 0.88 -13.25 -46.96
N ARG A 455 2.00 -13.47 -47.64
CA ARG A 455 3.07 -12.48 -47.65
C ARG A 455 2.49 -11.12 -47.98
N LYS A 456 1.53 -11.11 -48.90
CA LYS A 456 0.88 -9.87 -49.35
C LYS A 456 0.15 -9.16 -48.22
N ARG A 457 -0.61 -9.92 -47.45
CA ARG A 457 -1.37 -9.34 -46.36
C ARG A 457 -0.42 -8.88 -45.28
N LEU A 458 0.62 -9.66 -45.04
CA LEU A 458 1.63 -9.34 -44.04
C LEU A 458 2.31 -7.98 -44.29
N CYS A 459 2.84 -7.80 -45.50
CA CYS A 459 3.50 -6.54 -45.84
C CYS A 459 2.53 -5.38 -45.84
N GLU A 460 1.28 -5.67 -46.15
CA GLU A 460 0.25 -4.65 -46.15
C GLU A 460 0.00 -4.27 -44.70
N ASN A 461 -0.06 -5.29 -43.87
CA ASN A 461 -0.27 -5.11 -42.42
C ASN A 461 0.90 -4.42 -41.76
N ILE A 462 2.09 -4.76 -42.21
CA ILE A 462 3.27 -4.13 -41.65
C ILE A 462 3.30 -2.67 -42.11
N ALA A 463 3.30 -2.47 -43.42
CA ALA A 463 3.34 -1.14 -43.98
C ALA A 463 2.21 -0.25 -43.48
N GLY A 464 1.10 -0.87 -43.12
CA GLY A 464 -0.04 -0.12 -42.64
C GLY A 464 0.30 0.75 -41.46
N HIS A 465 1.06 0.17 -40.54
CA HIS A 465 1.43 0.89 -39.33
C HIS A 465 2.73 1.69 -39.53
N LEU A 466 3.74 1.01 -40.05
CA LEU A 466 5.05 1.60 -40.28
C LEU A 466 5.01 2.93 -41.01
N LYS A 467 4.08 3.06 -41.95
CA LYS A 467 3.95 4.27 -42.73
C LYS A 467 3.91 5.53 -41.85
N ASP A 468 3.48 5.37 -40.59
CA ASP A 468 3.38 6.50 -39.72
C ASP A 468 4.69 6.95 -39.07
N ALA A 469 5.66 6.05 -38.98
CA ALA A 469 6.92 6.43 -38.36
C ALA A 469 7.69 7.40 -39.27
N GLN A 470 8.62 8.14 -38.68
CA GLN A 470 9.43 9.07 -39.44
C GLN A 470 10.12 8.34 -40.58
N LEU A 471 10.54 9.10 -41.59
CA LEU A 471 11.21 8.52 -42.74
C LEU A 471 12.48 7.77 -42.40
N PHE A 472 13.32 8.35 -41.54
CA PHE A 472 14.58 7.72 -41.19
C PHE A 472 14.36 6.36 -40.51
N ILE A 473 13.25 6.24 -39.81
CA ILE A 473 12.89 4.99 -39.13
C ILE A 473 12.42 3.94 -40.15
N GLN A 474 11.66 4.38 -41.15
CA GLN A 474 11.17 3.46 -42.16
C GLN A 474 12.37 2.86 -42.89
N LYS A 475 13.40 3.68 -43.12
CA LYS A 475 14.61 3.21 -43.80
C LYS A 475 15.16 2.00 -43.06
N LYS A 476 15.59 2.26 -41.85
CA LYS A 476 16.16 1.24 -40.98
C LYS A 476 15.32 -0.03 -40.95
N ALA A 477 14.01 0.14 -40.81
CA ALA A 477 13.10 -0.99 -40.74
C ALA A 477 13.04 -1.81 -42.02
N VAL A 478 12.86 -1.13 -43.15
CA VAL A 478 12.82 -1.85 -44.41
C VAL A 478 14.15 -2.52 -44.59
N LYS A 479 15.22 -1.82 -44.26
CA LYS A 479 16.55 -2.36 -44.38
C LYS A 479 16.64 -3.73 -43.70
N ASN A 480 16.06 -3.83 -42.50
CA ASN A 480 16.09 -5.08 -41.76
C ASN A 480 15.27 -6.16 -42.39
N PHE A 481 14.16 -5.77 -43.02
CA PHE A 481 13.31 -6.71 -43.68
C PHE A 481 14.01 -7.30 -44.90
N SER A 482 14.74 -6.45 -45.62
CA SER A 482 15.48 -6.89 -46.80
C SER A 482 16.51 -7.92 -46.34
N ASP A 483 17.03 -7.75 -45.13
CA ASP A 483 18.01 -8.69 -44.62
C ASP A 483 17.42 -10.10 -44.47
N VAL A 484 16.11 -10.17 -44.32
CA VAL A 484 15.42 -11.45 -44.22
C VAL A 484 15.21 -11.93 -45.65
N HIS A 485 14.83 -10.99 -46.50
CA HIS A 485 14.63 -11.28 -47.91
C HIS A 485 14.46 -10.02 -48.73
N PRO A 486 15.28 -9.89 -49.78
CA PRO A 486 15.21 -8.70 -50.64
C PRO A 486 13.76 -8.39 -51.03
N GLU A 487 13.01 -9.43 -51.40
CA GLU A 487 11.63 -9.28 -51.79
C GLU A 487 10.78 -8.78 -50.61
N TYR A 488 11.09 -9.26 -49.42
CA TYR A 488 10.37 -8.90 -48.21
C TYR A 488 10.39 -7.39 -47.97
N GLY A 489 11.58 -6.79 -47.97
CA GLY A 489 11.69 -5.37 -47.74
C GLY A 489 11.13 -4.51 -48.87
N SER A 490 11.39 -4.92 -50.09
CA SER A 490 10.92 -4.18 -51.25
C SER A 490 9.40 -4.01 -51.22
N ARG A 491 8.67 -5.12 -51.05
CA ARG A 491 7.23 -5.08 -51.03
C ARG A 491 6.71 -4.10 -49.99
N ILE A 492 7.35 -4.10 -48.83
CA ILE A 492 6.98 -3.19 -47.77
C ILE A 492 7.34 -1.76 -48.17
N GLN A 493 8.50 -1.62 -48.79
CA GLN A 493 8.99 -0.33 -49.24
C GLN A 493 8.07 0.27 -50.31
N ALA A 494 7.62 -0.59 -51.22
CA ALA A 494 6.73 -0.16 -52.29
C ALA A 494 5.48 0.41 -51.64
N LEU A 495 4.93 -0.35 -50.70
CA LEU A 495 3.74 0.05 -49.96
C LEU A 495 3.95 1.37 -49.23
N LEU A 496 5.12 1.50 -48.64
CA LEU A 496 5.47 2.73 -47.92
C LEU A 496 5.49 3.87 -48.91
N ASP A 497 6.19 3.65 -50.03
CA ASP A 497 6.28 4.63 -51.08
C ASP A 497 4.89 5.10 -51.45
N LYS A 498 3.95 4.14 -51.50
CA LYS A 498 2.58 4.45 -51.82
C LYS A 498 2.02 5.31 -50.69
N TYR A 499 1.63 4.67 -49.60
CA TYR A 499 1.08 5.39 -48.46
C TYR A 499 1.55 6.83 -48.38
N ASN A 500 2.85 7.04 -48.33
CA ASN A 500 3.40 8.39 -48.27
C ASN A 500 3.05 9.15 -49.58
N GLU A 501 1.76 9.23 -49.86
CA GLU A 501 1.23 9.88 -51.04
C GLU A 501 1.84 9.37 -52.35
N ASN B 3 20.80 24.76 32.41
CA ASN B 3 19.76 25.10 31.39
C ASN B 3 19.53 23.95 30.39
N ARG B 4 18.76 22.67 30.92
CA ARG B 4 18.90 21.25 30.57
C ARG B 4 19.98 21.03 29.52
N ASP B 5 19.90 19.92 28.79
CA ASP B 5 20.87 19.60 27.73
C ASP B 5 20.39 20.16 26.36
N PRO B 6 21.29 20.19 25.36
CA PRO B 6 20.91 20.71 24.04
C PRO B 6 19.66 20.02 23.54
N ALA B 7 19.61 18.71 23.74
CA ALA B 7 18.47 17.90 23.31
C ALA B 7 17.15 18.39 23.94
N SER B 8 17.08 18.36 25.26
CA SER B 8 15.84 18.78 25.94
C SER B 8 15.37 20.18 25.51
N ASP B 9 16.33 21.03 25.12
CA ASP B 9 16.03 22.39 24.69
C ASP B 9 15.70 22.48 23.21
N GLN B 10 15.32 21.35 22.61
CA GLN B 10 14.99 21.28 21.20
C GLN B 10 14.04 22.40 20.75
N MET B 11 12.85 22.45 21.36
CA MET B 11 11.88 23.49 21.01
C MET B 11 12.42 24.83 21.46
N LYS B 12 12.98 24.83 22.67
CA LYS B 12 13.56 26.02 23.28
C LYS B 12 14.32 26.82 22.23
N HIS B 13 15.33 26.19 21.66
CA HIS B 13 16.19 26.81 20.64
C HIS B 13 15.39 27.17 19.38
N TRP B 14 14.34 26.40 19.12
CA TRP B 14 13.52 26.63 17.94
C TRP B 14 12.77 27.95 18.09
N LYS B 15 12.02 28.11 19.18
CA LYS B 15 11.28 29.34 19.41
C LYS B 15 12.23 30.53 19.35
N GLU B 16 13.43 30.39 19.92
CA GLU B 16 14.39 31.47 19.90
C GLU B 16 14.76 31.82 18.45
N GLN B 17 15.67 31.02 17.88
CA GLN B 17 16.12 31.25 16.50
C GLN B 17 15.01 31.78 15.58
N ARG B 18 13.76 31.40 15.89
CA ARG B 18 12.63 31.86 15.12
C ARG B 18 12.41 33.35 15.39
N ALA B 19 13.52 34.08 15.61
CA ALA B 19 13.48 35.52 15.88
C ALA B 19 12.17 35.95 16.51
N ALA B 20 11.57 37.00 15.95
CA ALA B 20 10.30 37.54 16.46
C ALA B 20 9.31 37.67 15.30
N GLN B 21 9.67 37.06 14.17
CA GLN B 21 8.78 37.09 12.99
C GLN B 21 7.55 36.30 13.41
N LYS B 22 6.38 36.76 12.98
CA LYS B 22 5.15 36.08 13.29
C LYS B 22 5.26 34.62 12.88
N PRO B 23 4.32 33.78 13.32
CA PRO B 23 4.37 32.36 12.95
C PRO B 23 3.59 32.18 11.64
N ASP B 24 3.95 31.14 10.89
CA ASP B 24 3.24 30.87 9.65
C ASP B 24 1.77 30.60 10.00
N VAL B 25 0.87 30.82 9.05
CA VAL B 25 -0.54 30.56 9.32
C VAL B 25 -0.88 29.09 9.25
N LEU B 26 -1.60 28.60 10.23
CA LEU B 26 -2.02 27.21 10.28
C LEU B 26 -2.93 26.99 9.08
N THR B 27 -2.63 25.97 8.28
CA THR B 27 -3.47 25.67 7.13
C THR B 27 -3.79 24.19 7.09
N THR B 28 -4.56 23.81 6.09
CA THR B 28 -4.94 22.42 5.86
C THR B 28 -3.93 21.92 4.85
N GLY B 29 -4.01 20.65 4.51
CA GLY B 29 -3.09 20.10 3.55
C GLY B 29 -3.19 20.87 2.25
N GLY B 30 -4.41 21.31 1.93
CA GLY B 30 -4.63 22.07 0.70
C GLY B 30 -4.05 23.48 0.76
N GLY B 31 -3.93 24.01 1.97
CA GLY B 31 -3.39 25.36 2.12
C GLY B 31 -4.45 26.38 2.54
N ASN B 32 -5.69 25.94 2.71
CA ASN B 32 -6.75 26.84 3.12
C ASN B 32 -6.56 27.12 4.60
N PRO B 33 -6.51 28.40 4.98
CA PRO B 33 -6.33 28.78 6.38
C PRO B 33 -7.49 28.29 7.27
N VAL B 34 -7.13 27.94 8.50
CA VAL B 34 -8.10 27.44 9.47
C VAL B 34 -8.54 28.56 10.44
N GLY B 35 -9.86 28.77 10.53
CA GLY B 35 -10.35 29.80 11.43
C GLY B 35 -10.33 29.39 12.87
N ASP B 36 -10.57 28.10 13.10
CA ASP B 36 -10.61 27.52 14.45
C ASP B 36 -10.41 26.01 14.34
N LYS B 37 -9.25 25.52 14.77
CA LYS B 37 -8.97 24.09 14.70
C LYS B 37 -8.93 23.44 16.10
N LEU B 38 -9.68 24.02 17.02
CA LEU B 38 -9.74 23.52 18.39
C LEU B 38 -11.13 23.02 18.76
N ASN B 39 -12.14 23.52 18.06
CA ASN B 39 -13.53 23.12 18.31
C ASN B 39 -14.19 22.58 17.05
N SER B 40 -14.54 21.31 17.08
CA SER B 40 -15.17 20.63 15.95
C SER B 40 -16.41 21.37 15.44
N LEU B 41 -16.80 21.07 14.21
CA LEU B 41 -17.98 21.70 13.59
C LEU B 41 -19.18 20.88 14.01
N THR B 42 -19.99 21.45 14.90
CA THR B 42 -21.16 20.75 15.39
C THR B 42 -22.44 21.52 15.16
N VAL B 43 -23.55 20.80 15.25
CA VAL B 43 -24.87 21.40 15.07
C VAL B 43 -25.44 21.58 16.49
N GLY B 44 -25.24 22.77 17.04
CA GLY B 44 -25.74 23.02 18.38
C GLY B 44 -24.59 22.85 19.35
N PRO B 45 -24.69 23.37 20.58
CA PRO B 45 -23.61 23.24 21.53
C PRO B 45 -23.49 21.82 22.10
N ARG B 46 -24.42 20.96 21.74
CA ARG B 46 -24.43 19.59 22.20
C ARG B 46 -25.01 18.68 21.12
N GLY B 47 -24.76 19.05 19.86
CA GLY B 47 -25.25 18.28 18.74
C GLY B 47 -24.16 17.47 18.07
N PRO B 48 -24.50 16.64 17.06
CA PRO B 48 -23.52 15.81 16.34
C PRO B 48 -22.56 16.59 15.44
N LEU B 49 -21.56 15.84 14.95
CA LEU B 49 -20.51 16.36 14.08
C LEU B 49 -20.87 16.35 12.60
N LEU B 50 -20.35 17.32 11.86
CA LEU B 50 -20.63 17.43 10.45
C LEU B 50 -19.49 16.95 9.58
N VAL B 51 -19.81 16.12 8.58
CA VAL B 51 -18.78 15.61 7.66
C VAL B 51 -18.21 16.86 7.02
N GLN B 52 -19.01 17.92 7.03
CA GLN B 52 -18.63 19.20 6.46
C GLN B 52 -17.40 19.82 7.13
N ASP B 53 -17.00 19.32 8.29
CA ASP B 53 -15.81 19.90 8.93
C ASP B 53 -14.62 19.18 8.31
N VAL B 54 -14.21 19.68 7.17
CA VAL B 54 -13.10 19.08 6.44
C VAL B 54 -11.80 19.52 7.08
N VAL B 55 -11.89 20.46 8.01
CA VAL B 55 -10.69 20.93 8.72
C VAL B 55 -10.32 19.76 9.60
N PHE B 56 -11.35 19.15 10.19
CA PHE B 56 -11.18 18.00 11.05
C PHE B 56 -10.71 16.81 10.25
N THR B 57 -11.53 16.41 9.27
CA THR B 57 -11.23 15.26 8.44
C THR B 57 -9.81 15.35 7.88
N ASP B 58 -9.44 16.53 7.42
CA ASP B 58 -8.11 16.72 6.85
C ASP B 58 -6.96 16.35 7.78
N GLU B 59 -7.04 16.80 9.01
CA GLU B 59 -5.98 16.51 9.99
C GLU B 59 -6.08 15.12 10.58
N MET B 60 -7.28 14.69 10.89
CA MET B 60 -7.49 13.37 11.47
C MET B 60 -7.03 12.32 10.48
N ALA B 61 -7.42 12.52 9.23
CA ALA B 61 -7.08 11.64 8.13
C ALA B 61 -5.58 11.46 8.08
N HIS B 62 -4.84 12.56 8.13
CA HIS B 62 -3.41 12.44 8.08
C HIS B 62 -2.90 11.73 9.31
N PHE B 63 -3.53 12.02 10.45
CA PHE B 63 -3.14 11.39 11.68
C PHE B 63 -3.18 9.87 11.60
N ASP B 64 -4.29 9.33 11.12
CA ASP B 64 -4.46 7.88 11.01
C ASP B 64 -3.48 7.20 10.06
N ARG B 65 -2.60 7.97 9.45
CA ARG B 65 -1.66 7.35 8.49
C ARG B 65 -0.19 7.69 8.65
N GLU B 66 0.19 8.23 9.80
CA GLU B 66 1.60 8.60 10.04
C GLU B 66 2.53 7.39 10.11
N ARG B 67 2.10 6.38 10.85
CA ARG B 67 2.90 5.16 11.05
C ARG B 67 3.08 4.32 9.79
N ILE B 68 4.31 3.87 9.59
CA ILE B 68 4.62 3.02 8.44
C ILE B 68 5.29 1.78 9.05
N PRO B 69 5.33 0.64 8.33
CA PRO B 69 5.98 -0.51 8.95
C PRO B 69 7.42 -0.26 9.34
N GLU B 70 7.78 -0.67 10.55
CA GLU B 70 9.13 -0.50 11.03
C GLU B 70 10.04 -1.48 10.30
N ARG B 71 11.36 -1.32 10.47
CA ARG B 71 12.30 -2.23 9.83
C ARG B 71 12.10 -3.66 10.37
N VAL B 72 12.12 -4.65 9.48
CA VAL B 72 11.94 -6.04 9.88
C VAL B 72 12.92 -6.32 11.03
N VAL B 73 14.14 -5.83 10.85
CA VAL B 73 15.21 -5.95 11.85
C VAL B 73 15.85 -4.55 11.96
N HIS B 74 16.54 -4.28 13.05
CA HIS B 74 17.19 -2.97 13.28
C HIS B 74 16.20 -1.84 13.36
N ALA B 75 15.04 -2.10 13.94
CA ALA B 75 14.00 -1.08 14.05
C ALA B 75 14.40 0.14 14.89
N LYS B 76 15.16 -0.09 15.97
CA LYS B 76 15.56 0.99 16.86
C LYS B 76 16.95 1.56 16.61
N GLY B 77 17.00 2.82 16.23
CA GLY B 77 18.28 3.45 15.97
C GLY B 77 18.32 4.96 15.89
N ALA B 78 19.53 5.48 15.64
CA ALA B 78 19.73 6.90 15.53
C ALA B 78 20.49 7.22 14.27
N GLY B 79 20.35 8.45 13.80
CA GLY B 79 21.01 8.86 12.61
C GLY B 79 21.56 10.27 12.69
N ALA B 80 22.58 10.51 11.88
CA ALA B 80 23.21 11.80 11.82
C ALA B 80 23.94 11.90 10.52
N PHE B 81 24.20 13.13 10.10
CA PHE B 81 24.88 13.37 8.85
C PHE B 81 26.21 14.04 9.06
N GLY B 82 27.05 13.93 8.04
CA GLY B 82 28.36 14.52 8.11
C GLY B 82 29.05 14.32 6.77
N TYR B 83 30.25 13.75 6.80
CA TYR B 83 30.99 13.51 5.59
C TYR B 83 32.16 12.57 5.76
N PHE B 84 32.76 12.27 4.63
CA PHE B 84 33.94 11.41 4.58
C PHE B 84 35.01 12.25 3.87
N GLU B 85 36.28 11.92 4.12
CA GLU B 85 37.39 12.64 3.51
C GLU B 85 38.56 11.71 3.35
N VAL B 86 39.24 11.81 2.20
CA VAL B 86 40.40 10.94 1.95
C VAL B 86 41.65 11.45 2.65
N THR B 87 42.42 10.50 3.17
CA THR B 87 43.68 10.82 3.87
C THR B 87 44.78 9.94 3.31
N HIS B 88 44.41 8.98 2.48
CA HIS B 88 45.35 8.08 1.84
C HIS B 88 44.95 7.80 0.40
N ASP B 89 45.88 7.30 -0.40
CA ASP B 89 45.58 7.02 -1.79
C ASP B 89 45.56 5.53 -2.05
N ILE B 90 44.38 5.02 -2.30
CA ILE B 90 44.23 3.59 -2.58
C ILE B 90 43.73 3.36 -4.01
N THR B 91 43.85 4.41 -4.82
CA THR B 91 43.43 4.35 -6.21
C THR B 91 44.08 3.19 -6.95
N ARG B 92 45.23 2.79 -6.46
CA ARG B 92 45.95 1.67 -7.05
C ARG B 92 45.20 0.42 -6.65
N TYR B 93 44.17 0.61 -5.85
CA TYR B 93 43.34 -0.49 -5.33
C TYR B 93 41.89 -0.46 -5.85
N SER B 94 41.29 0.73 -5.89
CA SER B 94 39.93 0.89 -6.37
C SER B 94 39.78 2.25 -7.09
N LYS B 95 39.25 2.23 -8.29
CA LYS B 95 39.05 3.44 -9.07
C LYS B 95 37.79 4.20 -8.70
N ALA B 96 37.29 3.97 -7.50
CA ALA B 96 36.07 4.63 -7.03
C ALA B 96 36.21 6.16 -7.01
N LYS B 97 35.16 6.85 -7.36
CA LYS B 97 35.16 8.30 -7.38
C LYS B 97 35.24 8.93 -6.00
N VAL B 98 34.80 8.23 -5.00
CA VAL B 98 34.83 8.76 -3.63
C VAL B 98 36.26 8.78 -3.10
N PHE B 99 37.11 7.91 -3.67
CA PHE B 99 38.50 7.80 -3.28
C PHE B 99 39.40 8.68 -4.19
N GLU B 100 38.76 9.44 -5.07
CA GLU B 100 39.41 10.33 -6.04
C GLU B 100 40.87 10.62 -5.68
N HIS B 101 41.06 11.69 -4.90
CA HIS B 101 42.37 12.13 -4.45
C HIS B 101 42.25 12.52 -2.99
N ILE B 102 43.38 12.84 -2.36
CA ILE B 102 43.33 13.22 -0.95
C ILE B 102 42.62 14.56 -0.77
N GLY B 103 41.96 14.71 0.36
CA GLY B 103 41.21 15.93 0.62
C GLY B 103 39.86 15.86 -0.06
N LYS B 104 39.62 14.74 -0.76
CA LYS B 104 38.36 14.50 -1.49
C LYS B 104 37.21 14.16 -0.55
N ARG B 105 36.36 15.12 -0.25
CA ARG B 105 35.23 14.91 0.63
C ARG B 105 33.99 14.34 -0.06
N THR B 106 33.08 13.79 0.74
CA THR B 106 31.81 13.22 0.29
C THR B 106 30.83 13.27 1.47
N PRO B 107 29.64 13.89 1.29
CA PRO B 107 28.70 13.93 2.41
C PRO B 107 28.16 12.55 2.74
N ILE B 108 27.95 12.27 4.01
CA ILE B 108 27.44 10.96 4.37
C ILE B 108 26.20 11.04 5.26
N ALA B 109 25.62 9.88 5.51
CA ALA B 109 24.45 9.74 6.36
C ALA B 109 24.75 8.46 7.11
N VAL B 110 24.33 8.37 8.35
CA VAL B 110 24.60 7.18 9.13
C VAL B 110 23.43 6.85 10.05
N ARG B 111 23.23 5.56 10.31
CA ARG B 111 22.19 5.13 11.20
C ARG B 111 22.65 3.94 12.03
N PHE B 112 22.81 4.19 13.31
CA PHE B 112 23.21 3.20 14.28
C PHE B 112 21.90 2.56 14.71
N SER B 113 21.97 1.38 15.29
CA SER B 113 20.76 0.69 15.69
C SER B 113 21.12 -0.66 16.30
N THR B 114 20.10 -1.35 16.82
CA THR B 114 20.30 -2.68 17.36
C THR B 114 19.75 -3.62 16.29
N VAL B 115 19.14 -4.71 16.74
CA VAL B 115 18.61 -5.67 15.80
C VAL B 115 17.20 -6.11 16.15
N ALA B 116 17.09 -7.08 17.04
CA ALA B 116 15.82 -7.67 17.48
C ALA B 116 14.77 -6.71 18.06
N GLY B 117 15.19 -5.72 18.82
CA GLY B 117 14.25 -4.81 19.42
C GLY B 117 13.42 -3.96 18.48
N GLU B 118 12.11 -3.82 18.77
CA GLU B 118 11.19 -3.05 17.97
C GLU B 118 11.43 -1.57 18.16
N SER B 119 10.49 -0.75 17.69
CA SER B 119 10.62 0.70 17.79
C SER B 119 10.58 1.21 19.22
N GLY B 120 9.81 0.55 20.09
CA GLY B 120 9.73 0.99 21.46
C GLY B 120 10.86 0.53 22.35
N SER B 121 11.64 -0.42 21.86
CA SER B 121 12.78 -0.99 22.60
C SER B 121 13.79 0.06 23.07
N ALA B 122 14.70 -0.36 23.94
CA ALA B 122 15.73 0.51 24.48
C ALA B 122 17.12 0.14 23.96
N ASP B 123 18.01 1.14 23.85
CA ASP B 123 19.36 0.95 23.34
C ASP B 123 20.21 0.02 24.18
N THR B 124 20.51 0.46 25.37
CA THR B 124 21.36 -0.23 26.36
C THR B 124 21.16 -1.72 26.62
N VAL B 125 21.33 -2.56 25.60
CA VAL B 125 21.14 -4.00 25.80
C VAL B 125 21.94 -4.88 24.84
N ARG B 126 22.24 -6.12 25.26
CA ARG B 126 23.02 -7.03 24.44
C ARG B 126 22.42 -7.28 23.08
N ASP B 127 23.15 -6.87 22.06
CA ASP B 127 22.72 -7.04 20.68
C ASP B 127 23.79 -6.43 19.79
N PRO B 128 23.97 -6.98 18.59
CA PRO B 128 25.01 -6.38 17.74
C PRO B 128 24.47 -5.01 17.36
N ARG B 129 25.33 -4.12 16.91
CA ARG B 129 24.87 -2.77 16.53
C ARG B 129 24.95 -2.47 15.04
N GLY B 130 24.04 -1.63 14.55
CA GLY B 130 24.03 -1.27 13.16
C GLY B 130 24.76 0.03 12.88
N PHE B 131 25.71 -0.02 11.96
CA PHE B 131 26.49 1.15 11.59
C PHE B 131 26.44 1.24 10.06
N ALA B 132 25.48 2.02 9.56
CA ALA B 132 25.32 2.16 8.13
C ALA B 132 25.72 3.53 7.61
N VAL B 133 26.51 3.51 6.54
CA VAL B 133 26.98 4.75 5.93
C VAL B 133 26.55 4.88 4.48
N LYS B 134 25.98 6.04 4.17
CA LYS B 134 25.52 6.35 2.83
C LYS B 134 26.46 7.39 2.27
N PHE B 135 27.19 7.03 1.21
CA PHE B 135 28.11 7.95 0.58
C PHE B 135 27.49 8.53 -0.68
N TYR B 136 26.98 9.75 -0.56
CA TYR B 136 26.39 10.42 -1.71
C TYR B 136 27.51 10.80 -2.68
N THR B 137 27.97 9.83 -3.46
CA THR B 137 29.05 10.08 -4.42
C THR B 137 28.58 10.58 -5.78
N GLU B 138 29.55 10.85 -6.65
CA GLU B 138 29.30 11.35 -8.00
C GLU B 138 28.82 10.23 -8.93
N ASP B 139 29.11 8.99 -8.57
CA ASP B 139 28.70 7.83 -9.35
C ASP B 139 27.52 7.18 -8.67
N GLY B 140 26.73 7.97 -7.97
CA GLY B 140 25.59 7.42 -7.26
C GLY B 140 25.94 7.21 -5.81
N ASN B 141 24.97 6.93 -4.96
CA ASN B 141 25.24 6.71 -3.55
C ASN B 141 25.87 5.37 -3.30
N TRP B 142 26.74 5.32 -2.30
CA TRP B 142 27.41 4.09 -1.92
C TRP B 142 26.99 3.76 -0.51
N ASP B 143 26.45 2.57 -0.34
CA ASP B 143 26.00 2.15 0.98
C ASP B 143 26.85 1.04 1.55
N LEU B 144 27.54 1.37 2.63
CA LEU B 144 28.39 0.40 3.32
C LEU B 144 27.55 0.13 4.57
N VAL B 145 26.72 -0.90 4.48
CA VAL B 145 25.87 -1.27 5.59
C VAL B 145 26.67 -2.27 6.43
N GLY B 146 27.12 -1.80 7.57
CA GLY B 146 27.92 -2.64 8.43
C GLY B 146 27.57 -2.65 9.91
N ASN B 147 27.98 -3.72 10.54
CA ASN B 147 27.75 -3.98 11.97
C ASN B 147 28.95 -3.56 12.81
N ASN B 148 28.80 -3.66 14.13
CA ASN B 148 29.88 -3.32 15.06
C ASN B 148 30.83 -4.51 15.20
N THR B 149 30.68 -5.51 14.33
CA THR B 149 31.52 -6.68 14.38
C THR B 149 31.87 -7.09 12.94
N PRO B 150 33.01 -7.75 12.75
CA PRO B 150 33.47 -8.19 11.43
C PRO B 150 32.87 -9.52 11.03
N ILE B 151 32.06 -10.10 11.90
CA ILE B 151 31.45 -11.38 11.64
C ILE B 151 29.97 -11.39 12.00
N PHE B 152 29.29 -12.48 11.57
CA PHE B 152 27.87 -12.64 11.83
C PHE B 152 27.66 -14.08 12.29
N PHE B 153 26.47 -14.37 12.81
CA PHE B 153 26.15 -15.71 13.31
C PHE B 153 26.02 -16.79 12.23
N ILE B 154 25.40 -16.47 11.11
CA ILE B 154 25.20 -17.43 10.04
C ILE B 154 25.89 -17.09 8.73
N ARG B 155 26.15 -18.09 7.88
CA ARG B 155 26.81 -17.82 6.59
C ARG B 155 26.04 -18.18 5.33
N ASP B 156 24.72 -18.31 5.42
CA ASP B 156 23.89 -18.60 4.25
C ASP B 156 22.56 -17.86 4.45
N ALA B 157 22.27 -16.91 3.56
CA ALA B 157 21.07 -16.10 3.66
C ALA B 157 19.80 -16.89 3.96
N LEU B 158 19.78 -18.17 3.60
CA LEU B 158 18.62 -19.02 3.80
C LEU B 158 18.27 -19.25 5.28
N LEU B 159 19.17 -18.93 6.21
CA LEU B 159 18.90 -19.12 7.61
C LEU B 159 18.67 -17.85 8.36
N PHE B 160 18.81 -16.72 7.68
CA PHE B 160 18.61 -15.44 8.35
C PHE B 160 17.17 -15.20 8.76
N PRO B 161 16.20 -15.48 7.88
CA PRO B 161 14.82 -15.28 8.25
C PRO B 161 14.49 -16.08 9.49
N SER B 162 14.95 -17.34 9.50
CA SER B 162 14.74 -18.21 10.64
C SER B 162 15.44 -17.62 11.87
N PHE B 163 16.68 -17.28 11.71
CA PHE B 163 17.46 -16.70 12.79
C PHE B 163 16.76 -15.53 13.42
N ILE B 164 16.51 -14.48 12.65
CA ILE B 164 15.84 -13.30 13.16
C ILE B 164 14.57 -13.69 13.89
N HIS B 165 13.85 -14.65 13.34
CA HIS B 165 12.65 -15.11 13.99
C HIS B 165 13.07 -15.66 15.34
N SER B 166 14.19 -16.40 15.35
CA SER B 166 14.68 -17.00 16.57
C SER B 166 14.97 -15.97 17.66
N GLN B 167 15.56 -14.84 17.29
CA GLN B 167 15.88 -13.80 18.26
C GLN B 167 14.69 -12.91 18.60
N LYS B 168 13.63 -13.00 17.83
CA LYS B 168 12.46 -12.17 18.06
C LYS B 168 11.44 -12.87 18.95
N ARG B 169 10.16 -12.58 18.75
CA ARG B 169 9.10 -13.14 19.59
C ARG B 169 8.48 -14.46 19.19
N ASN B 170 7.85 -15.08 20.17
CA ASN B 170 7.17 -16.36 19.99
C ASN B 170 5.94 -16.10 19.16
N PRO B 171 5.72 -16.92 18.11
CA PRO B 171 4.55 -16.73 17.24
C PRO B 171 3.22 -16.68 18.00
N GLN B 172 3.17 -17.38 19.15
CA GLN B 172 1.96 -17.40 19.96
C GLN B 172 1.97 -16.46 21.14
N THR B 173 2.90 -16.63 22.05
CA THR B 173 2.94 -15.79 23.25
C THR B 173 3.39 -14.35 23.02
N HIS B 174 4.07 -14.08 21.92
CA HIS B 174 4.58 -12.74 21.64
C HIS B 174 5.57 -12.28 22.70
N LEU B 175 6.24 -13.25 23.33
CA LEU B 175 7.23 -12.95 24.36
C LEU B 175 8.56 -13.45 23.85
N LYS B 176 9.64 -12.92 24.40
CA LYS B 176 10.98 -13.39 23.97
C LYS B 176 11.03 -14.89 24.37
N ASP B 177 11.92 -15.65 23.78
CA ASP B 177 11.95 -17.06 24.08
C ASP B 177 13.33 -17.67 23.99
N PRO B 178 13.91 -18.07 25.13
CA PRO B 178 15.24 -18.69 25.17
C PRO B 178 15.30 -19.95 24.36
N ASP B 179 14.29 -20.79 24.51
CA ASP B 179 14.24 -22.04 23.76
C ASP B 179 14.49 -21.75 22.30
N MET B 180 13.77 -20.77 21.75
CA MET B 180 13.92 -20.41 20.35
C MET B 180 15.34 -19.96 20.07
N VAL B 181 15.77 -18.93 20.81
CA VAL B 181 17.10 -18.37 20.68
C VAL B 181 18.19 -19.44 20.61
N TRP B 182 18.30 -20.21 21.68
CA TRP B 182 19.29 -21.27 21.81
C TRP B 182 19.02 -22.56 21.08
N ASP B 183 17.79 -22.81 20.63
CA ASP B 183 17.57 -24.05 19.89
C ASP B 183 18.16 -23.84 18.51
N PHE B 184 18.17 -22.60 18.09
CA PHE B 184 18.70 -22.26 16.77
C PHE B 184 20.22 -22.22 16.80
N TRP B 185 20.76 -21.53 17.80
CA TRP B 185 22.20 -21.41 17.96
C TRP B 185 22.85 -22.77 18.18
N SER B 186 22.16 -23.60 18.97
CA SER B 186 22.64 -24.93 19.28
C SER B 186 22.69 -25.85 18.07
N LEU B 187 21.69 -25.73 17.18
CA LEU B 187 21.66 -26.56 15.99
C LEU B 187 22.59 -26.05 14.89
N ARG B 188 23.10 -24.83 15.08
CA ARG B 188 23.98 -24.23 14.09
C ARG B 188 25.21 -23.59 14.75
N PRO B 189 26.23 -24.43 15.05
CA PRO B 189 27.46 -23.99 15.67
C PRO B 189 28.22 -22.91 14.89
N GLU B 190 27.85 -22.69 13.64
CA GLU B 190 28.55 -21.68 12.85
C GLU B 190 28.47 -20.31 13.53
N SER B 191 27.49 -20.16 14.42
CA SER B 191 27.28 -18.91 15.15
C SER B 191 28.27 -18.76 16.31
N LEU B 192 28.90 -19.86 16.67
CA LEU B 192 29.86 -19.90 17.77
C LEU B 192 30.73 -18.66 17.83
N HIS B 193 31.35 -18.33 16.70
CA HIS B 193 32.21 -17.16 16.62
C HIS B 193 31.50 -15.87 17.06
N GLN B 194 30.44 -15.49 16.36
CA GLN B 194 29.72 -14.28 16.72
C GLN B 194 28.99 -14.34 18.05
N VAL B 195 28.54 -15.53 18.46
CA VAL B 195 27.87 -15.63 19.75
C VAL B 195 28.87 -15.11 20.78
N SER B 196 30.09 -15.65 20.73
CA SER B 196 31.15 -15.25 21.62
C SER B 196 31.42 -13.76 21.62
N PHE B 197 31.17 -13.10 20.49
CA PHE B 197 31.40 -11.67 20.39
C PHE B 197 30.27 -10.91 21.03
N LEU B 198 29.08 -11.46 20.92
CA LEU B 198 27.88 -10.82 21.47
C LEU B 198 27.91 -10.87 22.99
N PHE B 199 28.21 -12.04 23.52
CA PHE B 199 28.26 -12.21 24.97
C PHE B 199 29.58 -11.81 25.60
N SER B 200 30.40 -11.13 24.81
CA SER B 200 31.68 -10.65 25.31
C SER B 200 31.39 -9.22 25.77
N ASP B 201 32.43 -8.52 26.22
CA ASP B 201 32.25 -7.13 26.68
C ASP B 201 31.57 -6.28 25.61
N ARG B 202 31.93 -6.51 24.36
CA ARG B 202 31.38 -5.76 23.26
C ARG B 202 29.84 -5.83 23.22
N GLY B 203 29.28 -6.90 23.78
CA GLY B 203 27.83 -7.07 23.80
C GLY B 203 26.98 -5.81 23.88
N ILE B 204 27.41 -4.85 24.69
CA ILE B 204 26.64 -3.60 24.84
C ILE B 204 27.56 -2.40 24.80
N PRO B 205 27.67 -1.74 23.64
CA PRO B 205 28.53 -0.54 23.57
C PRO B 205 27.95 0.63 24.35
N ASP B 206 28.81 1.49 24.85
CA ASP B 206 28.37 2.68 25.58
C ASP B 206 28.14 3.76 24.54
N GLY B 207 26.88 3.91 24.12
CA GLY B 207 26.56 4.89 23.11
C GLY B 207 26.99 4.33 21.77
N HIS B 208 26.74 5.06 20.69
CA HIS B 208 27.13 4.57 19.38
C HIS B 208 28.56 5.02 19.07
N ARG B 209 28.92 6.20 19.60
CA ARG B 209 30.23 6.81 19.38
C ARG B 209 31.44 6.02 19.84
N HIS B 210 31.29 5.15 20.84
CA HIS B 210 32.42 4.38 21.31
C HIS B 210 32.45 2.93 20.82
N MET B 211 32.15 2.74 19.54
CA MET B 211 32.15 1.42 18.92
C MET B 211 32.78 1.46 17.53
N ASP B 212 33.30 0.32 17.08
CA ASP B 212 33.93 0.22 15.76
C ASP B 212 32.94 -0.20 14.66
N GLY B 213 33.18 0.29 13.45
CA GLY B 213 32.32 -0.05 12.32
C GLY B 213 32.97 -1.12 11.44
N TYR B 214 32.15 -2.00 10.90
CA TYR B 214 32.66 -3.07 10.05
C TYR B 214 31.73 -3.35 8.88
N GLY B 215 32.28 -3.45 7.67
CA GLY B 215 31.46 -3.76 6.52
C GLY B 215 31.15 -5.24 6.62
N SER B 216 31.92 -5.92 7.50
CA SER B 216 31.78 -7.35 7.75
C SER B 216 32.17 -8.23 6.56
N HIS B 217 31.34 -8.20 5.51
CA HIS B 217 31.55 -8.99 4.30
C HIS B 217 32.87 -8.71 3.58
N THR B 218 33.22 -9.61 2.65
CA THR B 218 34.40 -9.48 1.83
C THR B 218 33.92 -8.81 0.55
N PHE B 219 34.57 -7.72 0.15
CA PHE B 219 34.13 -7.04 -1.07
C PHE B 219 35.16 -7.09 -2.16
N LYS B 220 34.91 -6.34 -3.24
CA LYS B 220 35.82 -6.34 -4.37
C LYS B 220 36.16 -4.93 -4.81
N LEU B 221 37.45 -4.70 -5.04
CA LEU B 221 37.90 -3.40 -5.50
C LEU B 221 38.42 -3.59 -6.92
N VAL B 222 38.32 -2.52 -7.71
CA VAL B 222 38.79 -2.56 -9.08
C VAL B 222 39.29 -1.17 -9.42
N ASN B 223 40.54 -1.09 -9.86
CA ASN B 223 41.15 0.19 -10.22
C ASN B 223 40.76 0.57 -11.63
N ALA B 224 41.14 1.77 -12.02
CA ALA B 224 40.84 2.27 -13.37
C ALA B 224 41.64 1.48 -14.40
N ASP B 225 42.30 0.42 -13.98
CA ASP B 225 43.08 -0.42 -14.86
C ASP B 225 42.51 -1.81 -14.99
N GLY B 226 41.34 -2.04 -14.38
CA GLY B 226 40.71 -3.34 -14.49
C GLY B 226 41.25 -4.42 -13.59
N GLU B 227 42.12 -4.06 -12.64
CA GLU B 227 42.66 -5.08 -11.73
C GLU B 227 41.75 -5.07 -10.51
N ALA B 228 41.35 -6.24 -10.08
CA ALA B 228 40.47 -6.36 -8.93
C ALA B 228 41.14 -7.10 -7.80
N VAL B 229 40.75 -6.74 -6.58
CA VAL B 229 41.33 -7.38 -5.42
C VAL B 229 40.27 -7.39 -4.32
N TYR B 230 40.26 -8.44 -3.50
CA TYR B 230 39.28 -8.55 -2.43
C TYR B 230 39.68 -7.65 -1.26
N CYS B 231 38.69 -7.06 -0.60
CA CYS B 231 38.97 -6.20 0.54
C CYS B 231 37.97 -6.39 1.70
N LYS B 232 38.24 -5.68 2.80
CA LYS B 232 37.42 -5.72 4.01
C LYS B 232 37.51 -4.32 4.59
N PHE B 233 36.38 -3.69 4.84
CA PHE B 233 36.38 -2.34 5.40
C PHE B 233 36.34 -2.34 6.92
N HIS B 234 37.03 -1.38 7.52
CA HIS B 234 37.08 -1.22 8.98
C HIS B 234 37.11 0.27 9.31
N TYR B 235 36.08 0.77 9.99
CA TYR B 235 36.05 2.17 10.42
C TYR B 235 36.03 2.24 11.94
N LYS B 236 37.23 2.33 12.53
CA LYS B 236 37.40 2.38 13.97
C LYS B 236 37.10 3.74 14.56
N THR B 237 36.50 3.73 15.75
CA THR B 237 36.13 4.95 16.46
C THR B 237 37.35 5.73 16.93
N ASP B 238 37.18 7.05 16.93
CA ASP B 238 38.23 7.93 17.38
C ASP B 238 37.90 8.44 18.78
N GLN B 239 36.84 7.89 19.38
CA GLN B 239 36.43 8.28 20.72
C GLN B 239 36.78 7.11 21.65
N GLY B 240 37.57 6.17 21.15
CA GLY B 240 37.97 5.00 21.92
C GLY B 240 36.81 4.08 22.20
N ILE B 241 37.08 2.78 22.31
CA ILE B 241 36.05 1.80 22.61
C ILE B 241 35.63 1.89 24.08
N LYS B 242 34.33 1.84 24.35
CA LYS B 242 33.80 1.91 25.72
C LYS B 242 32.49 1.12 25.82
N ASN B 243 32.51 0.07 26.62
CA ASN B 243 31.31 -0.77 26.80
C ASN B 243 30.57 -0.44 28.10
N LEU B 244 29.42 -1.05 28.28
CA LEU B 244 28.59 -0.81 29.47
C LEU B 244 28.36 -2.09 30.27
N SER B 245 28.58 -1.99 31.58
CA SER B 245 28.40 -3.14 32.48
C SER B 245 26.98 -3.69 32.35
N VAL B 246 26.87 -5.01 32.46
CA VAL B 246 25.57 -5.67 32.39
C VAL B 246 24.61 -4.88 33.27
N GLU B 247 25.17 -4.39 34.38
CA GLU B 247 24.46 -3.61 35.37
C GLU B 247 23.96 -2.28 34.81
N ASP B 248 24.88 -1.38 34.51
CA ASP B 248 24.52 -0.08 33.97
C ASP B 248 23.56 -0.21 32.82
N ALA B 249 23.94 -1.05 31.85
CA ALA B 249 23.12 -1.29 30.67
C ALA B 249 21.66 -1.49 31.07
N ALA B 250 21.42 -2.39 32.03
CA ALA B 250 20.08 -2.68 32.48
C ALA B 250 19.47 -1.49 33.22
N ARG B 251 20.31 -0.70 33.87
CA ARG B 251 19.84 0.47 34.58
C ARG B 251 19.38 1.48 33.56
N LEU B 252 20.29 1.81 32.65
CA LEU B 252 19.99 2.75 31.58
C LEU B 252 18.82 2.23 30.78
N ALA B 253 18.82 0.94 30.53
CA ALA B 253 17.76 0.29 29.79
C ALA B 253 16.41 0.92 30.10
N HIS B 254 16.01 0.90 31.39
CA HIS B 254 14.71 1.47 31.79
C HIS B 254 14.76 2.94 32.24
N GLU B 255 15.91 3.40 32.73
CA GLU B 255 16.06 4.78 33.18
C GLU B 255 15.98 5.71 31.97
N ASP B 256 16.74 5.38 30.92
CA ASP B 256 16.74 6.16 29.68
C ASP B 256 16.88 5.18 28.52
N PRO B 257 15.74 4.60 28.11
CA PRO B 257 15.70 3.62 27.01
C PRO B 257 16.37 4.16 25.74
N ASP B 258 16.29 5.47 25.53
CA ASP B 258 16.87 6.12 24.37
C ASP B 258 18.26 6.71 24.71
N TYR B 259 18.95 6.09 25.64
CA TYR B 259 20.29 6.53 26.05
C TYR B 259 21.20 6.75 24.85
N GLY B 260 21.48 5.69 24.12
CA GLY B 260 22.34 5.79 22.97
C GLY B 260 21.87 6.83 21.97
N LEU B 261 20.58 7.10 21.97
CA LEU B 261 20.01 8.06 21.06
C LEU B 261 20.48 9.50 21.31
N ARG B 262 20.18 10.02 22.49
CA ARG B 262 20.57 11.41 22.80
C ARG B 262 22.07 11.59 23.00
N ASP B 263 22.80 10.54 23.40
CA ASP B 263 24.24 10.67 23.58
C ASP B 263 24.84 11.21 22.29
N LEU B 264 24.31 10.71 21.19
CA LEU B 264 24.74 11.11 19.87
C LEU B 264 24.30 12.54 19.61
N PHE B 265 23.02 12.81 19.79
CA PHE B 265 22.53 14.18 19.55
C PHE B 265 23.32 15.23 20.32
N ASN B 266 23.30 15.13 21.64
CA ASN B 266 24.01 16.09 22.45
C ASN B 266 25.47 16.20 22.02
N ALA B 267 26.12 15.08 21.78
CA ALA B 267 27.50 15.08 21.33
C ALA B 267 27.64 16.09 20.19
N ILE B 268 26.97 15.83 19.09
CA ILE B 268 26.99 16.71 17.92
C ILE B 268 26.51 18.13 18.21
N ALA B 269 25.60 18.28 19.17
CA ALA B 269 25.08 19.60 19.52
C ALA B 269 26.15 20.38 20.27
N THR B 270 26.72 19.74 21.30
CA THR B 270 27.75 20.38 22.11
C THR B 270 29.04 20.49 21.30
N GLY B 271 28.90 20.49 19.98
CA GLY B 271 30.03 20.61 19.08
C GLY B 271 31.10 19.52 19.12
N ASN B 272 30.87 18.47 19.91
CA ASN B 272 31.86 17.39 20.04
C ASN B 272 31.60 16.25 19.03
N TYR B 273 31.64 16.59 17.75
CA TYR B 273 31.37 15.65 16.66
C TYR B 273 32.15 14.32 16.69
N PRO B 274 31.47 13.20 16.44
CA PRO B 274 32.06 11.85 16.44
C PRO B 274 32.90 11.59 15.18
N SER B 275 33.77 10.57 15.22
CA SER B 275 34.60 10.26 14.09
C SER B 275 35.14 8.84 14.11
N TRP B 276 35.34 8.29 12.92
CA TRP B 276 35.86 6.93 12.78
C TRP B 276 36.89 6.93 11.66
N THR B 277 37.92 6.12 11.82
CA THR B 277 38.98 6.02 10.80
C THR B 277 38.78 4.80 9.90
N LEU B 278 38.54 5.06 8.61
CA LEU B 278 38.31 4.01 7.65
C LEU B 278 39.55 3.33 7.10
N TYR B 279 39.61 2.01 7.31
CA TYR B 279 40.71 1.18 6.83
C TYR B 279 40.14 0.13 5.92
N ILE B 280 41.02 -0.66 5.34
CA ILE B 280 40.60 -1.74 4.48
C ILE B 280 41.71 -2.77 4.44
N GLN B 281 41.34 -4.03 4.48
CA GLN B 281 42.32 -5.08 4.41
C GLN B 281 42.40 -5.39 2.92
N VAL B 282 43.33 -6.23 2.52
CA VAL B 282 43.43 -6.54 1.09
C VAL B 282 43.87 -7.97 0.88
N MET B 283 43.25 -8.61 -0.11
CA MET B 283 43.55 -9.99 -0.44
C MET B 283 43.47 -10.18 -1.95
N THR B 284 44.57 -10.61 -2.54
CA THR B 284 44.62 -10.86 -3.97
C THR B 284 43.87 -12.15 -4.25
N PHE B 285 43.53 -12.36 -5.51
CA PHE B 285 42.82 -13.57 -5.89
C PHE B 285 43.74 -14.75 -5.67
N SER B 286 45.03 -14.48 -5.71
CA SER B 286 46.02 -15.51 -5.52
C SER B 286 45.86 -16.00 -4.07
N GLU B 287 46.07 -15.08 -3.14
CA GLU B 287 45.94 -15.40 -1.72
C GLU B 287 44.57 -15.98 -1.37
N ALA B 288 43.52 -15.40 -1.95
CA ALA B 288 42.16 -15.85 -1.68
C ALA B 288 42.01 -17.36 -1.93
N GLU B 289 42.73 -17.85 -2.92
CA GLU B 289 42.70 -19.26 -3.27
C GLU B 289 43.51 -20.04 -2.25
N ILE B 290 44.30 -19.33 -1.45
CA ILE B 290 45.15 -19.96 -0.45
C ILE B 290 44.63 -19.98 0.98
N PHE B 291 43.84 -18.96 1.34
CA PHE B 291 43.28 -18.84 2.69
C PHE B 291 42.91 -20.19 3.29
N PRO B 292 43.30 -20.44 4.54
CA PRO B 292 43.02 -21.70 5.25
C PRO B 292 41.55 -21.96 5.38
N PHE B 293 40.75 -20.97 4.97
CA PHE B 293 39.30 -21.05 5.01
C PHE B 293 38.70 -20.42 3.77
N ASN B 294 37.42 -20.11 3.87
CA ASN B 294 36.68 -19.47 2.81
C ASN B 294 36.81 -17.97 3.07
N PRO B 295 37.47 -17.24 2.17
CA PRO B 295 37.63 -15.78 2.39
C PRO B 295 36.30 -15.06 2.35
N PHE B 296 35.25 -15.79 1.96
CA PHE B 296 33.92 -15.21 1.83
C PHE B 296 32.97 -15.68 2.93
N ASP B 297 33.48 -16.50 3.86
CA ASP B 297 32.71 -17.00 4.99
C ASP B 297 32.49 -15.83 5.97
N LEU B 298 31.23 -15.49 6.22
CA LEU B 298 30.91 -14.37 7.12
C LEU B 298 31.27 -14.65 8.58
N THR B 299 31.44 -15.93 8.90
CA THR B 299 31.79 -16.36 10.24
C THR B 299 33.29 -16.45 10.44
N LYS B 300 34.06 -15.75 9.57
CA LYS B 300 35.52 -15.77 9.65
C LYS B 300 36.08 -14.34 9.60
N VAL B 301 37.38 -14.20 9.86
CA VAL B 301 38.05 -12.91 9.80
C VAL B 301 39.40 -13.04 9.12
N TRP B 302 39.98 -11.92 8.75
CA TRP B 302 41.29 -11.90 8.14
C TRP B 302 42.25 -11.43 9.22
N PRO B 303 43.08 -12.35 9.77
CA PRO B 303 44.00 -11.91 10.82
C PRO B 303 44.75 -10.63 10.38
N HIS B 304 44.73 -9.61 11.24
CA HIS B 304 45.39 -8.34 10.97
C HIS B 304 46.89 -8.53 10.66
N GLY B 305 47.50 -9.57 11.22
CA GLY B 305 48.91 -9.83 11.00
C GLY B 305 49.23 -10.19 9.58
N ASP B 306 48.39 -10.99 8.96
CA ASP B 306 48.60 -11.42 7.58
C ASP B 306 48.00 -10.41 6.59
N TYR B 307 46.96 -9.68 7.02
CA TYR B 307 46.29 -8.71 6.17
C TYR B 307 46.03 -7.42 6.95
N PRO B 308 47.06 -6.58 7.09
CA PRO B 308 47.02 -5.30 7.81
C PRO B 308 46.11 -4.24 7.23
N LEU B 309 45.56 -3.41 8.13
CA LEU B 309 44.66 -2.34 7.75
C LEU B 309 45.36 -1.14 7.13
N ILE B 310 44.88 -0.72 5.97
CA ILE B 310 45.43 0.42 5.26
C ILE B 310 44.50 1.58 5.49
N PRO B 311 45.02 2.68 6.02
CA PRO B 311 44.12 3.81 6.24
C PRO B 311 43.72 4.38 4.90
N VAL B 312 42.52 4.92 4.83
CA VAL B 312 42.02 5.51 3.60
C VAL B 312 41.31 6.83 3.85
N GLY B 313 40.55 6.93 4.94
CA GLY B 313 39.85 8.17 5.20
C GLY B 313 39.23 8.39 6.57
N LYS B 314 38.62 9.55 6.71
CA LYS B 314 37.99 9.99 7.95
C LYS B 314 36.49 10.09 7.81
N LEU B 315 35.75 9.42 8.69
CA LEU B 315 34.29 9.46 8.70
C LEU B 315 33.83 10.40 9.79
N VAL B 316 33.43 11.60 9.41
CA VAL B 316 32.99 12.63 10.35
C VAL B 316 31.50 12.94 10.28
N LEU B 317 30.84 12.99 11.43
CA LEU B 317 29.42 13.34 11.56
C LEU B 317 29.38 14.67 12.32
N ASN B 318 28.71 15.68 11.77
CA ASN B 318 28.67 17.00 12.42
C ASN B 318 27.34 17.74 12.45
N ARG B 319 26.28 17.12 11.93
CA ARG B 319 24.95 17.71 11.93
C ARG B 319 23.96 16.62 12.31
N ASN B 320 23.00 16.97 13.13
CA ASN B 320 21.98 16.03 13.55
C ASN B 320 20.73 16.22 12.71
N PRO B 321 19.91 15.16 12.56
CA PRO B 321 18.67 15.27 11.78
C PRO B 321 17.78 16.40 12.25
N VAL B 322 17.15 17.12 11.32
CA VAL B 322 16.27 18.22 11.68
C VAL B 322 14.87 17.69 12.03
N ASN B 323 14.45 16.69 11.28
CA ASN B 323 13.17 16.01 11.49
C ASN B 323 13.48 14.51 11.47
N TYR B 324 13.49 13.87 12.63
CA TYR B 324 13.84 12.44 12.72
C TYR B 324 13.20 11.54 11.66
N PHE B 325 11.86 11.52 11.60
CA PHE B 325 11.15 10.70 10.65
C PHE B 325 11.73 10.82 9.26
N ALA B 326 11.47 11.96 8.64
CA ALA B 326 11.92 12.25 7.28
C ALA B 326 13.36 11.86 6.98
N GLU B 327 14.28 12.25 7.84
CA GLU B 327 15.71 11.99 7.61
C GLU B 327 16.32 10.72 8.20
N VAL B 328 15.66 10.08 9.16
CA VAL B 328 16.24 8.86 9.74
C VAL B 328 15.34 7.63 9.64
N GLU B 329 14.14 7.73 10.15
CA GLU B 329 13.20 6.60 10.09
C GLU B 329 12.99 6.19 8.62
N GLN B 330 12.95 7.17 7.73
CA GLN B 330 12.75 6.95 6.31
C GLN B 330 13.98 6.56 5.51
N LEU B 331 15.15 6.61 6.13
CA LEU B 331 16.39 6.26 5.42
C LEU B 331 16.34 4.87 4.79
N ALA B 332 17.06 4.68 3.70
CA ALA B 332 17.15 3.40 3.01
C ALA B 332 18.62 3.09 2.66
N PHE B 333 19.14 1.97 3.16
CA PHE B 333 20.52 1.57 2.90
C PHE B 333 20.52 0.29 2.05
N ASP B 334 21.10 0.34 0.85
CA ASP B 334 21.10 -0.81 -0.02
C ASP B 334 22.50 -1.29 -0.40
N PRO B 335 22.95 -2.38 0.23
CA PRO B 335 24.26 -2.96 -0.04
C PRO B 335 24.57 -3.03 -1.55
N SER B 336 23.51 -3.13 -2.35
CA SER B 336 23.64 -3.19 -3.79
C SER B 336 24.06 -1.85 -4.39
N ASN B 337 23.99 -0.79 -3.59
CA ASN B 337 24.41 0.54 -4.01
C ASN B 337 25.92 0.71 -3.98
N MET B 338 26.59 0.25 -5.02
CA MET B 338 28.05 0.36 -5.10
C MET B 338 28.38 0.96 -6.44
N PRO B 339 29.16 2.04 -6.45
CA PRO B 339 29.54 2.68 -7.71
C PRO B 339 30.76 2.01 -8.35
N PRO B 340 31.06 2.37 -9.62
CA PRO B 340 32.19 1.78 -10.36
C PRO B 340 33.52 1.85 -9.56
N GLY B 341 34.01 0.68 -9.15
CA GLY B 341 35.24 0.60 -8.37
C GLY B 341 35.08 -0.35 -7.18
N ILE B 342 33.83 -0.48 -6.74
CA ILE B 342 33.50 -1.34 -5.61
C ILE B 342 32.45 -2.37 -6.03
N GLU B 343 32.70 -3.63 -5.69
CA GLU B 343 31.80 -4.72 -6.06
C GLU B 343 31.72 -5.77 -4.95
N PRO B 344 30.67 -6.61 -4.98
CA PRO B 344 30.52 -7.65 -3.96
C PRO B 344 31.34 -8.87 -4.29
N SER B 345 31.52 -9.72 -3.30
CA SER B 345 32.24 -10.96 -3.46
C SER B 345 31.19 -12.06 -3.49
N PRO B 346 31.61 -13.32 -3.76
CA PRO B 346 30.61 -14.40 -3.80
C PRO B 346 30.10 -14.76 -2.42
N ASP B 347 30.37 -13.89 -1.45
CA ASP B 347 29.94 -14.10 -0.06
C ASP B 347 28.41 -14.31 -0.07
N LYS B 348 28.00 -15.58 0.06
CA LYS B 348 26.61 -15.99 0.04
C LYS B 348 25.61 -15.15 0.82
N MET B 349 26.09 -14.47 1.84
CA MET B 349 25.22 -13.61 2.68
C MET B 349 25.05 -12.30 1.95
N LEU B 350 26.17 -11.74 1.49
CA LEU B 350 26.13 -10.50 0.76
C LEU B 350 25.18 -10.70 -0.42
N GLN B 351 25.41 -11.76 -1.17
CA GLN B 351 24.59 -12.07 -2.34
C GLN B 351 23.13 -11.86 -2.02
N GLY B 352 22.68 -12.49 -0.92
CA GLY B 352 21.29 -12.34 -0.52
C GLY B 352 20.94 -10.90 -0.22
N ARG B 353 21.78 -10.19 0.52
CA ARG B 353 21.50 -8.79 0.84
C ARG B 353 21.38 -7.95 -0.41
N LEU B 354 22.02 -8.41 -1.50
CA LEU B 354 21.94 -7.70 -2.73
C LEU B 354 20.48 -7.58 -3.14
N PHE B 355 19.66 -8.53 -2.70
CA PHE B 355 18.23 -8.58 -3.01
C PHE B 355 17.24 -8.03 -1.99
N ALA B 356 17.41 -8.47 -0.75
CA ALA B 356 16.53 -8.12 0.36
C ALA B 356 16.35 -6.65 0.70
N TYR B 357 17.41 -5.88 0.69
CA TYR B 357 17.27 -4.49 1.04
C TYR B 357 16.40 -3.69 0.07
N PRO B 358 16.73 -3.68 -1.22
CA PRO B 358 15.85 -2.88 -2.09
C PRO B 358 14.41 -3.46 -2.04
N ASP B 359 14.30 -4.77 -1.92
CA ASP B 359 13.00 -5.44 -1.85
C ASP B 359 12.18 -4.83 -0.69
N THR B 360 12.63 -5.07 0.54
CA THR B 360 11.96 -4.56 1.74
C THR B 360 11.71 -3.06 1.69
N HIS B 361 12.63 -2.31 1.11
CA HIS B 361 12.48 -0.87 1.02
C HIS B 361 11.26 -0.51 0.20
N ARG B 362 11.09 -1.21 -0.90
CA ARG B 362 9.93 -0.95 -1.76
C ARG B 362 8.66 -1.19 -0.99
N HIS B 363 8.72 -2.12 -0.03
CA HIS B 363 7.56 -2.43 0.77
C HIS B 363 7.38 -1.51 1.98
N ARG B 364 8.44 -1.29 2.72
CA ARG B 364 8.37 -0.44 3.91
C ARG B 364 8.20 1.01 3.55
N LEU B 365 8.92 1.46 2.56
CA LEU B 365 8.85 2.85 2.13
C LEU B 365 7.97 3.10 0.92
N GLY B 366 8.19 2.36 -0.15
CA GLY B 366 7.40 2.53 -1.36
C GLY B 366 8.27 2.34 -2.59
N PRO B 367 7.66 1.99 -3.72
CA PRO B 367 8.41 1.78 -4.97
C PRO B 367 9.40 2.92 -5.33
N ASN B 368 8.98 4.16 -5.16
CA ASN B 368 9.81 5.32 -5.47
C ASN B 368 10.56 5.90 -4.27
N TYR B 369 10.90 5.05 -3.32
CA TYR B 369 11.59 5.49 -2.11
C TYR B 369 12.94 6.16 -2.36
N LEU B 370 13.69 5.72 -3.39
CA LEU B 370 14.95 6.36 -3.71
C LEU B 370 14.68 7.82 -4.05
N GLN B 371 13.40 8.17 -4.22
CA GLN B 371 13.00 9.53 -4.53
C GLN B 371 12.85 10.35 -3.25
N ILE B 372 12.92 9.70 -2.10
CA ILE B 372 12.80 10.41 -0.83
C ILE B 372 14.08 11.22 -0.67
N PRO B 373 13.98 12.53 -0.39
CA PRO B 373 15.12 13.42 -0.22
C PRO B 373 16.35 12.75 0.38
N VAL B 374 16.17 12.17 1.55
CA VAL B 374 17.26 11.50 2.26
C VAL B 374 17.87 10.38 1.45
N ASN B 375 17.08 9.72 0.64
CA ASN B 375 17.57 8.60 -0.16
C ASN B 375 18.02 8.95 -1.57
N CYS B 376 17.56 10.08 -2.08
CA CYS B 376 17.92 10.51 -3.44
C CYS B 376 19.42 10.79 -3.57
N PRO B 377 20.07 10.25 -4.62
CA PRO B 377 21.51 10.47 -4.83
C PRO B 377 21.76 11.84 -5.47
N TYR B 378 21.58 12.90 -4.68
CA TYR B 378 21.71 14.28 -5.14
C TYR B 378 23.04 14.75 -5.70
N ARG B 379 24.09 13.96 -5.50
CA ARG B 379 25.40 14.34 -6.03
C ARG B 379 25.68 13.54 -7.29
N ALA B 380 24.62 13.05 -7.90
CA ALA B 380 24.67 12.27 -9.13
C ALA B 380 23.50 12.69 -9.99
N ARG B 381 23.56 12.34 -11.27
CA ARG B 381 22.49 12.69 -12.21
C ARG B 381 21.75 11.42 -12.56
N VAL B 382 20.65 11.15 -11.85
CA VAL B 382 19.89 9.95 -12.13
C VAL B 382 19.01 10.11 -13.37
N ALA B 383 19.36 9.36 -14.41
CA ALA B 383 18.64 9.42 -15.68
C ALA B 383 18.58 8.05 -16.29
N ASN B 384 17.39 7.59 -16.60
CA ASN B 384 17.22 6.28 -17.18
C ASN B 384 15.86 6.08 -17.83
N TYR B 385 15.49 4.81 -17.95
CA TYR B 385 14.25 4.43 -18.60
C TYR B 385 13.21 3.90 -17.63
N GLN B 386 13.30 4.30 -16.37
CA GLN B 386 12.33 3.87 -15.39
C GLN B 386 11.30 4.98 -15.24
N ARG B 387 10.03 4.63 -15.19
CA ARG B 387 9.00 5.65 -15.08
C ARG B 387 7.85 5.35 -14.12
N ASP B 388 7.08 6.38 -13.80
CA ASP B 388 5.90 6.22 -12.98
C ASP B 388 6.05 5.59 -11.59
N GLY B 389 5.07 4.79 -11.20
CA GLY B 389 5.10 4.16 -9.88
C GLY B 389 4.32 5.00 -8.88
N PRO B 390 3.83 4.40 -7.81
CA PRO B 390 3.06 5.12 -6.78
C PRO B 390 3.84 6.24 -6.12
N MET B 391 3.15 7.35 -5.88
CA MET B 391 3.77 8.51 -5.25
C MET B 391 5.00 8.97 -6.00
N CYS B 392 4.89 9.02 -7.32
CA CYS B 392 6.01 9.45 -8.14
C CYS B 392 6.28 10.96 -8.00
N MET B 393 7.35 11.30 -7.32
CA MET B 393 7.69 12.71 -7.15
C MET B 393 8.46 13.19 -8.38
N MET B 394 9.02 14.40 -8.29
CA MET B 394 9.78 14.99 -9.39
C MET B 394 8.94 15.17 -10.66
N ASP B 395 9.59 15.37 -11.79
CA ASP B 395 8.90 15.54 -13.07
C ASP B 395 8.78 14.17 -13.72
N ASN B 396 9.36 13.17 -13.07
CA ASN B 396 9.38 11.81 -13.56
C ASN B 396 10.13 11.77 -14.91
N GLN B 397 11.22 12.53 -14.99
CA GLN B 397 12.06 12.61 -16.18
C GLN B 397 11.37 13.20 -17.39
N GLY B 398 10.48 14.16 -17.17
CA GLY B 398 9.77 14.82 -18.24
C GLY B 398 9.29 14.01 -19.42
N GLY B 399 9.35 14.62 -20.61
CA GLY B 399 8.91 13.94 -21.83
C GLY B 399 10.05 13.31 -22.60
N ALA B 400 10.96 12.67 -21.89
CA ALA B 400 12.12 12.02 -22.51
C ALA B 400 11.82 10.61 -23.01
N PRO B 401 12.46 10.20 -24.13
CA PRO B 401 12.25 8.89 -24.72
C PRO B 401 12.36 7.84 -23.60
N ASN B 402 11.36 6.95 -23.48
CA ASN B 402 11.41 5.98 -22.38
C ASN B 402 11.80 4.54 -22.69
N TYR B 403 12.50 4.31 -23.81
CA TYR B 403 12.92 2.98 -24.19
C TYR B 403 14.37 3.01 -24.65
N TYR B 404 15.07 1.91 -24.43
CA TYR B 404 16.45 1.80 -24.83
C TYR B 404 16.56 0.52 -25.64
N PRO B 405 17.19 0.58 -26.82
CA PRO B 405 17.79 1.79 -27.39
C PRO B 405 16.82 2.73 -28.07
N ASN B 406 17.27 3.95 -28.39
CA ASN B 406 16.42 4.89 -29.09
C ASN B 406 17.26 5.81 -29.96
N SER B 407 16.62 6.43 -30.94
CA SER B 407 17.30 7.31 -31.83
C SER B 407 16.92 8.74 -31.52
N PHE B 408 16.72 9.05 -30.24
CA PHE B 408 16.33 10.41 -29.87
C PHE B 408 17.14 11.09 -28.78
N SER B 409 18.34 10.61 -28.59
CA SER B 409 19.28 11.19 -27.63
C SER B 409 18.91 11.04 -26.17
N ALA B 410 18.33 9.91 -25.81
CA ALA B 410 17.99 9.67 -24.41
C ALA B 410 19.26 9.05 -23.80
N PRO B 411 19.32 8.90 -22.48
CA PRO B 411 20.49 8.34 -21.76
C PRO B 411 21.18 7.09 -22.36
N GLU B 412 22.51 7.14 -22.38
CA GLU B 412 23.33 6.06 -22.91
C GLU B 412 24.14 5.44 -21.78
N HIS B 413 24.58 4.19 -21.96
CA HIS B 413 25.36 3.53 -20.94
C HIS B 413 26.86 3.77 -21.06
N GLN B 414 27.47 4.20 -19.95
CA GLN B 414 28.92 4.47 -19.92
C GLN B 414 29.68 3.17 -19.73
N PRO B 415 30.20 2.62 -20.84
CA PRO B 415 30.97 1.36 -20.83
C PRO B 415 32.13 1.34 -19.87
N SER B 416 32.51 2.50 -19.37
CA SER B 416 33.64 2.60 -18.45
C SER B 416 33.27 2.16 -17.03
N ALA B 417 31.99 1.83 -16.83
CA ALA B 417 31.51 1.39 -15.52
C ALA B 417 31.17 -0.10 -15.49
N LEU B 418 31.36 -0.78 -16.61
CA LEU B 418 31.07 -2.21 -16.68
C LEU B 418 31.64 -2.97 -15.50
N GLU B 419 30.89 -3.96 -15.02
CA GLU B 419 31.31 -4.77 -13.88
C GLU B 419 32.61 -5.52 -14.18
N HIS B 420 33.28 -6.02 -13.14
CA HIS B 420 34.54 -6.75 -13.32
C HIS B 420 34.33 -8.24 -13.60
N ARG B 421 34.86 -8.64 -14.75
CA ARG B 421 34.76 -10.02 -15.25
C ARG B 421 35.59 -11.07 -14.47
N THR B 422 34.90 -12.10 -13.98
CA THR B 422 35.57 -13.19 -13.26
C THR B 422 35.18 -14.53 -13.88
N HIS B 423 35.82 -15.60 -13.43
CA HIS B 423 35.52 -16.91 -14.00
C HIS B 423 35.04 -17.91 -12.95
N PHE B 424 33.96 -18.63 -13.25
CA PHE B 424 33.42 -19.63 -12.36
C PHE B 424 33.11 -20.89 -13.13
N SER B 425 33.59 -22.02 -12.61
CA SER B 425 33.35 -23.29 -13.24
C SER B 425 32.82 -24.24 -12.22
N GLY B 426 31.67 -24.84 -12.50
CA GLY B 426 31.07 -25.77 -11.56
C GLY B 426 29.59 -25.90 -11.79
N ASP B 427 29.00 -26.86 -11.10
CA ASP B 427 27.57 -27.12 -11.20
C ASP B 427 26.73 -26.13 -10.39
N VAL B 428 25.50 -25.89 -10.81
CA VAL B 428 24.58 -25.03 -10.11
C VAL B 428 23.89 -25.93 -9.12
N GLN B 429 24.28 -25.84 -7.85
CA GLN B 429 23.68 -26.67 -6.82
C GLN B 429 23.65 -25.98 -5.48
N ARG B 430 23.02 -26.63 -4.50
CA ARG B 430 22.94 -26.10 -3.15
C ARG B 430 24.11 -26.72 -2.37
N PHE B 431 25.26 -26.06 -2.42
CA PHE B 431 26.50 -26.50 -1.74
C PHE B 431 26.48 -26.22 -0.23
N ASN B 432 26.51 -27.30 0.56
CA ASN B 432 26.49 -27.24 2.01
C ASN B 432 27.68 -26.57 2.72
N SER B 433 27.46 -25.40 3.27
CA SER B 433 28.52 -24.67 3.97
C SER B 433 28.36 -24.75 5.47
N ALA B 434 27.51 -25.67 5.93
CA ALA B 434 27.25 -25.82 7.37
C ALA B 434 28.43 -26.36 8.19
N ASN B 435 29.40 -26.95 7.50
CA ASN B 435 30.55 -27.53 8.21
C ASN B 435 31.87 -26.87 7.89
N ASP B 436 31.84 -25.60 7.53
CA ASP B 436 33.05 -24.90 7.20
C ASP B 436 33.78 -24.40 8.43
N ASP B 437 34.18 -25.32 9.31
CA ASP B 437 34.92 -24.98 10.53
C ASP B 437 34.22 -23.90 11.36
N ASN B 438 33.73 -24.28 12.55
CA ASN B 438 33.03 -23.31 13.37
C ASN B 438 33.70 -23.19 14.73
N VAL B 439 34.98 -23.48 14.84
CA VAL B 439 35.66 -23.40 16.13
C VAL B 439 37.03 -22.74 16.13
N THR B 440 37.88 -23.16 15.20
CA THR B 440 39.23 -22.64 15.06
C THR B 440 39.39 -21.16 15.43
N GLN B 441 38.85 -20.31 14.58
CA GLN B 441 38.94 -18.87 14.82
C GLN B 441 38.30 -18.49 16.16
N VAL B 442 37.40 -19.33 16.63
CA VAL B 442 36.70 -19.09 17.87
C VAL B 442 37.62 -19.38 19.05
N ARG B 443 38.25 -20.55 19.00
CA ARG B 443 39.18 -20.97 20.03
C ARG B 443 40.25 -19.91 20.25
N THR B 444 40.79 -19.40 19.15
CA THR B 444 41.83 -18.39 19.25
C THR B 444 41.24 -17.03 19.65
N PHE B 445 39.95 -16.98 19.88
CA PHE B 445 39.32 -15.73 20.31
C PHE B 445 39.12 -15.80 21.83
N TYR B 446 38.72 -16.99 22.30
CA TYR B 446 38.50 -17.24 23.72
C TYR B 446 39.82 -17.10 24.46
N LEU B 447 40.75 -18.01 24.18
CA LEU B 447 42.06 -17.98 24.81
C LEU B 447 43.07 -17.35 23.89
N LYS B 448 42.93 -16.05 23.66
CA LYS B 448 43.86 -15.29 22.83
C LYS B 448 43.46 -13.83 22.72
N VAL B 449 42.33 -13.55 22.10
CA VAL B 449 41.89 -12.17 21.97
C VAL B 449 41.41 -11.62 23.30
N LEU B 450 40.81 -12.50 24.11
CA LEU B 450 40.28 -12.11 25.41
C LEU B 450 41.25 -12.45 26.55
N ASN B 451 41.00 -11.91 27.75
CA ASN B 451 41.88 -12.24 28.87
C ASN B 451 41.06 -13.07 29.87
N GLU B 452 41.75 -13.81 30.73
CA GLU B 452 41.11 -14.65 31.76
C GLU B 452 40.07 -13.86 32.54
N GLU B 453 40.32 -12.57 32.69
CA GLU B 453 39.41 -11.69 33.42
C GLU B 453 38.07 -11.59 32.68
N GLN B 454 38.12 -11.13 31.45
CA GLN B 454 36.92 -10.97 30.64
C GLN B 454 36.47 -12.30 30.04
N ARG B 455 37.29 -13.34 30.20
CA ARG B 455 36.94 -14.67 29.68
C ARG B 455 35.84 -15.24 30.59
N LYS B 456 35.95 -14.91 31.89
CA LYS B 456 34.99 -15.38 32.87
C LYS B 456 33.68 -14.58 32.76
N ARG B 457 33.79 -13.29 32.47
CA ARG B 457 32.62 -12.43 32.32
C ARG B 457 31.78 -12.91 31.16
N LEU B 458 32.45 -13.40 30.13
CA LEU B 458 31.77 -13.92 28.96
C LEU B 458 30.98 -15.15 29.35
N CYS B 459 31.68 -16.19 29.82
CA CYS B 459 31.02 -17.43 30.24
C CYS B 459 29.82 -17.20 31.16
N GLU B 460 29.88 -16.14 31.94
CA GLU B 460 28.80 -15.81 32.86
C GLU B 460 27.63 -15.27 32.09
N ASN B 461 27.90 -14.23 31.31
CA ASN B 461 26.86 -13.60 30.52
C ASN B 461 26.05 -14.66 29.80
N ILE B 462 26.73 -15.57 29.11
CA ILE B 462 26.05 -16.65 28.38
C ILE B 462 25.14 -17.50 29.26
N ALA B 463 25.72 -18.17 30.27
CA ALA B 463 24.94 -19.04 31.14
C ALA B 463 23.72 -18.35 31.73
N GLY B 464 23.83 -17.04 31.97
CA GLY B 464 22.72 -16.29 32.53
C GLY B 464 21.51 -16.21 31.61
N HIS B 465 21.70 -16.65 30.38
CA HIS B 465 20.61 -16.64 29.42
C HIS B 465 20.28 -18.06 29.01
N LEU B 466 21.31 -18.83 28.69
CA LEU B 466 21.13 -20.22 28.28
C LEU B 466 20.40 -21.03 29.36
N LYS B 467 20.51 -20.59 30.62
CA LYS B 467 19.89 -21.26 31.73
C LYS B 467 18.38 -21.47 31.53
N ASP B 468 17.72 -20.45 31.00
CA ASP B 468 16.29 -20.50 30.77
C ASP B 468 15.83 -21.46 29.68
N ALA B 469 16.78 -22.05 28.95
CA ALA B 469 16.41 -22.99 27.89
C ALA B 469 16.23 -24.40 28.42
N GLN B 470 15.40 -25.19 27.74
CA GLN B 470 15.14 -26.58 28.14
C GLN B 470 16.50 -27.26 28.37
N LEU B 471 16.53 -28.26 29.23
CA LEU B 471 17.77 -28.96 29.49
C LEU B 471 18.37 -29.63 28.27
N PHE B 472 17.51 -30.18 27.43
CA PHE B 472 17.95 -30.86 26.22
C PHE B 472 18.66 -29.87 25.31
N ILE B 473 18.30 -28.63 25.44
CA ILE B 473 18.91 -27.55 24.66
C ILE B 473 20.25 -27.16 25.27
N GLN B 474 20.27 -26.94 26.59
CA GLN B 474 21.47 -26.56 27.30
C GLN B 474 22.71 -27.41 26.97
N LYS B 475 22.57 -28.72 26.97
CA LYS B 475 23.69 -29.61 26.67
C LYS B 475 24.22 -29.37 25.25
N LYS B 476 23.43 -29.74 24.25
CA LYS B 476 23.81 -29.57 22.87
C LYS B 476 24.56 -28.24 22.71
N ALA B 477 24.14 -27.26 23.48
CA ALA B 477 24.76 -25.95 23.46
C ALA B 477 26.18 -26.04 24.01
N VAL B 478 26.31 -26.49 25.25
CA VAL B 478 27.61 -26.63 25.86
C VAL B 478 28.50 -27.43 24.92
N LYS B 479 27.96 -28.52 24.39
CA LYS B 479 28.71 -29.36 23.47
C LYS B 479 29.52 -28.49 22.52
N ASN B 480 28.86 -27.59 21.82
CA ASN B 480 29.53 -26.69 20.85
C ASN B 480 30.65 -25.93 21.52
N PHE B 481 30.32 -25.19 22.59
CA PHE B 481 31.31 -24.42 23.31
C PHE B 481 32.43 -25.37 23.71
N SER B 482 32.04 -26.62 24.01
CA SER B 482 33.00 -27.64 24.39
C SER B 482 34.01 -27.82 23.24
N ASP B 483 33.49 -27.98 22.04
CA ASP B 483 34.32 -28.19 20.87
C ASP B 483 35.23 -27.00 20.55
N VAL B 484 34.87 -25.82 21.04
CA VAL B 484 35.71 -24.66 20.82
C VAL B 484 36.88 -24.80 21.78
N HIS B 485 36.58 -25.37 22.96
CA HIS B 485 37.55 -25.60 24.02
C HIS B 485 36.84 -26.19 25.22
N PRO B 486 37.32 -27.34 25.72
CA PRO B 486 36.69 -27.99 26.88
C PRO B 486 36.43 -27.03 28.05
N GLU B 487 37.33 -26.07 28.23
CA GLU B 487 37.18 -25.12 29.32
C GLU B 487 36.05 -24.13 29.00
N TYR B 488 36.07 -23.60 27.80
CA TYR B 488 35.06 -22.64 27.37
C TYR B 488 33.69 -23.31 27.41
N GLY B 489 33.69 -24.60 27.70
CA GLY B 489 32.45 -25.34 27.78
C GLY B 489 32.15 -25.83 29.19
N SER B 490 33.21 -26.06 29.97
CA SER B 490 33.05 -26.52 31.34
C SER B 490 32.66 -25.36 32.23
N ARG B 491 33.33 -24.22 32.03
CA ARG B 491 33.04 -23.04 32.83
C ARG B 491 31.55 -22.75 32.70
N ILE B 492 31.10 -22.58 31.47
CA ILE B 492 29.70 -22.31 31.20
C ILE B 492 28.78 -23.32 31.89
N GLN B 493 29.10 -24.59 31.72
CA GLN B 493 28.29 -25.66 32.32
C GLN B 493 28.17 -25.45 33.82
N ALA B 494 29.32 -25.39 34.49
CA ALA B 494 29.34 -25.18 35.93
C ALA B 494 28.31 -24.12 36.28
N LEU B 495 28.46 -22.96 35.64
CA LEU B 495 27.58 -21.82 35.86
C LEU B 495 26.13 -22.23 35.81
N LEU B 496 25.78 -23.01 34.78
CA LEU B 496 24.42 -23.48 34.57
C LEU B 496 23.91 -24.29 35.75
N ASP B 497 24.72 -25.24 36.18
CA ASP B 497 24.40 -26.12 37.30
C ASP B 497 24.01 -25.33 38.55
N LYS B 498 24.65 -24.17 38.75
CA LYS B 498 24.36 -23.32 39.89
C LYS B 498 23.04 -22.59 39.65
N TYR B 499 22.93 -21.94 38.50
CA TYR B 499 21.74 -21.22 38.11
C TYR B 499 20.59 -22.22 38.13
N ASN B 500 20.89 -23.40 37.59
CA ASN B 500 19.94 -24.51 37.50
C ASN B 500 19.48 -25.06 38.87
N GLU B 501 20.07 -24.55 39.95
CA GLU B 501 19.74 -25.00 41.30
C GLU B 501 20.12 -26.49 41.46
N ASN C 3 10.50 -27.63 34.55
CA ASN C 3 9.13 -27.05 34.40
C ASN C 3 9.24 -25.64 34.99
N ARG C 4 8.42 -25.05 34.10
CA ARG C 4 8.34 -23.60 33.95
C ARG C 4 6.95 -23.16 33.53
N ASP C 5 6.72 -21.85 33.56
CA ASP C 5 5.40 -21.28 33.21
C ASP C 5 4.84 -21.77 31.87
N PRO C 6 3.52 -21.70 31.71
CA PRO C 6 2.82 -22.14 30.51
C PRO C 6 3.31 -21.42 29.24
N ALA C 7 3.58 -20.14 29.36
CA ALA C 7 4.06 -19.36 28.21
C ALA C 7 5.41 -19.87 27.73
N SER C 8 6.34 -20.07 28.67
CA SER C 8 7.67 -20.56 28.32
C SER C 8 7.64 -21.89 27.61
N ASP C 9 6.71 -22.76 28.00
CA ASP C 9 6.64 -24.08 27.40
C ASP C 9 5.74 -24.14 26.14
N GLN C 10 5.66 -23.04 25.43
CA GLN C 10 4.84 -22.93 24.21
C GLN C 10 5.19 -23.95 23.13
N MET C 11 6.44 -23.95 22.70
CA MET C 11 6.88 -24.89 21.67
C MET C 11 6.87 -26.30 22.24
N LYS C 12 7.39 -26.44 23.45
CA LYS C 12 7.45 -27.71 24.11
C LYS C 12 6.13 -28.46 23.98
N HIS C 13 5.04 -27.80 24.32
CA HIS C 13 3.70 -28.42 24.22
C HIS C 13 3.24 -28.59 22.78
N TRP C 14 3.46 -27.58 21.97
CA TRP C 14 3.06 -27.64 20.58
C TRP C 14 3.58 -28.93 19.95
N LYS C 15 4.82 -29.30 20.29
CA LYS C 15 5.42 -30.51 19.78
C LYS C 15 4.77 -31.73 20.42
N GLU C 16 4.80 -31.77 21.74
CA GLU C 16 4.23 -32.88 22.50
C GLU C 16 2.87 -33.30 21.96
N GLN C 17 1.99 -32.34 21.74
CA GLN C 17 0.65 -32.65 21.24
C GLN C 17 0.70 -33.01 19.76
N ARG C 18 1.67 -32.47 19.04
CA ARG C 18 1.81 -32.72 17.61
C ARG C 18 2.39 -34.12 17.34
N ALA C 19 2.92 -34.75 18.40
CA ALA C 19 3.52 -36.08 18.28
C ALA C 19 2.59 -37.06 17.61
N ALA C 20 3.08 -38.29 17.44
CA ALA C 20 2.33 -39.36 16.78
C ALA C 20 1.95 -38.88 15.39
N GLN C 21 2.70 -37.89 14.91
CA GLN C 21 2.48 -37.31 13.58
C GLN C 21 3.82 -37.04 12.89
N LYS C 22 3.84 -37.23 11.57
CA LYS C 22 5.05 -36.98 10.80
C LYS C 22 5.02 -35.49 10.47
N PRO C 23 6.19 -34.80 10.62
CA PRO C 23 6.22 -33.38 10.30
C PRO C 23 5.86 -33.09 8.85
N ASP C 24 5.13 -31.99 8.64
CA ASP C 24 4.74 -31.59 7.29
C ASP C 24 5.94 -31.34 6.41
N VAL C 25 5.73 -31.45 5.10
CA VAL C 25 6.78 -31.21 4.13
C VAL C 25 6.90 -29.71 3.95
N LEU C 26 8.11 -29.21 4.09
CA LEU C 26 8.39 -27.79 3.91
C LEU C 26 8.09 -27.44 2.45
N THR C 27 7.30 -26.40 2.24
CA THR C 27 6.97 -25.99 0.87
C THR C 27 7.18 -24.51 0.67
N THR C 28 6.92 -24.07 -0.58
CA THR C 28 7.07 -22.68 -0.93
C THR C 28 5.74 -22.02 -0.69
N GLY C 29 5.69 -20.70 -0.81
CA GLY C 29 4.42 -20.01 -0.65
C GLY C 29 3.41 -20.59 -1.61
N GLY C 30 3.91 -21.23 -2.66
CA GLY C 30 3.03 -21.83 -3.67
C GLY C 30 2.74 -23.30 -3.48
N GLY C 31 3.31 -23.89 -2.41
CA GLY C 31 3.10 -25.29 -2.14
C GLY C 31 4.10 -26.27 -2.72
N ASN C 32 5.06 -25.80 -3.52
CA ASN C 32 6.06 -26.70 -4.06
C ASN C 32 6.99 -27.12 -2.94
N PRO C 33 7.22 -28.42 -2.77
CA PRO C 33 8.14 -28.88 -1.72
C PRO C 33 9.56 -28.39 -1.95
N VAL C 34 10.27 -27.99 -0.89
CA VAL C 34 11.64 -27.54 -1.11
C VAL C 34 12.62 -28.68 -0.76
N GLY C 35 13.62 -28.84 -1.62
CA GLY C 35 14.61 -29.89 -1.41
C GLY C 35 15.58 -29.64 -0.29
N ASP C 36 16.03 -28.40 -0.16
CA ASP C 36 16.96 -28.02 0.87
C ASP C 36 16.77 -26.52 1.09
N LYS C 37 16.44 -26.14 2.31
CA LYS C 37 16.19 -24.72 2.62
C LYS C 37 17.29 -24.13 3.51
N LEU C 38 18.46 -24.74 3.48
CA LEU C 38 19.58 -24.26 4.28
C LEU C 38 20.79 -23.80 3.48
N ASN C 39 20.83 -24.15 2.20
CA ASN C 39 21.93 -23.77 1.34
C ASN C 39 21.40 -23.19 0.05
N SER C 40 21.72 -21.94 -0.19
CA SER C 40 21.28 -21.27 -1.40
C SER C 40 21.77 -21.97 -2.69
N LEU C 41 21.25 -21.54 -3.83
CA LEU C 41 21.62 -22.13 -5.11
C LEU C 41 22.67 -21.26 -5.79
N THR C 42 23.86 -21.84 -5.99
CA THR C 42 24.95 -21.13 -6.62
C THR C 42 25.69 -22.04 -7.59
N VAL C 43 26.46 -21.44 -8.51
CA VAL C 43 27.22 -22.20 -9.46
C VAL C 43 28.58 -22.47 -8.81
N GLY C 44 28.82 -23.71 -8.43
CA GLY C 44 30.11 -24.02 -7.78
C GLY C 44 30.00 -23.65 -6.28
N PRO C 45 30.69 -24.37 -5.39
CA PRO C 45 30.71 -24.17 -3.96
C PRO C 45 31.01 -22.74 -3.46
N ARG C 46 31.86 -22.02 -4.19
CA ARG C 46 32.21 -20.65 -3.80
C ARG C 46 31.72 -19.67 -4.85
N GLY C 47 30.66 -20.06 -5.59
CA GLY C 47 30.12 -19.23 -6.64
C GLY C 47 28.97 -18.29 -6.29
N PRO C 48 28.61 -17.38 -7.20
CA PRO C 48 27.52 -16.42 -6.99
C PRO C 48 26.14 -17.06 -6.93
N LEU C 49 25.23 -16.33 -6.29
CA LEU C 49 23.84 -16.77 -6.11
C LEU C 49 23.08 -16.61 -7.41
N LEU C 50 22.25 -17.60 -7.73
CA LEU C 50 21.45 -17.61 -8.95
C LEU C 50 19.98 -17.21 -8.76
N VAL C 51 19.49 -16.29 -9.60
CA VAL C 51 18.10 -15.85 -9.53
C VAL C 51 17.27 -17.14 -9.50
N GLN C 52 17.82 -18.16 -10.17
CA GLN C 52 17.19 -19.49 -10.22
C GLN C 52 16.63 -19.85 -8.86
N ASP C 53 17.41 -19.65 -7.78
CA ASP C 53 16.96 -20.01 -6.46
C ASP C 53 15.69 -19.26 -6.08
N VAL C 54 14.55 -19.76 -6.55
CA VAL C 54 13.25 -19.15 -6.25
C VAL C 54 12.78 -19.54 -4.87
N VAL C 55 13.40 -20.60 -4.33
CA VAL C 55 13.06 -21.05 -2.98
C VAL C 55 13.51 -19.87 -2.13
N PHE C 56 14.70 -19.36 -2.45
CA PHE C 56 15.24 -18.24 -1.71
C PHE C 56 14.36 -17.00 -1.79
N THR C 57 14.12 -16.50 -3.00
CA THR C 57 13.32 -15.30 -3.16
C THR C 57 11.95 -15.41 -2.52
N ASP C 58 11.30 -16.57 -2.64
CA ASP C 58 9.98 -16.77 -2.03
C ASP C 58 10.04 -16.46 -0.56
N GLU C 59 10.89 -17.16 0.15
CA GLU C 59 11.03 -16.97 1.59
C GLU C 59 11.51 -15.55 1.96
N MET C 60 12.53 -15.06 1.26
CA MET C 60 13.08 -13.74 1.54
C MET C 60 12.10 -12.61 1.26
N ALA C 61 11.48 -12.63 0.10
CA ALA C 61 10.55 -11.58 -0.26
C ALA C 61 9.45 -11.48 0.80
N HIS C 62 8.97 -12.61 1.26
CA HIS C 62 7.91 -12.64 2.27
C HIS C 62 8.40 -12.13 3.60
N PHE C 63 9.61 -12.52 3.99
CA PHE C 63 10.22 -12.05 5.23
C PHE C 63 10.41 -10.55 5.14
N ASP C 64 10.86 -10.08 3.98
CA ASP C 64 11.10 -8.66 3.78
C ASP C 64 9.82 -7.86 3.95
N ARG C 65 8.68 -8.52 4.08
CA ARG C 65 7.40 -7.82 4.24
C ARG C 65 6.55 -8.16 5.46
N GLU C 66 7.09 -8.95 6.39
CA GLU C 66 6.36 -9.35 7.59
C GLU C 66 5.68 -8.21 8.34
N ARG C 67 6.31 -7.05 8.38
CA ARG C 67 5.78 -5.91 9.13
C ARG C 67 4.74 -5.04 8.48
N ILE C 68 3.75 -4.69 9.28
CA ILE C 68 2.66 -3.83 8.87
C ILE C 68 2.75 -2.66 9.82
N PRO C 69 2.18 -1.50 9.48
CA PRO C 69 2.27 -0.39 10.42
C PRO C 69 1.60 -0.69 11.75
N GLU C 70 2.23 -0.26 12.84
CA GLU C 70 1.69 -0.43 14.19
C GLU C 70 0.60 0.59 14.39
N ARG C 71 -0.25 0.40 15.40
CA ARG C 71 -1.34 1.32 15.69
C ARG C 71 -0.71 2.67 16.02
N VAL C 72 -1.32 3.76 15.54
CA VAL C 72 -0.77 5.07 15.79
C VAL C 72 -0.72 5.34 17.30
N VAL C 73 -1.63 4.73 18.04
CA VAL C 73 -1.71 4.83 19.50
C VAL C 73 -2.03 3.43 20.02
N HIS C 74 -1.62 3.13 21.26
CA HIS C 74 -1.84 1.83 21.85
C HIS C 74 -1.12 0.72 21.08
N ALA C 75 0.12 0.97 20.66
CA ALA C 75 0.85 -0.05 19.92
C ALA C 75 1.11 -1.30 20.77
N LYS C 76 1.69 -1.13 21.95
CA LYS C 76 2.02 -2.23 22.85
C LYS C 76 0.80 -2.81 23.56
N GLY C 77 0.31 -3.95 23.09
CA GLY C 77 -0.86 -4.55 23.71
C GLY C 77 -0.87 -6.06 23.78
N ALA C 78 -1.95 -6.61 24.30
CA ALA C 78 -2.11 -8.05 24.45
C ALA C 78 -3.59 -8.35 24.23
N GLY C 79 -3.90 -9.57 23.80
CA GLY C 79 -5.28 -9.92 23.56
C GLY C 79 -5.66 -11.34 23.90
N ALA C 80 -6.96 -11.56 24.12
CA ALA C 80 -7.51 -12.87 24.44
C ALA C 80 -8.95 -12.99 23.97
N PHE C 81 -9.49 -14.19 24.05
CA PHE C 81 -10.85 -14.46 23.62
C PHE C 81 -11.69 -15.11 24.72
N GLY C 82 -12.99 -14.83 24.68
CA GLY C 82 -13.90 -15.39 25.66
C GLY C 82 -15.31 -15.29 25.16
N TYR C 83 -16.25 -15.01 26.08
CA TYR C 83 -17.65 -14.88 25.74
C TYR C 83 -18.32 -13.93 26.71
N PHE C 84 -19.47 -13.44 26.30
CA PHE C 84 -20.27 -12.54 27.11
C PHE C 84 -21.52 -13.32 27.48
N GLU C 85 -21.94 -13.21 28.73
CA GLU C 85 -23.12 -13.91 29.21
C GLU C 85 -24.09 -12.92 29.78
N VAL C 86 -25.32 -12.95 29.28
CA VAL C 86 -26.34 -12.06 29.82
C VAL C 86 -26.79 -12.66 31.12
N THR C 87 -26.73 -11.84 32.15
CA THR C 87 -27.10 -12.26 33.50
C THR C 87 -28.36 -11.53 33.93
N HIS C 88 -28.47 -10.28 33.44
CA HIS C 88 -29.63 -9.44 33.80
C HIS C 88 -30.35 -8.92 32.58
N ASP C 89 -31.60 -8.55 32.80
CA ASP C 89 -32.46 -8.04 31.74
C ASP C 89 -32.54 -6.53 31.68
N ILE C 90 -31.95 -5.94 30.64
CA ILE C 90 -32.03 -4.51 30.46
C ILE C 90 -32.70 -4.36 29.10
N THR C 91 -33.67 -5.24 28.87
CA THR C 91 -34.44 -5.26 27.63
C THR C 91 -35.23 -3.97 27.46
N ARG C 92 -35.66 -3.40 28.59
CA ARG C 92 -36.43 -2.18 28.56
C ARG C 92 -35.59 -0.98 28.20
N TYR C 93 -34.32 -1.20 27.97
CA TYR C 93 -33.40 -0.10 27.62
C TYR C 93 -32.83 -0.26 26.22
N SER C 94 -32.42 -1.49 25.91
CA SER C 94 -31.86 -1.80 24.61
C SER C 94 -32.61 -2.96 23.98
N LYS C 95 -32.90 -2.84 22.69
CA LYS C 95 -33.57 -3.88 21.97
C LYS C 95 -32.49 -4.74 21.29
N ALA C 96 -31.25 -4.39 21.56
CA ALA C 96 -30.07 -5.06 21.02
C ALA C 96 -29.99 -6.57 21.30
N LYS C 97 -30.10 -7.36 20.23
CA LYS C 97 -30.06 -8.80 20.31
C LYS C 97 -28.98 -9.36 21.24
N VAL C 98 -27.92 -8.60 21.44
CA VAL C 98 -26.83 -9.03 22.30
C VAL C 98 -27.38 -9.27 23.71
N PHE C 99 -28.30 -8.41 24.14
CA PHE C 99 -28.91 -8.52 25.46
C PHE C 99 -30.21 -9.30 25.43
N GLU C 100 -30.60 -9.77 24.27
CA GLU C 100 -31.85 -10.51 24.11
C GLU C 100 -32.39 -11.18 25.38
N HIS C 101 -31.84 -12.32 25.73
CA HIS C 101 -32.29 -13.07 26.91
C HIS C 101 -31.23 -13.35 27.98
N ILE C 102 -31.69 -13.83 29.14
CA ILE C 102 -30.79 -14.15 30.24
C ILE C 102 -30.09 -15.48 29.97
N GLY C 103 -28.78 -15.42 29.87
CA GLY C 103 -28.01 -16.63 29.60
C GLY C 103 -27.44 -16.60 28.19
N LYS C 104 -27.85 -15.61 27.41
CA LYS C 104 -27.40 -15.44 26.04
C LYS C 104 -25.88 -15.32 25.95
N ARG C 105 -25.24 -16.26 25.25
CA ARG C 105 -23.79 -16.25 25.08
C ARG C 105 -23.39 -15.65 23.74
N THR C 106 -22.44 -14.74 23.77
CA THR C 106 -21.95 -14.09 22.57
C THR C 106 -20.43 -14.07 22.61
N PRO C 107 -19.78 -14.64 21.57
CA PRO C 107 -18.33 -14.66 21.56
C PRO C 107 -17.71 -13.28 21.52
N ILE C 108 -16.62 -13.12 22.25
CA ILE C 108 -15.93 -11.85 22.30
C ILE C 108 -14.43 -12.02 22.11
N ALA C 109 -13.76 -10.89 21.93
CA ALA C 109 -12.32 -10.82 21.74
C ALA C 109 -11.90 -9.51 22.35
N VAL C 110 -10.76 -9.50 23.03
CA VAL C 110 -10.33 -8.26 23.64
C VAL C 110 -8.85 -8.03 23.57
N ARG C 111 -8.47 -6.76 23.42
CA ARG C 111 -7.05 -6.43 23.43
C ARG C 111 -6.88 -5.24 24.36
N PHE C 112 -5.99 -5.42 25.32
CA PHE C 112 -5.64 -4.40 26.32
C PHE C 112 -4.37 -3.78 25.80
N SER C 113 -4.08 -2.56 26.20
CA SER C 113 -2.89 -1.91 25.70
C SER C 113 -2.50 -0.69 26.50
N THR C 114 -1.29 -0.16 26.23
CA THR C 114 -0.82 1.06 26.86
C THR C 114 -1.10 2.12 25.79
N VAL C 115 -0.52 3.31 25.91
CA VAL C 115 -0.83 4.31 24.92
C VAL C 115 0.30 4.84 24.05
N ALA C 116 1.00 5.86 24.52
CA ALA C 116 2.08 6.47 23.75
C ALA C 116 3.17 5.52 23.26
N GLY C 117 3.75 4.73 24.16
CA GLY C 117 4.81 3.82 23.77
C GLY C 117 4.60 2.98 22.52
N GLU C 118 5.69 2.75 21.80
CA GLU C 118 5.67 1.98 20.56
C GLU C 118 5.65 0.48 20.83
N SER C 119 5.58 -0.30 19.76
CA SER C 119 5.54 -1.75 19.86
C SER C 119 6.58 -2.39 20.77
N GLY C 120 7.76 -1.81 20.85
CA GLY C 120 8.81 -2.36 21.68
C GLY C 120 8.80 -1.92 23.13
N SER C 121 7.95 -0.98 23.48
CA SER C 121 7.87 -0.46 24.86
C SER C 121 7.49 -1.56 25.88
N ALA C 122 7.64 -1.23 27.17
CA ALA C 122 7.35 -2.12 28.27
C ALA C 122 5.92 -1.94 28.81
N ASP C 123 5.31 -3.03 29.28
CA ASP C 123 3.93 -2.99 29.77
C ASP C 123 3.61 -2.13 30.99
N THR C 124 4.49 -2.17 31.98
CA THR C 124 4.27 -1.49 33.24
C THR C 124 4.78 -0.06 33.40
N VAL C 125 4.06 0.91 32.87
CA VAL C 125 4.45 2.32 32.98
C VAL C 125 3.23 3.22 33.13
N ARG C 126 3.44 4.39 33.71
CA ARG C 126 2.33 5.34 33.89
C ARG C 126 1.88 5.64 32.45
N ASP C 127 0.59 5.40 32.21
CA ASP C 127 -0.01 5.59 30.90
C ASP C 127 -1.39 4.94 31.05
N PRO C 128 -2.45 5.50 30.40
CA PRO C 128 -3.74 4.83 30.57
C PRO C 128 -3.68 3.43 29.95
N ARG C 129 -4.77 2.69 30.05
CA ARG C 129 -4.80 1.33 29.50
C ARG C 129 -6.04 1.11 28.65
N GLY C 130 -5.82 0.70 27.39
CA GLY C 130 -6.93 0.43 26.50
C GLY C 130 -7.57 -0.90 26.79
N PHE C 131 -8.90 -0.93 26.85
CA PHE C 131 -9.63 -2.16 27.13
C PHE C 131 -10.78 -2.29 26.14
N ALA C 132 -10.47 -2.68 24.91
CA ALA C 132 -11.47 -2.81 23.88
C ALA C 132 -12.11 -4.18 23.85
N VAL C 133 -13.44 -4.19 23.63
CA VAL C 133 -14.22 -5.41 23.59
C VAL C 133 -15.00 -5.50 22.30
N LYS C 134 -14.84 -6.61 21.60
CA LYS C 134 -15.53 -6.84 20.35
C LYS C 134 -16.55 -7.95 20.58
N PHE C 135 -17.82 -7.64 20.34
CA PHE C 135 -18.91 -8.58 20.51
C PHE C 135 -19.34 -9.04 19.11
N TYR C 136 -19.25 -10.34 18.83
CA TYR C 136 -19.67 -10.86 17.54
C TYR C 136 -21.15 -11.21 17.65
N THR C 137 -22.01 -10.21 17.54
CA THR C 137 -23.45 -10.45 17.66
C THR C 137 -24.12 -10.78 16.33
N GLU C 138 -25.36 -11.26 16.41
CA GLU C 138 -26.13 -11.64 15.25
C GLU C 138 -26.55 -10.44 14.42
N ASP C 139 -26.41 -9.25 14.98
CA ASP C 139 -26.75 -8.02 14.28
C ASP C 139 -25.44 -7.34 13.88
N GLY C 140 -24.43 -8.17 13.72
CA GLY C 140 -23.13 -7.68 13.34
C GLY C 140 -22.29 -7.46 14.57
N ASN C 141 -21.02 -7.20 14.38
CA ASN C 141 -20.13 -6.97 15.51
C ASN C 141 -20.42 -5.66 16.19
N TRP C 142 -20.12 -5.60 17.46
CA TRP C 142 -20.29 -4.41 18.26
C TRP C 142 -18.94 -4.24 18.92
N ASP C 143 -18.32 -3.10 18.72
CA ASP C 143 -17.02 -2.86 19.32
C ASP C 143 -17.14 -1.80 20.40
N LEU C 144 -16.78 -2.18 21.62
CA LEU C 144 -16.83 -1.25 22.74
C LEU C 144 -15.38 -0.89 23.02
N VAL C 145 -14.86 0.06 22.25
CA VAL C 145 -13.47 0.47 22.40
C VAL C 145 -13.22 1.29 23.65
N GLY C 146 -13.14 0.59 24.77
CA GLY C 146 -12.91 1.28 26.05
C GLY C 146 -11.48 1.45 26.54
N ASN C 147 -11.38 2.03 27.72
CA ASN C 147 -10.13 2.29 28.39
C ASN C 147 -10.27 1.88 29.85
N ASN C 148 -9.16 1.87 30.59
CA ASN C 148 -9.20 1.51 32.00
C ASN C 148 -9.51 2.73 32.88
N THR C 149 -10.18 3.71 32.30
CA THR C 149 -10.58 4.96 32.99
C THR C 149 -11.89 5.45 32.35
N PRO C 150 -12.75 6.12 33.13
CA PRO C 150 -14.01 6.63 32.58
C PRO C 150 -13.98 8.04 32.00
N ILE C 151 -12.81 8.65 31.93
CA ILE C 151 -12.70 10.01 31.40
C ILE C 151 -11.46 10.17 30.53
N PHE C 152 -11.39 11.28 29.80
CA PHE C 152 -10.21 11.53 28.95
C PHE C 152 -9.72 12.98 29.05
N PHE C 153 -8.41 13.13 28.85
CA PHE C 153 -7.74 14.43 28.91
C PHE C 153 -8.41 15.60 28.15
N ILE C 154 -9.12 15.31 27.07
CA ILE C 154 -9.76 16.34 26.24
C ILE C 154 -11.20 16.06 25.83
N ARG C 155 -11.88 17.07 25.28
CA ARG C 155 -13.27 16.91 24.86
C ARG C 155 -13.58 17.41 23.45
N ASP C 156 -12.62 17.30 22.54
CA ASP C 156 -12.84 17.71 21.16
C ASP C 156 -11.82 17.00 20.29
N ALA C 157 -12.29 16.17 19.38
CA ALA C 157 -11.40 15.42 18.50
C ALA C 157 -10.22 16.22 17.99
N LEU C 158 -10.47 17.46 17.58
CA LEU C 158 -9.42 18.32 17.05
C LEU C 158 -8.17 18.42 17.91
N LEU C 159 -8.32 18.21 19.22
CA LEU C 159 -7.20 18.30 20.15
C LEU C 159 -6.40 17.01 20.26
N PHE C 160 -7.00 15.91 19.82
CA PHE C 160 -6.35 14.61 19.91
C PHE C 160 -5.05 14.40 19.16
N PRO C 161 -5.04 14.67 17.84
CA PRO C 161 -3.78 14.48 17.10
C PRO C 161 -2.65 15.25 17.78
N SER C 162 -3.01 16.43 18.27
CA SER C 162 -2.05 17.29 18.94
C SER C 162 -1.69 16.72 20.32
N PHE C 163 -2.68 16.24 21.05
CA PHE C 163 -2.44 15.67 22.35
C PHE C 163 -1.46 14.54 22.21
N ILE C 164 -1.85 13.53 21.48
CA ILE C 164 -1.01 12.36 21.25
C ILE C 164 0.41 12.71 20.89
N HIS C 165 0.61 13.76 20.08
CA HIS C 165 1.95 14.15 19.71
C HIS C 165 2.79 14.51 20.94
N SER C 166 2.17 15.24 21.87
CA SER C 166 2.84 15.65 23.10
C SER C 166 3.38 14.46 23.91
N GLN C 167 2.54 13.45 24.11
CA GLN C 167 2.90 12.25 24.86
C GLN C 167 3.90 11.36 24.14
N LYS C 168 4.07 11.59 22.83
CA LYS C 168 4.98 10.81 22.03
C LYS C 168 6.40 11.38 22.00
N ARG C 169 7.12 11.16 20.88
CA ARG C 169 8.49 11.65 20.76
C ARG C 169 8.65 13.03 20.13
N ASN C 170 9.82 13.63 20.35
CA ASN C 170 10.15 14.95 19.82
C ASN C 170 10.41 14.81 18.32
N PRO C 171 9.79 15.68 17.50
CA PRO C 171 9.95 15.67 16.04
C PRO C 171 11.38 15.62 15.51
N GLN C 172 12.33 16.13 16.30
CA GLN C 172 13.70 16.16 15.88
C GLN C 172 14.66 15.30 16.69
N THR C 173 14.56 15.34 18.02
CA THR C 173 15.46 14.55 18.87
C THR C 173 14.91 13.16 19.13
N HIS C 174 13.67 12.93 18.67
CA HIS C 174 13.03 11.64 18.80
C HIS C 174 12.98 11.05 20.23
N LEU C 175 13.14 11.88 21.25
CA LEU C 175 13.09 11.38 22.61
C LEU C 175 11.77 11.84 23.25
N LYS C 176 11.42 11.27 24.42
CA LYS C 176 10.21 11.67 25.12
C LYS C 176 10.49 13.09 25.59
N ASP C 177 9.48 13.96 25.55
CA ASP C 177 9.69 15.36 25.90
C ASP C 177 8.67 15.96 26.87
N PRO C 178 9.11 16.27 28.11
CA PRO C 178 8.24 16.85 29.16
C PRO C 178 7.78 18.28 28.85
N ASP C 179 8.50 18.94 27.96
CA ASP C 179 8.14 20.31 27.56
C ASP C 179 6.84 20.23 26.75
N MET C 180 6.74 19.24 25.87
CA MET C 180 5.56 19.04 25.05
C MET C 180 4.45 18.50 25.93
N VAL C 181 4.80 17.50 26.74
CA VAL C 181 3.81 16.90 27.63
C VAL C 181 3.04 18.00 28.35
N TRP C 182 3.75 18.67 29.23
CA TRP C 182 3.21 19.73 30.04
C TRP C 182 2.72 20.96 29.31
N ASP C 183 3.56 21.55 28.46
CA ASP C 183 3.14 22.73 27.71
C ASP C 183 1.70 22.50 27.28
N PHE C 184 1.45 21.33 26.69
CA PHE C 184 0.12 20.99 26.23
C PHE C 184 -0.87 21.00 27.38
N TRP C 185 -0.60 20.15 28.36
CA TRP C 185 -1.45 20.04 29.54
C TRP C 185 -1.66 21.36 30.28
N SER C 186 -0.63 22.23 30.26
CA SER C 186 -0.71 23.52 30.92
C SER C 186 -1.75 24.39 30.23
N LEU C 187 -1.55 24.61 28.94
CA LEU C 187 -2.44 25.45 28.14
C LEU C 187 -3.81 24.77 28.01
N ARG C 188 -3.91 23.54 28.46
CA ARG C 188 -5.15 22.80 28.38
C ARG C 188 -5.45 22.13 29.71
N PRO C 189 -6.15 22.85 30.61
CA PRO C 189 -6.55 22.41 31.96
C PRO C 189 -7.67 21.37 32.07
N GLU C 190 -8.55 21.29 31.06
CA GLU C 190 -9.63 20.31 31.09
C GLU C 190 -9.08 18.92 31.32
N SER C 191 -7.78 18.76 31.08
CA SER C 191 -7.11 17.48 31.28
C SER C 191 -6.96 17.12 32.75
N LEU C 192 -7.06 18.13 33.61
CA LEU C 192 -6.94 17.98 35.06
C LEU C 192 -7.60 16.73 35.64
N HIS C 193 -8.86 16.52 35.33
CA HIS C 193 -9.55 15.35 35.85
C HIS C 193 -8.80 14.05 35.59
N GLN C 194 -8.42 13.83 34.33
CA GLN C 194 -7.69 12.63 33.93
C GLN C 194 -6.23 12.62 34.37
N VAL C 195 -5.56 13.77 34.27
CA VAL C 195 -4.17 13.84 34.67
C VAL C 195 -4.03 13.38 36.13
N SER C 196 -4.98 13.77 36.96
CA SER C 196 -4.99 13.40 38.38
C SER C 196 -5.14 11.89 38.49
N PHE C 197 -6.19 11.39 37.85
CA PHE C 197 -6.51 9.97 37.84
C PHE C 197 -5.27 9.23 37.35
N LEU C 198 -4.70 9.69 36.23
CA LEU C 198 -3.51 9.06 35.67
C LEU C 198 -2.38 8.94 36.68
N PHE C 199 -1.86 10.09 37.14
CA PHE C 199 -0.78 10.11 38.10
C PHE C 199 -1.14 9.46 39.42
N SER C 200 -2.38 9.03 39.53
CA SER C 200 -2.85 8.37 40.75
C SER C 200 -2.20 7.00 40.80
N ASP C 201 -2.68 6.18 41.72
CA ASP C 201 -2.16 4.83 41.90
C ASP C 201 -2.56 3.98 40.70
N ARG C 202 -3.73 4.24 40.15
CA ARG C 202 -4.25 3.48 39.02
C ARG C 202 -3.38 3.56 37.75
N GLY C 203 -2.46 4.51 37.74
CA GLY C 203 -1.56 4.69 36.58
C GLY C 203 -0.91 3.40 36.11
N ILE C 204 -0.65 2.49 37.01
CA ILE C 204 -0.01 1.23 36.63
C ILE C 204 -0.75 0.03 37.19
N PRO C 205 -1.84 -0.38 36.53
CA PRO C 205 -2.60 -1.56 36.97
C PRO C 205 -1.67 -2.76 36.89
N ASP C 206 -2.01 -3.89 37.49
CA ASP C 206 -1.12 -5.02 37.36
C ASP C 206 -1.19 -5.54 35.95
N GLY C 207 -1.81 -6.62 35.73
CA GLY C 207 -1.86 -7.04 34.39
C GLY C 207 -3.05 -6.41 33.73
N HIS C 208 -3.47 -7.15 32.77
CA HIS C 208 -4.70 -6.96 32.12
C HIS C 208 -5.60 -8.03 32.78
N ARG C 209 -6.12 -7.65 33.94
CA ARG C 209 -6.99 -8.42 34.89
C ARG C 209 -6.78 -7.71 36.20
N HIS C 210 -7.72 -7.23 36.86
CA HIS C 210 -7.39 -6.20 37.78
C HIS C 210 -6.96 -5.15 36.98
N MET C 211 -8.04 -4.66 36.70
CA MET C 211 -8.24 -3.52 36.09
C MET C 211 -9.63 -3.55 35.59
N ASP C 212 -10.14 -2.39 35.64
CA ASP C 212 -11.44 -2.17 35.24
C ASP C 212 -11.48 -1.66 33.82
N GLY C 213 -12.66 -1.73 33.20
CA GLY C 213 -12.83 -1.25 31.85
C GLY C 213 -14.03 -0.32 31.85
N TYR C 214 -13.94 0.78 31.10
CA TYR C 214 -15.02 1.74 31.01
C TYR C 214 -15.35 2.12 29.59
N GLY C 215 -16.62 2.11 29.25
CA GLY C 215 -17.04 2.51 27.92
C GLY C 215 -16.61 3.95 27.71
N SER C 216 -16.43 4.65 28.84
CA SER C 216 -16.01 6.05 28.86
C SER C 216 -17.02 7.05 28.28
N HIS C 217 -17.22 7.03 26.96
CA HIS C 217 -18.17 7.96 26.35
C HIS C 217 -19.59 7.66 26.80
N THR C 218 -20.47 8.61 26.52
CA THR C 218 -21.88 8.45 26.82
C THR C 218 -22.44 7.83 25.56
N PHE C 219 -23.43 6.96 25.67
CA PHE C 219 -24.00 6.37 24.48
C PHE C 219 -25.50 6.56 24.46
N LYS C 220 -26.18 5.72 23.68
CA LYS C 220 -27.62 5.81 23.58
C LYS C 220 -28.14 4.39 23.44
N LEU C 221 -29.27 4.12 24.09
CA LEU C 221 -29.86 2.81 24.02
C LEU C 221 -31.25 2.95 23.50
N VAL C 222 -31.68 2.03 22.66
CA VAL C 222 -33.01 2.08 22.08
C VAL C 222 -33.73 0.75 22.26
N ASN C 223 -34.99 0.82 22.69
CA ASN C 223 -35.80 -0.37 22.91
C ASN C 223 -36.75 -0.64 21.76
N ALA C 224 -37.36 -1.81 21.78
CA ALA C 224 -38.28 -2.23 20.72
C ALA C 224 -39.45 -1.26 20.54
N ASP C 225 -39.42 -0.14 21.27
CA ASP C 225 -40.49 0.82 21.18
C ASP C 225 -39.99 2.22 20.86
N GLY C 226 -38.81 2.29 20.25
CA GLY C 226 -38.22 3.56 19.88
C GLY C 226 -37.82 4.54 20.96
N GLU C 227 -38.05 4.21 22.23
CA GLU C 227 -37.67 5.13 23.30
C GLU C 227 -36.19 4.99 23.60
N ALA C 228 -35.48 6.09 23.45
CA ALA C 228 -34.05 6.08 23.69
C ALA C 228 -33.68 6.68 25.02
N VAL C 229 -32.54 6.25 25.55
CA VAL C 229 -32.03 6.73 26.82
C VAL C 229 -30.51 6.73 26.72
N TYR C 230 -29.86 7.59 27.51
CA TYR C 230 -28.40 7.65 27.51
C TYR C 230 -27.82 6.74 28.59
N CYS C 231 -26.58 6.32 28.41
CA CYS C 231 -25.92 5.42 29.36
C CYS C 231 -24.40 5.40 29.24
N LYS C 232 -23.82 4.91 30.32
CA LYS C 232 -22.38 4.73 30.49
C LYS C 232 -22.12 3.25 30.74
N PHE C 233 -21.16 2.70 30.03
CA PHE C 233 -20.82 1.28 30.18
C PHE C 233 -19.77 1.10 31.24
N HIS C 234 -19.90 0.01 32.02
CA HIS C 234 -18.94 -0.25 33.05
C HIS C 234 -18.76 -1.74 33.15
N TYR C 235 -17.52 -2.19 33.20
CA TYR C 235 -17.28 -3.61 33.37
C TYR C 235 -16.19 -3.70 34.42
N LYS C 236 -16.61 -3.96 35.66
CA LYS C 236 -15.69 -4.04 36.79
C LYS C 236 -14.99 -5.39 36.86
N THR C 237 -13.72 -5.33 37.24
CA THR C 237 -12.90 -6.53 37.35
C THR C 237 -13.43 -7.41 38.44
N ASP C 238 -13.32 -8.73 38.24
CA ASP C 238 -13.77 -9.68 39.25
C ASP C 238 -12.57 -10.10 40.07
N GLN C 239 -11.39 -9.61 39.69
CA GLN C 239 -10.16 -9.94 40.42
C GLN C 239 -9.71 -8.77 41.28
N GLY C 240 -10.61 -7.82 41.52
CA GLY C 240 -10.28 -6.68 42.35
C GLY C 240 -9.10 -5.82 41.97
N ILE C 241 -9.38 -4.51 41.84
CA ILE C 241 -8.40 -3.51 41.49
C ILE C 241 -7.08 -3.69 42.23
N LYS C 242 -5.99 -3.92 41.48
CA LYS C 242 -4.67 -4.09 42.07
C LYS C 242 -3.67 -3.36 41.20
N ASN C 243 -2.96 -2.39 41.78
CA ASN C 243 -1.97 -1.64 41.01
C ASN C 243 -0.53 -1.97 41.38
N LEU C 244 0.42 -1.45 40.60
CA LEU C 244 1.82 -1.67 40.83
C LEU C 244 2.48 -0.44 41.43
N SER C 245 3.53 -0.67 42.24
CA SER C 245 4.23 0.44 42.85
C SER C 245 5.13 1.07 41.80
N VAL C 246 5.46 2.33 42.01
CA VAL C 246 6.29 3.07 41.07
C VAL C 246 7.61 2.36 40.82
N GLU C 247 8.33 2.03 41.89
CA GLU C 247 9.62 1.35 41.75
C GLU C 247 9.39 -0.06 41.22
N ASP C 248 8.48 -0.78 41.85
CA ASP C 248 8.15 -2.14 41.44
C ASP C 248 7.99 -2.15 39.93
N ALA C 249 6.96 -1.49 39.46
CA ALA C 249 6.67 -1.41 38.04
C ALA C 249 7.87 -0.83 37.30
N ALA C 250 8.66 -0.02 38.00
CA ALA C 250 9.84 0.61 37.40
C ALA C 250 10.95 -0.37 37.09
N ARG C 251 11.03 -1.47 37.83
CA ARG C 251 12.07 -2.46 37.61
C ARG C 251 11.55 -3.50 36.62
N LEU C 252 10.29 -3.87 36.79
CA LEU C 252 9.66 -4.84 35.89
C LEU C 252 9.83 -4.27 34.49
N ALA C 253 9.86 -2.95 34.40
CA ALA C 253 10.01 -2.24 33.16
C ALA C 253 11.14 -2.84 32.33
N HIS C 254 12.27 -3.15 32.98
CA HIS C 254 13.38 -3.73 32.25
C HIS C 254 13.53 -5.21 32.61
N GLU C 255 12.99 -5.60 33.75
CA GLU C 255 13.06 -6.99 34.17
C GLU C 255 12.21 -7.81 33.19
N ASP C 256 10.97 -7.38 33.01
CA ASP C 256 10.03 -8.02 32.11
C ASP C 256 9.07 -7.00 31.51
N PRO C 257 9.46 -6.40 30.38
CA PRO C 257 8.66 -5.40 29.66
C PRO C 257 7.34 -5.96 29.16
N ASP C 258 7.30 -7.26 28.95
CA ASP C 258 6.07 -7.92 28.48
C ASP C 258 5.27 -8.48 29.65
N TYR C 259 5.52 -7.92 30.83
CA TYR C 259 4.87 -8.35 32.07
C TYR C 259 3.39 -8.65 31.87
N GLY C 260 2.66 -7.71 31.28
CA GLY C 260 1.25 -7.92 31.05
C GLY C 260 1.05 -9.18 30.24
N LEU C 261 1.63 -9.20 29.04
CA LEU C 261 1.51 -10.34 28.14
C LEU C 261 1.68 -11.67 28.85
N ARG C 262 2.71 -11.73 29.71
CA ARG C 262 2.99 -12.96 30.45
C ARG C 262 1.83 -13.28 31.38
N ASP C 263 1.45 -12.31 32.20
CA ASP C 263 0.38 -12.49 33.16
C ASP C 263 -0.91 -12.99 32.53
N LEU C 264 -1.40 -12.26 31.54
CA LEU C 264 -2.63 -12.63 30.87
C LEU C 264 -2.58 -14.01 30.21
N PHE C 265 -1.42 -14.35 29.64
CA PHE C 265 -1.31 -15.64 28.99
C PHE C 265 -1.34 -16.77 29.98
N ASN C 266 -0.52 -16.69 31.00
CA ASN C 266 -0.44 -17.73 32.02
C ASN C 266 -1.71 -17.95 32.81
N ALA C 267 -2.42 -16.86 33.12
CA ALA C 267 -3.67 -16.92 33.84
C ALA C 267 -4.61 -17.83 33.07
N ILE C 268 -4.93 -17.42 31.87
CA ILE C 268 -5.82 -18.16 30.99
C ILE C 268 -5.30 -19.57 30.76
N ALA C 269 -4.02 -19.67 30.49
CA ALA C 269 -3.40 -20.95 30.22
C ALA C 269 -3.56 -21.96 31.33
N THR C 270 -3.58 -21.51 32.59
CA THR C 270 -3.71 -22.40 33.72
C THR C 270 -5.15 -22.65 34.19
N GLY C 271 -6.13 -22.12 33.49
CA GLY C 271 -7.50 -22.32 33.90
C GLY C 271 -8.00 -21.18 34.74
N ASN C 272 -7.15 -20.23 35.05
CA ASN C 272 -7.55 -19.09 35.88
C ASN C 272 -8.19 -17.94 35.11
N TYR C 273 -9.11 -18.28 34.21
CA TYR C 273 -9.79 -17.30 33.38
C TYR C 273 -10.33 -16.08 34.14
N PRO C 274 -9.88 -14.88 33.77
CA PRO C 274 -10.38 -13.68 34.46
C PRO C 274 -11.75 -13.33 33.91
N SER C 275 -12.48 -12.48 34.64
CA SER C 275 -13.81 -12.08 34.19
C SER C 275 -14.14 -10.67 34.66
N TRP C 276 -15.20 -10.10 34.08
CA TRP C 276 -15.64 -8.75 34.42
C TRP C 276 -17.15 -8.68 34.41
N THR C 277 -17.73 -7.82 35.23
CA THR C 277 -19.17 -7.67 35.26
C THR C 277 -19.55 -6.35 34.63
N LEU C 278 -20.41 -6.42 33.61
CA LEU C 278 -20.84 -5.23 32.87
C LEU C 278 -22.00 -4.53 33.54
N TYR C 279 -21.87 -3.22 33.67
CA TYR C 279 -22.87 -2.35 34.28
C TYR C 279 -23.19 -1.20 33.35
N ILE C 280 -24.32 -0.57 33.58
CA ILE C 280 -24.71 0.58 32.78
C ILE C 280 -25.35 1.63 33.67
N GLN C 281 -25.00 2.89 33.40
CA GLN C 281 -25.61 3.98 34.12
C GLN C 281 -26.58 4.51 33.08
N VAL C 282 -27.83 4.70 33.45
CA VAL C 282 -28.81 5.21 32.49
C VAL C 282 -29.26 6.61 32.86
N MET C 283 -29.35 7.48 31.86
CA MET C 283 -29.78 8.85 32.06
C MET C 283 -30.80 9.19 30.98
N THR C 284 -31.98 9.66 31.41
CA THR C 284 -33.05 10.00 30.46
C THR C 284 -32.77 11.34 29.81
N PHE C 285 -33.35 11.56 28.64
CA PHE C 285 -33.17 12.84 27.95
C PHE C 285 -33.61 14.00 28.84
N SER C 286 -34.59 13.74 29.72
CA SER C 286 -35.05 14.77 30.65
C SER C 286 -33.86 15.12 31.52
N GLU C 287 -33.41 14.14 32.29
CA GLU C 287 -32.28 14.32 33.19
C GLU C 287 -31.09 14.90 32.43
N ALA C 288 -30.83 14.36 31.24
CA ALA C 288 -29.71 14.83 30.43
C ALA C 288 -29.86 16.33 30.29
N GLU C 289 -31.10 16.80 30.30
CA GLU C 289 -31.37 18.21 30.17
C GLU C 289 -31.02 18.96 31.46
N ILE C 290 -31.60 18.51 32.58
CA ILE C 290 -31.36 19.15 33.86
C ILE C 290 -29.91 18.96 34.31
N PHE C 291 -29.40 17.75 34.18
CA PHE C 291 -28.05 17.43 34.57
C PHE C 291 -27.14 18.66 34.48
N PRO C 292 -26.37 18.94 35.52
CA PRO C 292 -25.44 20.08 35.58
C PRO C 292 -24.28 20.73 35.29
N PHE C 293 -23.35 19.87 34.38
CA PHE C 293 -22.46 20.07 33.23
C PHE C 293 -22.84 19.20 32.04
N ASN C 294 -22.30 19.52 30.87
CA ASN C 294 -22.62 18.77 29.68
C ASN C 294 -22.49 17.28 29.96
N PRO C 295 -23.58 16.54 29.76
CA PRO C 295 -23.62 15.08 29.99
C PRO C 295 -22.84 14.33 28.93
N PHE C 296 -22.35 15.05 27.94
CA PHE C 296 -21.60 14.44 26.85
C PHE C 296 -20.12 14.81 26.93
N ASP C 297 -19.78 15.61 27.94
CA ASP C 297 -18.40 16.01 28.14
C ASP C 297 -17.67 14.73 28.56
N LEU C 298 -16.51 14.48 27.94
CA LEU C 298 -15.75 13.28 28.24
C LEU C 298 -14.88 13.44 29.50
N THR C 299 -14.66 14.68 29.93
CA THR C 299 -13.86 14.94 31.12
C THR C 299 -14.74 15.00 32.36
N LYS C 300 -15.97 14.51 32.23
CA LYS C 300 -16.95 14.49 33.33
C LYS C 300 -17.43 13.05 33.53
N VAL C 301 -17.97 12.76 34.69
CA VAL C 301 -18.48 11.42 35.02
C VAL C 301 -19.82 11.47 35.75
N TRP C 302 -20.66 10.49 35.49
CA TRP C 302 -21.96 10.41 36.15
C TRP C 302 -21.69 9.74 37.49
N PRO C 303 -22.14 10.35 38.60
CA PRO C 303 -21.93 9.77 39.94
C PRO C 303 -22.98 8.75 40.33
N HIS C 304 -22.53 7.56 40.75
CA HIS C 304 -23.44 6.49 41.13
C HIS C 304 -24.48 7.05 42.09
N GLY C 305 -24.20 8.25 42.60
CA GLY C 305 -25.10 8.89 43.52
C GLY C 305 -26.49 9.01 42.94
N ASP C 306 -26.60 9.74 41.83
CA ASP C 306 -27.89 9.94 41.18
C ASP C 306 -28.14 8.93 40.06
N TYR C 307 -27.08 8.46 39.41
CA TYR C 307 -27.23 7.47 38.35
C TYR C 307 -26.47 6.20 38.76
N PRO C 308 -27.13 5.35 39.52
CA PRO C 308 -26.59 4.08 40.04
C PRO C 308 -26.33 2.97 39.03
N LEU C 309 -25.18 2.35 39.17
CA LEU C 309 -24.73 1.27 38.29
C LEU C 309 -25.71 0.11 38.25
N ILE C 310 -26.13 -0.28 37.06
CA ILE C 310 -27.05 -1.40 36.90
C ILE C 310 -26.30 -2.61 36.36
N PRO C 311 -26.63 -3.80 36.84
CA PRO C 311 -25.94 -5.00 36.35
C PRO C 311 -26.51 -5.54 35.02
N VAL C 312 -25.63 -5.92 34.13
CA VAL C 312 -26.01 -6.45 32.82
C VAL C 312 -25.48 -7.85 32.49
N GLY C 313 -24.16 -8.07 32.60
CA GLY C 313 -23.64 -9.37 32.28
C GLY C 313 -22.17 -9.61 32.54
N LYS C 314 -21.73 -10.84 32.30
CA LYS C 314 -20.35 -11.21 32.53
C LYS C 314 -19.44 -11.36 31.31
N LEU C 315 -18.23 -10.84 31.46
CA LEU C 315 -17.20 -10.92 30.43
C LEU C 315 -16.19 -11.97 30.89
N VAL C 316 -16.13 -13.08 30.18
CA VAL C 316 -15.21 -14.16 30.52
C VAL C 316 -14.18 -14.40 29.40
N LEU C 317 -12.90 -14.49 29.78
CA LEU C 317 -11.83 -14.75 28.79
C LEU C 317 -11.18 -16.10 29.11
N ASN C 318 -11.56 -17.12 28.37
CA ASN C 318 -11.03 -18.46 28.61
C ASN C 318 -10.19 -19.01 27.46
N ARG C 319 -9.88 -18.18 26.48
CA ARG C 319 -9.08 -18.64 25.34
C ARG C 319 -7.92 -17.69 25.03
N ASN C 320 -6.78 -18.27 24.68
CA ASN C 320 -5.59 -17.54 24.33
C ASN C 320 -5.40 -17.48 22.82
N PRO C 321 -4.68 -16.47 22.30
CA PRO C 321 -4.50 -16.44 20.85
C PRO C 321 -3.54 -17.55 20.45
N VAL C 322 -3.83 -18.24 19.36
CA VAL C 322 -2.96 -19.31 18.89
C VAL C 322 -1.77 -18.64 18.23
N ASN C 323 -2.05 -17.83 17.23
CA ASN C 323 -1.04 -17.08 16.54
C ASN C 323 -1.32 -15.61 16.83
N TYR C 324 -0.42 -15.00 17.58
CA TYR C 324 -0.58 -13.61 18.00
C TYR C 324 -0.78 -12.59 16.90
N PHE C 325 0.11 -12.54 15.92
CA PHE C 325 -0.02 -11.56 14.84
C PHE C 325 -1.37 -11.67 14.18
N ALA C 326 -1.71 -12.88 13.80
CA ALA C 326 -2.95 -13.15 13.10
C ALA C 326 -4.20 -12.78 13.91
N GLU C 327 -4.23 -13.13 15.18
CA GLU C 327 -5.39 -12.90 16.02
C GLU C 327 -5.43 -11.67 16.92
N VAL C 328 -4.28 -11.05 17.21
CA VAL C 328 -4.27 -9.88 18.10
C VAL C 328 -3.78 -8.62 17.40
N GLU C 329 -2.64 -8.74 16.77
CA GLU C 329 -2.03 -7.62 16.07
C GLU C 329 -3.00 -7.06 15.03
N GLN C 330 -3.51 -7.93 14.14
CA GLN C 330 -4.42 -7.52 13.10
C GLN C 330 -5.82 -7.19 13.59
N LEU C 331 -6.04 -7.27 14.90
CA LEU C 331 -7.34 -6.98 15.48
C LEU C 331 -7.72 -5.53 15.23
N ALA C 332 -8.96 -5.30 14.78
CA ALA C 332 -9.43 -3.96 14.50
C ALA C 332 -10.77 -3.75 15.19
N PHE C 333 -10.86 -2.68 15.99
CA PHE C 333 -12.07 -2.36 16.71
C PHE C 333 -12.61 -1.02 16.20
N ASP C 334 -13.91 -0.97 15.89
CA ASP C 334 -14.49 0.25 15.40
C ASP C 334 -15.64 0.69 16.28
N PRO C 335 -15.47 1.78 17.02
CA PRO C 335 -16.55 2.25 17.90
C PRO C 335 -17.84 2.43 17.07
N SER C 336 -17.67 2.73 15.78
CA SER C 336 -18.78 2.92 14.89
C SER C 336 -19.56 1.62 14.63
N ASN C 337 -19.03 0.49 15.07
CA ASN C 337 -19.74 -0.78 14.92
C ASN C 337 -20.72 -0.95 16.05
N MET C 338 -21.94 -0.47 15.87
CA MET C 338 -22.96 -0.59 16.91
C MET C 338 -24.25 -1.17 16.36
N PRO C 339 -24.65 -2.33 16.87
CA PRO C 339 -25.89 -2.98 16.41
C PRO C 339 -27.15 -2.19 16.82
N PRO C 340 -28.33 -2.62 16.30
CA PRO C 340 -29.59 -1.94 16.64
C PRO C 340 -29.90 -2.04 18.15
N GLY C 341 -30.02 -0.88 18.77
CA GLY C 341 -30.28 -0.82 20.19
C GLY C 341 -29.23 0.09 20.82
N ILE C 342 -28.08 0.19 20.14
CA ILE C 342 -26.97 1.01 20.60
C ILE C 342 -26.62 2.07 19.56
N GLU C 343 -26.50 3.31 20.00
CA GLU C 343 -26.18 4.40 19.10
C GLU C 343 -25.23 5.43 19.68
N PRO C 344 -24.51 6.14 18.81
CA PRO C 344 -23.60 7.16 19.32
C PRO C 344 -24.32 8.21 20.13
N SER C 345 -23.52 9.10 20.71
CA SER C 345 -24.02 10.20 21.49
C SER C 345 -23.27 11.42 21.01
N PRO C 346 -23.89 12.60 21.14
CA PRO C 346 -23.27 13.85 20.70
C PRO C 346 -21.81 14.11 21.13
N ASP C 347 -21.22 13.23 21.95
CA ASP C 347 -19.84 13.44 22.39
C ASP C 347 -18.94 13.89 21.26
N LYS C 348 -18.44 15.12 21.36
CA LYS C 348 -17.55 15.71 20.34
C LYS C 348 -16.37 14.76 20.15
N MET C 349 -15.94 14.19 21.27
CA MET C 349 -14.85 13.24 21.27
C MET C 349 -15.27 11.98 20.52
N LEU C 350 -16.40 11.40 20.94
CA LEU C 350 -16.92 10.20 20.29
C LEU C 350 -17.05 10.37 18.77
N GLN C 351 -18.01 11.20 18.36
CA GLN C 351 -18.23 11.48 16.95
C GLN C 351 -16.95 11.32 16.14
N GLY C 352 -15.92 12.03 16.56
CA GLY C 352 -14.65 11.96 15.89
C GLY C 352 -14.16 10.54 15.78
N ARG C 353 -14.24 9.79 16.88
CA ARG C 353 -13.81 8.40 16.87
C ARG C 353 -14.60 7.59 15.83
N LEU C 354 -15.83 8.03 15.56
CA LEU C 354 -16.67 7.35 14.58
C LEU C 354 -16.02 7.30 13.19
N PHE C 355 -15.03 8.16 12.94
CA PHE C 355 -14.35 8.18 11.66
C PHE C 355 -12.94 7.65 11.71
N ALA C 356 -12.17 8.11 12.69
CA ALA C 356 -10.77 7.70 12.79
C ALA C 356 -10.53 6.21 12.72
N TYR C 357 -11.25 5.44 13.52
CA TYR C 357 -11.03 4.01 13.55
C TYR C 357 -11.14 3.23 12.26
N PRO C 358 -12.27 3.31 11.54
CA PRO C 358 -12.29 2.53 10.30
C PRO C 358 -11.25 3.13 9.32
N ASP C 359 -11.21 4.44 9.29
CA ASP C 359 -10.29 5.16 8.43
C ASP C 359 -8.86 4.67 8.58
N THR C 360 -8.38 4.59 9.82
CA THR C 360 -7.03 4.13 10.07
C THR C 360 -6.88 2.64 9.82
N HIS C 361 -7.91 1.88 10.03
CA HIS C 361 -7.84 0.44 9.79
C HIS C 361 -7.60 0.14 8.32
N ARG C 362 -8.23 0.91 7.45
CA ARG C 362 -8.08 0.74 6.00
C ARG C 362 -6.65 1.09 5.60
N HIS C 363 -5.99 1.87 6.44
CA HIS C 363 -4.64 2.29 6.20
C HIS C 363 -3.68 1.26 6.76
N ARG C 364 -3.79 0.97 8.05
CA ARG C 364 -2.93 0.00 8.72
C ARG C 364 -3.12 -1.44 8.26
N LEU C 365 -4.36 -1.87 8.07
CA LEU C 365 -4.64 -3.22 7.66
C LEU C 365 -5.04 -3.41 6.20
N GLY C 366 -5.67 -2.39 5.62
CA GLY C 366 -6.08 -2.51 4.24
C GLY C 366 -7.58 -2.33 4.08
N PRO C 367 -8.02 -1.97 2.86
CA PRO C 367 -9.44 -1.77 2.59
C PRO C 367 -10.37 -2.88 3.07
N ASN C 368 -10.03 -4.15 2.77
CA ASN C 368 -10.85 -5.27 3.16
C ASN C 368 -10.53 -5.85 4.52
N TYR C 369 -10.10 -5.01 5.44
CA TYR C 369 -9.75 -5.50 6.77
C TYR C 369 -10.87 -6.27 7.50
N LEU C 370 -12.13 -5.93 7.27
CA LEU C 370 -13.22 -6.65 7.92
C LEU C 370 -13.32 -8.08 7.43
N GLN C 371 -12.43 -8.43 6.51
CA GLN C 371 -12.39 -9.76 5.93
C GLN C 371 -11.29 -10.60 6.56
N ILE C 372 -10.54 -9.99 7.48
CA ILE C 372 -9.52 -10.72 8.18
C ILE C 372 -10.31 -11.51 9.19
N PRO C 373 -10.07 -12.83 9.29
CA PRO C 373 -10.79 -13.69 10.22
C PRO C 373 -11.28 -13.07 11.53
N VAL C 374 -10.39 -12.65 12.42
CA VAL C 374 -10.81 -12.08 13.70
C VAL C 374 -11.63 -10.81 13.65
N ASN C 375 -11.70 -10.15 12.51
CA ASN C 375 -12.48 -8.92 12.39
C ASN C 375 -13.78 -9.18 11.71
N CYS C 376 -13.89 -10.32 11.04
CA CYS C 376 -15.10 -10.69 10.33
C CYS C 376 -16.29 -10.85 11.29
N PRO C 377 -17.48 -10.41 10.88
CA PRO C 377 -18.69 -10.54 11.71
C PRO C 377 -19.27 -11.88 11.37
N TYR C 378 -18.57 -12.91 11.77
CA TYR C 378 -18.95 -14.29 11.46
C TYR C 378 -20.27 -14.85 12.04
N ARG C 379 -20.79 -14.25 13.10
CA ARG C 379 -22.05 -14.73 13.64
C ARG C 379 -23.19 -13.94 13.04
N ALA C 380 -22.93 -13.38 11.86
CA ALA C 380 -23.91 -12.57 11.13
C ALA C 380 -23.82 -13.00 9.67
N ARG C 381 -24.48 -12.26 8.78
CA ARG C 381 -24.44 -12.56 7.36
C ARG C 381 -24.20 -11.31 6.54
N VAL C 382 -22.94 -10.95 6.35
CA VAL C 382 -22.60 -9.76 5.59
C VAL C 382 -22.99 -9.90 4.13
N ALA C 383 -24.01 -9.15 3.74
CA ALA C 383 -24.52 -9.17 2.39
C ALA C 383 -24.83 -7.70 2.09
N ASN C 384 -24.30 -7.21 0.99
CA ASN C 384 -24.54 -5.84 0.62
C ASN C 384 -24.18 -5.58 -0.82
N TYR C 385 -23.87 -4.33 -1.12
CA TYR C 385 -23.53 -3.92 -2.47
C TYR C 385 -22.13 -3.33 -2.55
N GLN C 386 -21.21 -3.93 -1.78
CA GLN C 386 -19.84 -3.49 -1.78
C GLN C 386 -19.06 -4.58 -2.48
N ARG C 387 -18.12 -4.20 -3.35
CA ARG C 387 -17.34 -5.16 -4.08
C ARG C 387 -15.90 -4.82 -4.19
N ASP C 388 -15.14 -5.80 -4.63
CA ASP C 388 -13.72 -5.67 -4.90
C ASP C 388 -12.85 -5.13 -3.76
N GLY C 389 -11.88 -4.33 -4.12
CA GLY C 389 -10.95 -3.81 -3.11
C GLY C 389 -9.79 -4.78 -3.09
N PRO C 390 -8.59 -4.33 -2.72
CA PRO C 390 -7.40 -5.21 -2.66
C PRO C 390 -7.50 -6.35 -1.69
N MET C 391 -6.73 -7.40 -1.94
CA MET C 391 -6.71 -8.61 -1.08
C MET C 391 -8.12 -9.07 -0.75
N CYS C 392 -8.99 -9.04 -1.76
CA CYS C 392 -10.36 -9.44 -1.61
C CYS C 392 -10.45 -10.95 -1.41
N MET C 393 -10.94 -11.35 -0.25
CA MET C 393 -11.12 -12.78 0.07
C MET C 393 -12.54 -13.23 -0.28
N MET C 394 -12.89 -14.43 0.14
CA MET C 394 -14.23 -14.97 -0.13
C MET C 394 -14.50 -15.13 -1.63
N ASP C 395 -15.67 -14.67 -2.06
CA ASP C 395 -16.08 -14.77 -3.46
C ASP C 395 -16.56 -13.43 -3.91
N ASN C 396 -16.20 -12.38 -3.16
CA ASN C 396 -16.58 -11.03 -3.48
C ASN C 396 -18.10 -10.89 -3.58
N GLN C 397 -18.79 -11.83 -2.94
CA GLN C 397 -20.25 -11.88 -2.91
C GLN C 397 -20.77 -12.45 -4.19
N GLY C 398 -19.92 -13.18 -4.91
CA GLY C 398 -20.33 -13.78 -6.15
C GLY C 398 -21.06 -12.90 -7.17
N GLY C 399 -21.77 -13.55 -8.07
CA GLY C 399 -22.51 -12.88 -9.15
C GLY C 399 -23.73 -12.08 -8.78
N ALA C 400 -23.89 -11.80 -7.50
CA ALA C 400 -25.03 -11.02 -7.03
C ALA C 400 -25.11 -9.60 -7.58
N PRO C 401 -26.36 -9.08 -7.77
CA PRO C 401 -26.56 -7.73 -8.33
C PRO C 401 -25.82 -6.77 -7.38
N ASN C 402 -25.20 -5.74 -7.91
CA ASN C 402 -24.43 -4.83 -7.08
C ASN C 402 -24.88 -3.37 -6.97
N TYR C 403 -26.14 -3.10 -7.29
CA TYR C 403 -26.65 -1.74 -7.22
C TYR C 403 -28.01 -1.77 -6.52
N TYR C 404 -28.23 -0.79 -5.65
CA TYR C 404 -29.49 -0.70 -4.91
C TYR C 404 -30.13 0.63 -5.30
N PRO C 405 -31.44 0.61 -5.62
CA PRO C 405 -32.30 -0.58 -5.67
C PRO C 405 -32.08 -1.45 -6.89
N ASN C 406 -32.85 -2.55 -6.96
CA ASN C 406 -32.75 -3.46 -8.09
C ASN C 406 -33.91 -4.44 -8.04
N SER C 407 -34.20 -5.09 -9.15
CA SER C 407 -35.30 -6.03 -9.21
C SER C 407 -34.77 -7.42 -9.46
N PHE C 408 -33.78 -7.82 -8.68
CA PHE C 408 -33.21 -9.13 -8.89
C PHE C 408 -32.92 -9.87 -7.59
N SER C 409 -33.75 -9.60 -6.61
CA SER C 409 -33.71 -10.23 -5.27
C SER C 409 -32.46 -10.03 -4.43
N ALA C 410 -31.71 -8.96 -4.71
CA ALA C 410 -30.52 -8.65 -3.94
C ALA C 410 -30.94 -8.21 -2.52
N PRO C 411 -30.01 -8.24 -1.55
CA PRO C 411 -30.31 -7.84 -0.15
C PRO C 411 -31.19 -6.60 0.01
N GLU C 412 -32.27 -6.75 0.79
CA GLU C 412 -33.22 -5.68 1.03
C GLU C 412 -32.96 -5.09 2.40
N HIS C 413 -33.10 -3.78 2.56
CA HIS C 413 -32.85 -3.20 3.87
C HIS C 413 -33.97 -3.46 4.86
N GLN C 414 -33.64 -3.35 6.14
CA GLN C 414 -34.58 -3.59 7.22
C GLN C 414 -34.97 -2.30 7.91
N PRO C 415 -36.25 -1.89 7.80
CA PRO C 415 -36.68 -0.65 8.46
C PRO C 415 -36.45 -0.73 9.97
N SER C 416 -36.68 -1.93 10.50
CA SER C 416 -36.53 -2.20 11.94
C SER C 416 -35.23 -1.60 12.47
N ALA C 417 -34.14 -1.85 11.75
CA ALA C 417 -32.82 -1.36 12.16
C ALA C 417 -32.64 0.15 11.99
N LEU C 418 -33.71 0.86 11.65
CA LEU C 418 -33.56 2.30 11.47
C LEU C 418 -33.11 2.92 12.78
N GLU C 419 -32.29 3.92 12.67
CA GLU C 419 -31.75 4.63 13.83
C GLU C 419 -32.77 5.55 14.49
N HIS C 420 -32.63 5.72 15.80
CA HIS C 420 -33.52 6.55 16.58
C HIS C 420 -33.26 8.01 16.21
N ARG C 421 -34.35 8.78 15.97
CA ARG C 421 -34.19 10.17 15.59
C ARG C 421 -34.25 11.13 16.79
N THR C 422 -33.35 12.09 16.78
CA THR C 422 -33.28 13.11 17.83
C THR C 422 -33.35 14.50 17.19
N HIS C 423 -33.72 15.50 17.98
CA HIS C 423 -33.83 16.87 17.48
C HIS C 423 -32.62 17.69 17.98
N PHE C 424 -32.08 18.51 17.08
CA PHE C 424 -30.94 19.33 17.45
C PHE C 424 -31.06 20.71 16.83
N SER C 425 -31.33 21.69 17.67
CA SER C 425 -31.49 23.06 17.21
C SER C 425 -30.25 23.86 17.62
N GLY C 426 -29.96 24.91 16.86
CA GLY C 426 -28.80 25.72 17.14
C GLY C 426 -27.94 25.92 15.90
N ASP C 427 -27.34 27.11 15.80
CA ASP C 427 -26.49 27.42 14.67
C ASP C 427 -25.42 26.31 14.49
N VAL C 428 -25.10 26.03 13.23
CA VAL C 428 -24.09 25.04 12.89
C VAL C 428 -22.77 25.78 12.83
N GLN C 429 -21.98 25.67 13.90
CA GLN C 429 -20.68 26.32 13.97
C GLN C 429 -19.77 25.65 14.98
N ARG C 430 -18.58 26.27 15.17
CA ARG C 430 -17.59 25.76 16.11
C ARG C 430 -17.79 26.38 17.50
N PHE C 431 -18.44 25.62 18.38
CA PHE C 431 -18.70 26.09 19.74
C PHE C 431 -17.51 25.84 20.65
N ASN C 432 -17.10 26.89 21.34
CA ASN C 432 -15.99 26.82 22.26
C ASN C 432 -16.36 26.08 23.54
N SER C 433 -15.57 25.08 23.88
CA SER C 433 -15.83 24.28 25.08
C SER C 433 -14.65 24.27 26.03
N ALA C 434 -13.58 24.99 25.68
CA ALA C 434 -12.39 25.05 26.52
C ALA C 434 -12.73 25.38 27.98
N ASN C 435 -13.92 25.95 28.20
CA ASN C 435 -14.38 26.29 29.54
C ASN C 435 -15.70 25.63 29.81
N ASP C 436 -15.62 24.49 30.48
CA ASP C 436 -16.81 23.72 30.83
C ASP C 436 -16.55 23.12 32.19
N ASP C 437 -15.76 23.84 32.98
CA ASP C 437 -15.40 23.37 34.31
C ASP C 437 -14.41 22.24 34.16
N ASN C 438 -13.14 22.57 34.38
CA ASN C 438 -12.09 21.56 34.29
C ASN C 438 -11.55 21.40 35.70
N VAL C 439 -12.41 21.51 36.70
CA VAL C 439 -11.95 21.41 38.07
C VAL C 439 -12.92 20.82 39.09
N THR C 440 -14.17 21.26 39.08
CA THR C 440 -15.11 20.76 40.06
C THR C 440 -14.88 19.30 40.37
N GLN C 441 -15.32 18.43 39.47
CA GLN C 441 -15.16 17.00 39.66
C GLN C 441 -13.73 16.66 40.06
N VAL C 442 -12.76 17.34 39.44
CA VAL C 442 -11.37 17.10 39.74
C VAL C 442 -11.10 17.27 41.23
N ARG C 443 -11.61 18.36 41.84
CA ARG C 443 -11.43 18.64 43.26
C ARG C 443 -12.05 17.54 44.14
N THR C 444 -13.14 16.92 43.65
CA THR C 444 -13.84 15.89 44.39
C THR C 444 -13.05 14.57 44.42
N PHE C 445 -12.09 14.47 43.53
CA PHE C 445 -11.26 13.28 43.42
C PHE C 445 -10.14 13.46 44.46
N TYR C 446 -9.44 14.59 44.36
CA TYR C 446 -8.35 14.94 45.25
C TYR C 446 -8.75 14.78 46.72
N LEU C 447 -9.96 15.23 47.06
CA LEU C 447 -10.39 15.15 48.43
C LEU C 447 -11.26 13.92 48.69
N LYS C 448 -12.54 13.97 48.32
CA LYS C 448 -13.43 12.86 48.58
C LYS C 448 -12.88 11.47 48.21
N VAL C 449 -12.60 11.26 46.92
CA VAL C 449 -12.10 9.97 46.47
C VAL C 449 -10.70 9.63 46.97
N LEU C 450 -9.75 10.52 46.76
CA LEU C 450 -8.38 10.28 47.22
C LEU C 450 -8.19 10.50 48.73
N ASN C 451 -7.48 9.55 49.34
CA ASN C 451 -7.20 9.61 50.76
C ASN C 451 -5.82 10.24 50.94
N GLU C 452 -5.57 10.81 52.14
CA GLU C 452 -4.29 11.45 52.42
C GLU C 452 -3.11 10.64 51.90
N GLU C 453 -3.26 9.32 51.84
CA GLU C 453 -2.20 8.43 51.40
C GLU C 453 -1.90 8.53 49.91
N GLN C 454 -2.90 8.26 49.08
CA GLN C 454 -2.72 8.35 47.62
C GLN C 454 -2.43 9.81 47.23
N ARG C 455 -3.11 10.73 47.91
CA ARG C 455 -2.94 12.15 47.66
C ARG C 455 -1.48 12.57 47.75
N LYS C 456 -0.74 11.86 48.60
CA LYS C 456 0.69 12.14 48.82
C LYS C 456 1.54 11.70 47.63
N ARG C 457 1.26 10.52 47.10
CA ARG C 457 1.99 9.98 45.97
C ARG C 457 1.54 10.59 44.66
N LEU C 458 0.33 11.13 44.62
CA LEU C 458 -0.17 11.79 43.40
C LEU C 458 0.68 13.02 43.16
N CYS C 459 0.71 13.91 44.17
CA CYS C 459 1.50 15.13 44.07
C CYS C 459 2.97 14.77 43.81
N GLU C 460 3.44 13.72 44.47
CA GLU C 460 4.80 13.29 44.33
C GLU C 460 5.11 12.80 42.92
N ASN C 461 4.18 12.00 42.39
CA ASN C 461 4.33 11.43 41.02
C ASN C 461 4.33 12.51 39.95
N ILE C 462 3.48 13.53 40.14
CA ILE C 462 3.38 14.61 39.19
C ILE C 462 4.69 15.40 39.16
N ALA C 463 5.16 15.82 40.33
CA ALA C 463 6.39 16.57 40.44
C ALA C 463 7.57 15.75 39.92
N GLY C 464 7.56 14.44 40.21
CA GLY C 464 8.63 13.58 39.76
C GLY C 464 8.85 13.63 38.26
N HIS C 465 7.80 13.95 37.55
CA HIS C 465 7.85 14.04 36.08
C HIS C 465 7.93 15.50 35.65
N LEU C 466 6.98 16.31 36.11
CA LEU C 466 6.92 17.72 35.79
C LEU C 466 8.21 18.49 36.10
N LYS C 467 9.01 17.94 37.00
CA LYS C 467 10.27 18.56 37.41
C LYS C 467 11.34 18.61 36.31
N ASP C 468 10.98 18.16 35.13
CA ASP C 468 11.92 18.16 34.02
C ASP C 468 11.60 19.24 32.96
N ALA C 469 10.52 19.99 33.16
CA ALA C 469 10.11 21.03 32.21
C ALA C 469 10.42 22.46 32.67
N GLN C 470 10.76 23.31 31.72
CA GLN C 470 11.08 24.72 32.00
C GLN C 470 10.20 25.23 33.13
N LEU C 471 10.75 26.18 33.90
CA LEU C 471 10.04 26.76 35.03
C LEU C 471 8.74 27.43 34.59
N PHE C 472 8.82 28.24 33.54
CA PHE C 472 7.66 28.98 33.06
C PHE C 472 6.46 28.04 32.85
N ILE C 473 6.76 26.74 32.63
CA ILE C 473 5.71 25.74 32.44
C ILE C 473 5.27 25.25 33.80
N GLN C 474 6.24 24.86 34.61
CA GLN C 474 5.97 24.38 35.96
C GLN C 474 4.95 25.30 36.64
N LYS C 475 5.12 26.61 36.44
CA LYS C 475 4.23 27.59 37.03
C LYS C 475 2.78 27.36 36.56
N LYS C 476 2.59 27.36 35.24
CA LYS C 476 1.28 27.17 34.64
C LYS C 476 0.69 25.85 35.09
N ALA C 477 1.55 24.85 35.22
CA ALA C 477 1.12 23.51 35.66
C ALA C 477 0.60 23.55 37.10
N VAL C 478 1.39 24.17 38.00
CA VAL C 478 0.98 24.30 39.40
C VAL C 478 -0.22 25.22 39.56
N LYS C 479 -0.32 26.21 38.66
CA LYS C 479 -1.40 27.16 38.70
C LYS C 479 -2.75 26.47 38.51
N ASN C 480 -2.83 25.55 37.58
CA ASN C 480 -4.09 24.85 37.32
C ASN C 480 -4.43 23.92 38.47
N PHE C 481 -3.41 23.24 39.02
CA PHE C 481 -3.62 22.32 40.13
C PHE C 481 -4.18 23.06 41.33
N SER C 482 -3.53 24.18 41.66
CA SER C 482 -3.98 24.97 42.78
C SER C 482 -5.34 25.56 42.44
N ASP C 483 -5.67 25.58 41.15
CA ASP C 483 -6.98 26.11 40.71
C ASP C 483 -8.00 25.04 41.04
N VAL C 484 -7.49 23.84 41.35
CA VAL C 484 -8.37 22.73 41.72
C VAL C 484 -8.51 22.81 43.23
N HIS C 485 -7.36 22.98 43.88
CA HIS C 485 -7.27 23.11 45.33
C HIS C 485 -5.88 23.56 45.75
N PRO C 486 -5.79 24.70 46.44
CA PRO C 486 -4.55 25.34 46.95
C PRO C 486 -3.40 24.41 47.28
N GLU C 487 -3.68 23.41 48.11
CA GLU C 487 -2.64 22.46 48.53
C GLU C 487 -2.18 21.56 47.37
N TYR C 488 -3.09 21.20 46.50
CA TYR C 488 -2.73 20.35 45.37
C TYR C 488 -1.46 20.89 44.71
N GLY C 489 -1.56 22.09 44.14
CA GLY C 489 -0.42 22.71 43.50
C GLY C 489 0.61 23.11 44.56
N SER C 490 0.11 23.59 45.70
CA SER C 490 0.98 23.99 46.78
C SER C 490 1.94 22.84 47.11
N ARG C 491 1.41 21.64 47.29
CA ARG C 491 2.23 20.48 47.60
C ARG C 491 3.18 20.19 46.45
N ILE C 492 2.65 20.23 45.23
CA ILE C 492 3.45 19.99 44.03
C ILE C 492 4.63 20.94 44.05
N GLN C 493 4.31 22.23 44.18
CA GLN C 493 5.30 23.30 44.19
C GLN C 493 6.46 23.02 45.13
N ALA C 494 6.16 22.57 46.35
CA ALA C 494 7.19 22.25 47.31
C ALA C 494 8.10 21.21 46.70
N LEU C 495 7.50 20.11 46.25
CA LEU C 495 8.23 19.01 45.64
C LEU C 495 9.11 19.53 44.51
N LEU C 496 8.50 20.34 43.62
CA LEU C 496 9.21 20.92 42.49
C LEU C 496 10.51 21.63 42.81
N ASP C 497 10.44 22.51 43.84
CA ASP C 497 11.58 23.31 44.29
C ASP C 497 12.75 22.50 44.83
N LYS C 498 12.45 21.33 45.38
CA LYS C 498 13.49 20.47 45.92
C LYS C 498 14.23 19.80 44.74
N TYR C 499 13.47 19.37 43.74
CA TYR C 499 14.05 18.74 42.56
C TYR C 499 14.96 19.69 41.82
N ASN C 500 14.58 20.96 41.81
CA ASN C 500 15.38 21.98 41.13
C ASN C 500 16.58 22.36 42.01
N GLU C 501 17.11 21.36 42.74
CA GLU C 501 18.23 21.54 43.58
C GLU C 501 18.16 22.83 44.45
N ASN D 3 5.51 17.93 -42.30
CA ASN D 3 5.70 16.70 -41.45
C ASN D 3 4.34 16.25 -40.93
N ARG D 4 4.28 15.86 -39.64
CA ARG D 4 3.05 15.41 -39.01
C ARG D 4 2.67 16.39 -37.89
N ASP D 5 1.59 16.05 -37.16
CA ASP D 5 1.10 16.92 -36.08
C ASP D 5 2.09 17.04 -34.93
N PRO D 6 1.90 18.06 -34.08
CA PRO D 6 2.81 18.26 -32.92
C PRO D 6 2.75 17.07 -31.98
N ALA D 7 1.55 16.57 -31.72
CA ALA D 7 1.38 15.43 -30.83
C ALA D 7 2.22 14.27 -31.33
N SER D 8 2.11 13.97 -32.62
CA SER D 8 2.88 12.86 -33.18
C SER D 8 4.36 13.15 -33.25
N ASP D 9 4.74 14.42 -33.25
CA ASP D 9 6.15 14.79 -33.33
C ASP D 9 6.76 14.96 -31.94
N GLN D 10 6.20 14.27 -30.95
CA GLN D 10 6.65 14.36 -29.56
C GLN D 10 8.13 14.18 -29.35
N MET D 11 8.65 13.03 -29.76
CA MET D 11 10.07 12.76 -29.60
C MET D 11 10.91 13.65 -30.52
N LYS D 12 10.59 13.66 -31.82
CA LYS D 12 11.32 14.49 -32.76
C LYS D 12 11.69 15.83 -32.10
N HIS D 13 10.68 16.57 -31.69
CA HIS D 13 10.89 17.88 -31.06
C HIS D 13 11.73 17.81 -29.78
N TRP D 14 11.62 16.73 -29.06
CA TRP D 14 12.36 16.57 -27.81
C TRP D 14 13.86 16.46 -28.04
N LYS D 15 14.23 15.69 -29.06
CA LYS D 15 15.63 15.47 -29.42
C LYS D 15 16.27 16.73 -29.98
N GLU D 16 15.48 17.54 -30.67
CA GLU D 16 15.98 18.76 -31.26
C GLU D 16 16.28 19.79 -30.17
N GLN D 17 15.32 20.01 -29.30
CA GLN D 17 15.49 20.93 -28.19
C GLN D 17 16.65 20.44 -27.36
N ARG D 18 16.71 19.13 -27.19
CA ARG D 18 17.80 18.49 -26.45
C ARG D 18 19.09 19.11 -27.05
N ALA D 19 19.05 19.38 -28.36
CA ALA D 19 20.14 20.01 -29.06
C ALA D 19 21.31 19.05 -29.37
N ALA D 20 22.52 19.59 -29.29
CA ALA D 20 23.69 18.81 -29.57
C ALA D 20 24.34 18.31 -28.28
N GLN D 21 23.63 18.44 -27.16
CA GLN D 21 24.15 17.98 -25.88
C GLN D 21 24.52 16.51 -25.98
N LYS D 22 25.07 15.98 -24.90
CA LYS D 22 25.45 14.58 -24.89
C LYS D 22 24.49 13.79 -24.03
N PRO D 23 24.17 12.54 -24.43
CA PRO D 23 23.24 11.71 -23.67
C PRO D 23 23.65 11.50 -22.21
N ASP D 24 22.83 11.98 -21.29
CA ASP D 24 23.11 11.80 -19.86
C ASP D 24 23.56 10.37 -19.66
N VAL D 25 24.33 10.12 -18.60
CA VAL D 25 24.78 8.77 -18.34
C VAL D 25 23.63 7.99 -17.69
N LEU D 26 23.30 6.84 -18.29
CA LEU D 26 22.25 5.98 -17.80
C LEU D 26 22.64 5.39 -16.44
N THR D 27 21.85 5.72 -15.43
CA THR D 27 22.10 5.27 -14.07
C THR D 27 20.96 4.40 -13.51
N THR D 28 21.24 3.77 -12.38
CA THR D 28 20.25 2.95 -11.68
C THR D 28 19.41 3.94 -10.93
N GLY D 29 18.42 3.47 -10.19
CA GLY D 29 17.60 4.40 -9.43
C GLY D 29 18.50 5.07 -8.40
N GLY D 30 19.56 4.36 -8.02
CA GLY D 30 20.51 4.87 -7.05
C GLY D 30 21.54 5.85 -7.56
N GLY D 31 21.57 6.09 -8.87
CA GLY D 31 22.52 7.02 -9.44
C GLY D 31 23.86 6.42 -9.84
N ASN D 32 23.91 5.10 -9.97
CA ASN D 32 25.12 4.41 -10.39
C ASN D 32 25.12 4.23 -11.90
N PRO D 33 26.25 4.53 -12.58
CA PRO D 33 26.27 4.36 -14.05
C PRO D 33 26.15 2.88 -14.45
N VAL D 34 25.45 2.64 -15.52
CA VAL D 34 25.29 1.26 -16.02
C VAL D 34 26.33 1.05 -17.10
N GLY D 35 26.91 -0.14 -17.14
CA GLY D 35 27.95 -0.42 -18.12
C GLY D 35 27.41 -0.99 -19.43
N ASP D 36 26.21 -1.58 -19.34
CA ASP D 36 25.57 -2.19 -20.48
C ASP D 36 24.20 -2.64 -20.07
N LYS D 37 23.20 -1.76 -20.20
CA LYS D 37 21.83 -2.09 -19.83
C LYS D 37 21.11 -2.86 -20.95
N LEU D 38 21.85 -3.64 -21.73
CA LEU D 38 21.25 -4.39 -22.81
C LEU D 38 21.49 -5.88 -22.74
N ASN D 39 22.39 -6.29 -21.85
CA ASN D 39 22.71 -7.70 -21.70
C ASN D 39 22.83 -8.04 -20.23
N SER D 40 22.22 -9.15 -19.83
CA SER D 40 22.25 -9.56 -18.44
C SER D 40 23.55 -10.24 -18.01
N LEU D 41 23.79 -10.20 -16.71
CA LEU D 41 24.96 -10.79 -16.10
C LEU D 41 24.66 -12.28 -15.97
N THR D 42 25.48 -13.10 -16.65
CA THR D 42 25.29 -14.53 -16.62
C THR D 42 26.61 -15.26 -16.45
N VAL D 43 26.56 -16.48 -15.95
CA VAL D 43 27.79 -17.27 -15.79
C VAL D 43 27.91 -18.08 -17.08
N GLY D 44 28.55 -17.47 -18.08
CA GLY D 44 28.68 -18.14 -19.35
C GLY D 44 27.75 -17.45 -20.36
N PRO D 45 27.99 -17.61 -21.68
CA PRO D 45 27.13 -16.98 -22.66
C PRO D 45 25.75 -17.63 -22.76
N ARG D 46 25.57 -18.73 -22.06
CA ARG D 46 24.28 -19.45 -22.08
C ARG D 46 24.05 -20.05 -20.71
N GLY D 47 24.35 -19.26 -19.69
CA GLY D 47 24.19 -19.73 -18.33
C GLY D 47 23.12 -18.97 -17.57
N PRO D 48 22.90 -19.33 -16.30
CA PRO D 48 21.88 -18.71 -15.42
C PRO D 48 22.05 -17.22 -15.19
N LEU D 49 20.96 -16.61 -14.74
CA LEU D 49 20.93 -15.19 -14.40
C LEU D 49 21.38 -15.11 -12.96
N LEU D 50 22.19 -14.13 -12.64
CA LEU D 50 22.71 -13.99 -11.29
C LEU D 50 22.04 -12.92 -10.48
N VAL D 51 21.77 -13.26 -9.24
CA VAL D 51 21.15 -12.36 -8.26
C VAL D 51 22.01 -11.09 -8.25
N GLN D 52 23.31 -11.29 -8.48
CA GLN D 52 24.28 -10.23 -8.53
C GLN D 52 23.99 -9.12 -9.55
N ASP D 53 23.05 -9.35 -10.49
CA ASP D 53 22.77 -8.32 -11.46
C ASP D 53 21.72 -7.36 -10.91
N VAL D 54 22.19 -6.33 -10.22
CA VAL D 54 21.30 -5.34 -9.62
C VAL D 54 20.87 -4.25 -10.58
N VAL D 55 21.46 -4.25 -11.76
CA VAL D 55 21.07 -3.25 -12.79
C VAL D 55 19.74 -3.77 -13.30
N PHE D 56 19.68 -5.08 -13.50
CA PHE D 56 18.45 -5.72 -13.97
C PHE D 56 17.34 -5.51 -12.96
N THR D 57 17.54 -6.04 -11.77
CA THR D 57 16.51 -5.91 -10.73
C THR D 57 16.17 -4.45 -10.44
N ASP D 58 17.17 -3.59 -10.33
CA ASP D 58 16.83 -2.21 -10.07
C ASP D 58 15.81 -1.77 -11.10
N GLU D 59 16.05 -2.10 -12.35
CA GLU D 59 15.15 -1.72 -13.46
C GLU D 59 13.87 -2.52 -13.44
N MET D 60 14.01 -3.85 -13.43
CA MET D 60 12.87 -4.75 -13.42
C MET D 60 11.89 -4.41 -12.32
N ALA D 61 12.39 -4.40 -11.08
CA ALA D 61 11.56 -4.12 -9.92
C ALA D 61 10.77 -2.83 -10.05
N HIS D 62 11.29 -1.86 -10.81
CA HIS D 62 10.54 -0.60 -10.92
C HIS D 62 9.40 -0.76 -11.90
N PHE D 63 9.68 -1.41 -13.02
CA PHE D 63 8.67 -1.67 -14.04
C PHE D 63 7.48 -2.36 -13.40
N ASP D 64 7.74 -3.41 -12.61
CA ASP D 64 6.71 -4.19 -11.93
C ASP D 64 5.82 -3.35 -11.02
N ARG D 65 6.29 -2.18 -10.66
CA ARG D 65 5.56 -1.32 -9.78
C ARG D 65 5.07 -0.05 -10.43
N GLU D 66 5.13 -0.01 -11.75
CA GLU D 66 4.71 1.17 -12.51
C GLU D 66 3.24 1.57 -12.33
N ARG D 67 2.33 0.60 -12.32
CA ARG D 67 0.90 0.91 -12.20
C ARG D 67 0.31 1.17 -10.83
N ILE D 68 -0.56 2.16 -10.80
CA ILE D 68 -1.28 2.54 -9.59
C ILE D 68 -2.73 2.34 -9.94
N PRO D 69 -3.62 2.22 -8.96
CA PRO D 69 -5.04 2.03 -9.33
C PRO D 69 -5.56 3.23 -10.13
N GLU D 70 -6.36 2.96 -11.16
CA GLU D 70 -6.94 4.02 -11.97
C GLU D 70 -8.07 4.60 -11.17
N ARG D 71 -8.52 5.81 -11.53
CA ARG D 71 -9.62 6.42 -10.81
C ARG D 71 -10.85 5.53 -10.94
N VAL D 72 -11.52 5.24 -9.83
CA VAL D 72 -12.69 4.39 -9.85
C VAL D 72 -13.76 4.88 -10.85
N VAL D 73 -13.79 6.18 -11.12
CA VAL D 73 -14.69 6.77 -12.10
C VAL D 73 -13.91 7.89 -12.78
N HIS D 74 -14.31 8.24 -13.99
CA HIS D 74 -13.62 9.28 -14.75
C HIS D 74 -12.16 8.84 -14.94
N ALA D 75 -11.96 7.55 -15.19
CA ALA D 75 -10.63 6.99 -15.37
C ALA D 75 -9.90 7.53 -16.60
N LYS D 76 -10.57 7.55 -17.75
CA LYS D 76 -9.97 8.05 -18.97
C LYS D 76 -10.06 9.57 -19.11
N GLY D 77 -8.93 10.24 -19.26
CA GLY D 77 -8.96 11.67 -19.39
C GLY D 77 -7.69 12.32 -19.89
N ALA D 78 -7.79 13.60 -20.20
CA ALA D 78 -6.68 14.40 -20.68
C ALA D 78 -6.53 15.64 -19.82
N GLY D 79 -5.30 16.12 -19.67
CA GLY D 79 -5.07 17.28 -18.86
C GLY D 79 -4.25 18.39 -19.48
N ALA D 80 -4.39 19.58 -18.89
CA ALA D 80 -3.67 20.74 -19.38
C ALA D 80 -3.66 21.81 -18.32
N PHE D 81 -2.58 22.58 -18.31
CA PHE D 81 -2.44 23.65 -17.34
C PHE D 81 -2.59 24.98 -18.03
N GLY D 82 -2.88 26.01 -17.25
CA GLY D 82 -3.06 27.34 -17.79
C GLY D 82 -3.30 28.33 -16.69
N TYR D 83 -4.10 29.34 -16.99
CA TYR D 83 -4.37 30.36 -15.99
C TYR D 83 -5.81 30.80 -15.97
N PHE D 84 -6.15 31.49 -14.89
CA PHE D 84 -7.48 32.02 -14.72
C PHE D 84 -7.32 33.52 -14.48
N GLU D 85 -7.91 34.33 -15.35
CA GLU D 85 -7.81 35.78 -15.23
C GLU D 85 -9.11 36.45 -14.86
N VAL D 86 -9.05 37.33 -13.88
CA VAL D 86 -10.26 38.02 -13.42
C VAL D 86 -10.62 39.16 -14.38
N THR D 87 -11.84 39.11 -14.92
CA THR D 87 -12.34 40.12 -15.84
C THR D 87 -13.34 41.05 -15.18
N HIS D 88 -13.84 40.65 -14.02
CA HIS D 88 -14.80 41.48 -13.31
C HIS D 88 -14.59 41.50 -11.82
N ASP D 89 -15.39 42.33 -11.15
CA ASP D 89 -15.32 42.45 -9.70
C ASP D 89 -16.59 41.80 -9.18
N ILE D 90 -16.46 40.61 -8.60
CA ILE D 90 -17.62 39.92 -8.02
C ILE D 90 -17.48 40.02 -6.53
N THR D 91 -16.33 40.51 -6.10
CA THR D 91 -15.99 40.67 -4.69
C THR D 91 -17.17 41.07 -3.79
N ARG D 92 -18.19 41.68 -4.37
CA ARG D 92 -19.34 42.08 -3.59
C ARG D 92 -20.08 40.88 -3.04
N TYR D 93 -19.70 39.71 -3.51
CA TYR D 93 -20.33 38.45 -3.07
C TYR D 93 -19.32 37.56 -2.31
N SER D 94 -18.23 37.21 -2.98
CA SER D 94 -17.18 36.38 -2.41
C SER D 94 -15.86 37.12 -2.25
N LYS D 95 -15.21 36.91 -1.11
CA LYS D 95 -13.94 37.59 -0.81
C LYS D 95 -12.73 36.75 -1.12
N ALA D 96 -12.93 35.59 -1.76
CA ALA D 96 -11.80 34.70 -2.08
C ALA D 96 -10.70 35.50 -2.81
N LYS D 97 -9.48 35.41 -2.31
CA LYS D 97 -8.37 36.11 -2.91
C LYS D 97 -8.13 35.72 -4.37
N VAL D 98 -8.98 34.84 -4.89
CA VAL D 98 -8.85 34.41 -6.29
C VAL D 98 -9.62 35.36 -7.20
N PHE D 99 -10.45 36.20 -6.57
CA PHE D 99 -11.24 37.19 -7.29
C PHE D 99 -10.73 38.59 -6.93
N GLU D 100 -9.95 38.66 -5.84
CA GLU D 100 -9.40 39.90 -5.33
C GLU D 100 -9.55 41.09 -6.28
N HIS D 101 -8.56 41.29 -7.15
CA HIS D 101 -8.64 42.40 -8.09
C HIS D 101 -8.69 41.98 -9.54
N ILE D 102 -9.52 42.66 -10.30
CA ILE D 102 -9.63 42.39 -11.74
C ILE D 102 -8.26 42.33 -12.34
N GLY D 103 -8.02 41.31 -13.16
CA GLY D 103 -6.71 41.16 -13.81
C GLY D 103 -5.83 40.16 -13.07
N LYS D 104 -6.13 39.95 -11.78
CA LYS D 104 -5.37 39.02 -10.97
C LYS D 104 -5.37 37.63 -11.58
N ARG D 105 -4.21 37.16 -11.98
CA ARG D 105 -4.05 35.85 -12.58
C ARG D 105 -3.85 34.76 -11.53
N THR D 106 -4.49 33.62 -11.73
CA THR D 106 -4.37 32.49 -10.81
C THR D 106 -4.08 31.20 -11.60
N PRO D 107 -2.88 30.65 -11.42
CA PRO D 107 -2.48 29.42 -12.11
C PRO D 107 -3.48 28.33 -11.89
N ILE D 108 -3.85 27.64 -12.96
CA ILE D 108 -4.83 26.57 -12.87
C ILE D 108 -4.37 25.27 -13.54
N ALA D 109 -5.07 24.18 -13.22
CA ALA D 109 -4.79 22.88 -13.80
C ALA D 109 -6.15 22.29 -14.14
N VAL D 110 -6.23 21.58 -15.25
CA VAL D 110 -7.50 21.03 -15.67
C VAL D 110 -7.41 19.59 -16.13
N ARG D 111 -8.44 18.80 -15.80
CA ARG D 111 -8.52 17.41 -16.23
C ARG D 111 -9.90 17.10 -16.77
N PHE D 112 -9.95 16.75 -18.06
CA PHE D 112 -11.17 16.39 -18.76
C PHE D 112 -11.24 14.88 -18.71
N SER D 113 -12.44 14.33 -18.71
CA SER D 113 -12.57 12.89 -18.67
C SER D 113 -13.97 12.43 -18.99
N THR D 114 -14.12 11.13 -19.19
CA THR D 114 -15.42 10.55 -19.43
C THR D 114 -15.88 10.09 -18.06
N VAL D 115 -16.59 8.96 -17.99
CA VAL D 115 -17.08 8.53 -16.70
C VAL D 115 -16.96 7.05 -16.39
N ALA D 116 -17.62 6.23 -17.19
CA ALA D 116 -17.61 4.78 -16.99
C ALA D 116 -16.35 4.05 -17.42
N GLY D 117 -15.97 4.19 -18.69
CA GLY D 117 -14.79 3.53 -19.22
C GLY D 117 -13.51 3.60 -18.44
N GLU D 118 -12.78 2.50 -18.44
CA GLU D 118 -11.50 2.41 -17.74
C GLU D 118 -10.40 2.98 -18.59
N SER D 119 -9.21 3.02 -18.00
CA SER D 119 -8.04 3.57 -18.63
C SER D 119 -7.95 3.41 -20.15
N GLY D 120 -8.23 2.22 -20.68
CA GLY D 120 -8.10 2.05 -22.11
C GLY D 120 -9.27 2.39 -23.00
N SER D 121 -10.41 2.77 -22.39
CA SER D 121 -11.60 3.08 -23.18
C SER D 121 -11.41 4.26 -24.14
N ALA D 122 -12.43 4.51 -24.97
CA ALA D 122 -12.40 5.57 -25.95
C ALA D 122 -13.02 6.87 -25.43
N ASP D 123 -12.57 8.00 -25.98
CA ASP D 123 -13.09 9.32 -25.60
C ASP D 123 -14.43 9.59 -26.28
N THR D 124 -14.57 9.14 -27.52
CA THR D 124 -15.78 9.38 -28.31
C THR D 124 -16.97 8.46 -28.03
N VAL D 125 -17.33 8.36 -26.77
CA VAL D 125 -18.46 7.55 -26.37
C VAL D 125 -19.42 8.44 -25.59
N ARG D 126 -20.69 8.08 -25.59
CA ARG D 126 -21.68 8.86 -24.86
C ARG D 126 -21.43 8.68 -23.38
N ASP D 127 -21.36 9.80 -22.67
CA ASP D 127 -21.11 9.75 -21.25
C ASP D 127 -20.97 11.17 -20.79
N PRO D 128 -21.20 11.42 -19.50
CA PRO D 128 -21.07 12.79 -19.04
C PRO D 128 -19.57 13.10 -19.23
N ARG D 129 -19.17 14.33 -18.97
CA ARG D 129 -17.76 14.67 -19.12
C ARG D 129 -17.22 15.42 -17.89
N GLY D 130 -15.99 15.07 -17.50
CA GLY D 130 -15.37 15.72 -16.37
C GLY D 130 -14.62 16.99 -16.73
N PHE D 131 -14.82 18.03 -15.93
CA PHE D 131 -14.18 19.30 -16.18
C PHE D 131 -13.69 19.86 -14.83
N ALA D 132 -12.58 19.32 -14.34
CA ALA D 132 -12.01 19.72 -13.08
C ALA D 132 -11.01 20.86 -13.22
N VAL D 133 -11.21 21.88 -12.41
CA VAL D 133 -10.32 23.04 -12.44
C VAL D 133 -9.65 23.32 -11.11
N LYS D 134 -8.33 23.32 -11.10
CA LYS D 134 -7.57 23.55 -9.88
C LYS D 134 -6.93 24.94 -9.84
N PHE D 135 -7.39 25.77 -8.90
CA PHE D 135 -6.85 27.12 -8.74
C PHE D 135 -5.76 27.15 -7.66
N TYR D 136 -4.52 27.36 -8.07
CA TYR D 136 -3.44 27.43 -7.10
C TYR D 136 -3.43 28.84 -6.52
N THR D 137 -4.24 29.08 -5.50
CA THR D 137 -4.30 30.39 -4.91
C THR D 137 -3.38 30.56 -3.71
N GLU D 138 -3.35 31.79 -3.18
CA GLU D 138 -2.51 32.14 -2.04
C GLU D 138 -3.23 31.80 -0.74
N ASP D 139 -4.41 31.19 -0.86
CA ASP D 139 -5.20 30.78 0.29
C ASP D 139 -5.39 29.26 0.15
N GLY D 140 -4.35 28.58 -0.35
CA GLY D 140 -4.44 27.16 -0.55
C GLY D 140 -4.97 26.90 -1.94
N ASN D 141 -5.46 25.67 -2.19
CA ASN D 141 -5.99 25.32 -3.50
C ASN D 141 -7.51 25.38 -3.56
N TRP D 142 -8.03 25.60 -4.76
CA TRP D 142 -9.47 25.63 -4.99
C TRP D 142 -9.72 24.62 -6.09
N ASP D 143 -10.37 23.52 -5.74
CA ASP D 143 -10.68 22.51 -6.71
C ASP D 143 -12.16 22.57 -7.06
N LEU D 144 -12.46 23.00 -8.28
CA LEU D 144 -13.84 23.07 -8.75
C LEU D 144 -14.01 21.86 -9.67
N VAL D 145 -14.64 20.84 -9.14
CA VAL D 145 -14.86 19.59 -9.86
C VAL D 145 -16.23 19.56 -10.50
N GLY D 146 -16.29 19.97 -11.76
CA GLY D 146 -17.56 20.01 -12.45
C GLY D 146 -17.66 19.18 -13.72
N ASN D 147 -18.88 18.81 -14.05
CA ASN D 147 -19.17 18.04 -15.23
C ASN D 147 -19.51 19.03 -16.34
N ASN D 148 -19.94 18.52 -17.50
CA ASN D 148 -20.33 19.40 -18.60
C ASN D 148 -21.83 19.64 -18.56
N THR D 149 -22.47 19.03 -17.59
CA THR D 149 -23.91 19.19 -17.37
C THR D 149 -24.03 19.91 -16.03
N PRO D 150 -25.16 20.61 -15.81
CA PRO D 150 -25.38 21.32 -14.57
C PRO D 150 -26.09 20.47 -13.53
N ILE D 151 -26.69 19.39 -13.99
CA ILE D 151 -27.42 18.48 -13.14
C ILE D 151 -26.78 17.10 -13.10
N PHE D 152 -27.40 16.18 -12.35
CA PHE D 152 -26.87 14.83 -12.26
C PHE D 152 -28.03 13.83 -12.16
N PHE D 153 -27.71 12.53 -12.23
CA PHE D 153 -28.69 11.48 -12.17
C PHE D 153 -29.39 11.25 -10.82
N ILE D 154 -28.71 11.58 -9.74
CA ILE D 154 -29.27 11.35 -8.40
C ILE D 154 -29.06 12.49 -7.40
N ARG D 155 -29.83 12.49 -6.30
CA ARG D 155 -29.68 13.52 -5.29
C ARG D 155 -29.24 13.05 -3.92
N ASP D 156 -28.75 11.82 -3.81
CA ASP D 156 -28.28 11.31 -2.53
C ASP D 156 -27.10 10.38 -2.72
N ALA D 157 -25.95 10.78 -2.18
CA ALA D 157 -24.71 10.03 -2.28
C ALA D 157 -24.94 8.54 -2.10
N LEU D 158 -25.83 8.21 -1.20
CA LEU D 158 -26.10 6.81 -0.89
C LEU D 158 -26.46 5.97 -2.10
N LEU D 159 -26.68 6.62 -3.23
CA LEU D 159 -27.04 5.88 -4.43
C LEU D 159 -25.96 5.95 -5.50
N PHE D 160 -24.90 6.71 -5.24
CA PHE D 160 -23.83 6.85 -6.22
C PHE D 160 -23.04 5.55 -6.40
N PRO D 161 -22.58 4.91 -5.30
CA PRO D 161 -21.82 3.69 -5.50
C PRO D 161 -22.60 2.71 -6.39
N SER D 162 -23.89 2.55 -6.09
CA SER D 162 -24.75 1.67 -6.85
C SER D 162 -24.92 2.13 -8.30
N PHE D 163 -25.08 3.43 -8.48
CA PHE D 163 -25.23 3.99 -9.82
C PHE D 163 -24.04 3.65 -10.68
N ILE D 164 -22.85 3.92 -10.20
CA ILE D 164 -21.61 3.63 -10.92
C ILE D 164 -21.47 2.14 -11.16
N HIS D 165 -22.04 1.32 -10.30
CA HIS D 165 -21.95 -0.10 -10.51
C HIS D 165 -22.79 -0.48 -11.72
N SER D 166 -24.04 -0.05 -11.71
CA SER D 166 -24.94 -0.37 -12.82
C SER D 166 -24.35 0.12 -14.13
N GLN D 167 -23.68 1.27 -14.11
CA GLN D 167 -23.06 1.87 -15.30
C GLN D 167 -21.79 1.19 -15.80
N LYS D 168 -21.15 0.43 -14.94
CA LYS D 168 -19.92 -0.28 -15.32
C LYS D 168 -20.23 -1.74 -15.65
N ARG D 169 -19.28 -2.61 -15.39
CA ARG D 169 -19.45 -4.03 -15.70
C ARG D 169 -20.20 -4.94 -14.75
N ASN D 170 -20.79 -5.99 -15.33
CA ASN D 170 -21.54 -6.99 -14.57
C ASN D 170 -20.51 -7.70 -13.67
N PRO D 171 -20.83 -7.88 -12.39
CA PRO D 171 -19.91 -8.56 -11.47
C PRO D 171 -19.39 -9.93 -11.85
N GLN D 172 -20.03 -10.58 -12.83
CA GLN D 172 -19.60 -11.92 -13.21
C GLN D 172 -19.10 -12.13 -14.63
N THR D 173 -19.75 -11.49 -15.58
CA THR D 173 -19.39 -11.64 -16.97
C THR D 173 -18.39 -10.58 -17.37
N HIS D 174 -18.33 -9.53 -16.57
CA HIS D 174 -17.42 -8.42 -16.81
C HIS D 174 -17.82 -7.60 -18.03
N LEU D 175 -19.03 -7.82 -18.53
CA LEU D 175 -19.53 -7.09 -19.69
C LEU D 175 -20.46 -5.96 -19.31
N LYS D 176 -20.75 -5.08 -20.28
CA LYS D 176 -21.67 -3.96 -20.04
C LYS D 176 -23.05 -4.59 -19.93
N ASP D 177 -23.85 -4.12 -18.96
CA ASP D 177 -25.16 -4.68 -18.69
C ASP D 177 -26.32 -3.68 -18.85
N PRO D 178 -27.10 -3.80 -19.94
CA PRO D 178 -28.24 -2.90 -20.15
C PRO D 178 -29.32 -3.11 -19.10
N ASP D 179 -29.34 -4.29 -18.48
CA ASP D 179 -30.30 -4.60 -17.41
C ASP D 179 -29.91 -3.87 -16.15
N MET D 180 -28.62 -3.73 -15.93
CA MET D 180 -28.16 -3.01 -14.74
C MET D 180 -28.39 -1.52 -14.98
N VAL D 181 -27.97 -1.05 -16.14
CA VAL D 181 -28.14 0.34 -16.48
C VAL D 181 -29.56 0.86 -16.31
N TRP D 182 -30.49 0.20 -16.99
CA TRP D 182 -31.88 0.59 -16.98
C TRP D 182 -32.73 0.17 -15.79
N ASP D 183 -32.44 -0.97 -15.20
CA ASP D 183 -33.20 -1.41 -14.05
C ASP D 183 -33.05 -0.34 -12.97
N PHE D 184 -31.81 0.17 -12.85
CA PHE D 184 -31.53 1.18 -11.85
C PHE D 184 -32.20 2.49 -12.19
N TRP D 185 -31.88 3.02 -13.35
CA TRP D 185 -32.46 4.28 -13.81
C TRP D 185 -33.97 4.28 -13.69
N SER D 186 -34.60 3.19 -14.15
CA SER D 186 -36.04 3.07 -14.10
C SER D 186 -36.55 3.19 -12.67
N LEU D 187 -35.91 2.50 -11.73
CA LEU D 187 -36.34 2.55 -10.34
C LEU D 187 -36.09 3.91 -9.71
N ARG D 188 -35.37 4.78 -10.41
CA ARG D 188 -35.09 6.11 -9.86
C ARG D 188 -35.37 7.19 -10.90
N PRO D 189 -36.65 7.52 -11.11
CA PRO D 189 -37.06 8.53 -12.08
C PRO D 189 -36.38 9.88 -11.88
N GLU D 190 -35.87 10.13 -10.69
CA GLU D 190 -35.21 11.40 -10.42
C GLU D 190 -34.04 11.61 -11.38
N SER D 191 -33.64 10.53 -12.05
CA SER D 191 -32.55 10.57 -13.01
C SER D 191 -33.02 11.11 -14.38
N LEU D 192 -34.32 11.00 -14.64
CA LEU D 192 -34.94 11.45 -15.89
C LEU D 192 -34.38 12.73 -16.50
N HIS D 193 -34.04 13.70 -15.67
CA HIS D 193 -33.51 14.97 -16.17
C HIS D 193 -32.17 14.79 -16.89
N GLN D 194 -31.17 14.32 -16.16
CA GLN D 194 -29.85 14.12 -16.72
C GLN D 194 -29.81 13.03 -17.77
N VAL D 195 -30.73 12.07 -17.67
CA VAL D 195 -30.78 11.00 -18.64
C VAL D 195 -31.19 11.61 -19.97
N SER D 196 -31.99 12.67 -19.89
CA SER D 196 -32.46 13.33 -21.07
C SER D 196 -31.30 14.07 -21.69
N PHE D 197 -30.68 14.93 -20.90
CA PHE D 197 -29.55 15.72 -21.36
C PHE D 197 -28.49 14.78 -21.93
N LEU D 198 -28.34 13.59 -21.34
CA LEU D 198 -27.33 12.63 -21.78
C LEU D 198 -27.56 12.00 -23.15
N PHE D 199 -28.76 11.49 -23.40
CA PHE D 199 -29.02 10.89 -24.68
C PHE D 199 -29.26 11.91 -25.78
N SER D 200 -28.98 13.18 -25.47
CA SER D 200 -29.15 14.25 -26.44
C SER D 200 -27.82 14.53 -27.14
N ASP D 201 -27.85 15.40 -28.16
CA ASP D 201 -26.66 15.74 -28.93
C ASP D 201 -25.45 16.10 -28.05
N ARG D 202 -25.71 16.45 -26.82
CA ARG D 202 -24.66 16.83 -25.89
C ARG D 202 -24.06 15.62 -25.21
N GLY D 203 -24.60 14.45 -25.49
CA GLY D 203 -24.09 13.22 -24.89
C GLY D 203 -22.69 12.86 -25.35
N ILE D 204 -22.27 13.48 -26.45
CA ILE D 204 -20.94 13.25 -27.02
C ILE D 204 -20.39 14.54 -27.63
N PRO D 205 -19.68 15.32 -26.81
CA PRO D 205 -19.13 16.56 -27.40
C PRO D 205 -17.90 16.29 -28.23
N ASP D 206 -17.70 17.11 -29.26
CA ASP D 206 -16.54 16.96 -30.13
C ASP D 206 -15.30 17.53 -29.41
N GLY D 207 -14.62 16.66 -28.66
CA GLY D 207 -13.45 17.08 -27.94
C GLY D 207 -13.80 17.85 -26.67
N HIS D 208 -12.79 18.19 -25.87
CA HIS D 208 -13.05 18.92 -24.64
C HIS D 208 -13.15 20.42 -24.88
N ARG D 209 -12.55 20.89 -25.95
CA ARG D 209 -12.55 22.32 -26.25
C ARG D 209 -13.91 22.85 -26.67
N HIS D 210 -14.81 21.96 -27.06
CA HIS D 210 -16.13 22.40 -27.51
C HIS D 210 -17.30 22.05 -26.61
N MET D 211 -17.12 22.21 -25.30
CA MET D 211 -18.18 21.93 -24.35
C MET D 211 -18.09 22.87 -23.16
N ASP D 212 -19.20 23.01 -22.44
CA ASP D 212 -19.26 23.88 -21.28
C ASP D 212 -18.86 23.14 -20.02
N GLY D 213 -18.60 23.91 -18.97
CA GLY D 213 -18.24 23.33 -17.70
C GLY D 213 -19.16 23.88 -16.64
N TYR D 214 -19.73 23.01 -15.82
CA TYR D 214 -20.63 23.45 -14.76
C TYR D 214 -20.20 22.90 -13.41
N GLY D 215 -20.39 23.70 -12.36
CA GLY D 215 -20.06 23.28 -11.04
C GLY D 215 -21.15 22.36 -10.51
N SER D 216 -22.27 22.28 -11.24
CA SER D 216 -23.41 21.46 -10.88
C SER D 216 -24.02 21.87 -9.54
N HIS D 217 -23.34 21.55 -8.45
CA HIS D 217 -23.82 21.86 -7.10
C HIS D 217 -24.07 23.35 -6.85
N THR D 218 -24.85 23.61 -5.81
CA THR D 218 -25.14 24.96 -5.40
C THR D 218 -24.00 25.27 -4.44
N PHE D 219 -23.48 26.49 -4.47
CA PHE D 219 -22.40 26.80 -3.55
C PHE D 219 -22.71 27.98 -2.65
N LYS D 220 -21.64 28.54 -2.05
CA LYS D 220 -21.80 29.65 -1.13
C LYS D 220 -20.68 30.67 -1.28
N LEU D 221 -21.05 31.95 -1.17
CA LEU D 221 -20.06 33.02 -1.29
C LEU D 221 -20.22 33.93 -0.10
N VAL D 222 -19.10 34.19 0.58
CA VAL D 222 -19.09 35.04 1.74
C VAL D 222 -18.17 36.21 1.46
N ASN D 223 -18.68 37.42 1.65
CA ASN D 223 -17.88 38.63 1.38
C ASN D 223 -17.06 39.09 2.58
N ALA D 224 -16.51 40.29 2.46
CA ALA D 224 -15.69 40.87 3.52
C ALA D 224 -16.54 41.14 4.78
N ASP D 225 -17.77 41.59 4.61
CA ASP D 225 -18.60 41.87 5.76
C ASP D 225 -19.09 40.62 6.46
N GLY D 226 -18.96 39.48 5.77
CA GLY D 226 -19.40 38.22 6.35
C GLY D 226 -20.78 37.85 5.85
N GLU D 227 -21.21 38.51 4.78
CA GLU D 227 -22.52 38.23 4.20
C GLU D 227 -22.33 37.13 3.16
N ALA D 228 -23.21 36.16 3.19
CA ALA D 228 -23.15 35.01 2.29
C ALA D 228 -24.27 34.93 1.28
N VAL D 229 -24.00 34.17 0.23
CA VAL D 229 -24.96 33.94 -0.87
C VAL D 229 -24.73 32.57 -1.51
N TYR D 230 -25.79 32.00 -2.05
CA TYR D 230 -25.71 30.70 -2.73
C TYR D 230 -25.42 31.00 -4.17
N CYS D 231 -24.60 30.18 -4.80
CA CYS D 231 -24.28 30.41 -6.18
C CYS D 231 -23.99 29.16 -6.94
N LYS D 232 -24.01 29.28 -8.27
CA LYS D 232 -23.74 28.21 -9.21
C LYS D 232 -22.63 28.72 -10.08
N PHE D 233 -21.72 27.81 -10.45
CA PHE D 233 -20.62 28.21 -11.30
C PHE D 233 -20.91 27.76 -12.73
N HIS D 234 -20.53 28.61 -13.69
CA HIS D 234 -20.73 28.34 -15.10
C HIS D 234 -19.51 28.80 -15.88
N TYR D 235 -18.94 27.93 -16.67
CA TYR D 235 -17.80 28.33 -17.51
C TYR D 235 -18.10 27.87 -18.93
N LYS D 236 -18.73 28.75 -19.68
CA LYS D 236 -19.11 28.48 -21.07
C LYS D 236 -17.88 28.46 -21.97
N THR D 237 -17.99 27.71 -23.05
CA THR D 237 -16.89 27.57 -24.01
C THR D 237 -16.85 28.67 -25.04
N ASP D 238 -15.64 29.11 -25.32
CA ASP D 238 -15.44 30.17 -26.29
C ASP D 238 -15.21 29.57 -27.66
N GLN D 239 -15.00 28.25 -27.69
CA GLN D 239 -14.80 27.53 -28.95
C GLN D 239 -16.13 27.14 -29.56
N GLY D 240 -17.20 27.43 -28.85
CA GLY D 240 -18.52 27.08 -29.37
C GLY D 240 -18.89 25.63 -29.13
N ILE D 241 -20.17 25.39 -28.83
CA ILE D 241 -20.70 24.06 -28.58
C ILE D 241 -20.77 23.22 -29.82
N LYS D 242 -19.87 22.26 -29.92
CA LYS D 242 -19.86 21.36 -31.07
C LYS D 242 -19.85 19.94 -30.59
N ASN D 243 -20.87 19.18 -30.99
CA ASN D 243 -20.99 17.79 -30.57
C ASN D 243 -20.77 16.86 -31.76
N LEU D 244 -20.62 15.58 -31.46
CA LEU D 244 -20.36 14.58 -32.48
C LEU D 244 -21.55 13.63 -32.67
N SER D 245 -21.73 13.13 -33.90
CA SER D 245 -22.83 12.22 -34.22
C SER D 245 -22.50 10.79 -33.81
N VAL D 246 -23.50 9.95 -33.64
CA VAL D 246 -23.30 8.57 -33.23
C VAL D 246 -22.39 7.81 -34.15
N GLU D 247 -22.50 8.07 -35.45
CA GLU D 247 -21.68 7.41 -36.47
C GLU D 247 -20.24 7.88 -36.43
N ASP D 248 -20.05 9.17 -36.22
CA ASP D 248 -18.69 9.72 -36.19
C ASP D 248 -18.02 9.42 -34.87
N ALA D 249 -18.80 9.42 -33.78
CA ALA D 249 -18.23 9.14 -32.47
C ALA D 249 -17.92 7.64 -32.43
N ALA D 250 -18.82 6.85 -33.03
CA ALA D 250 -18.65 5.41 -33.09
C ALA D 250 -17.46 5.03 -33.96
N ARG D 251 -17.19 5.84 -34.99
CA ARG D 251 -16.05 5.62 -35.88
C ARG D 251 -14.78 5.89 -35.12
N LEU D 252 -14.66 7.14 -34.66
CA LEU D 252 -13.50 7.60 -33.90
C LEU D 252 -13.21 6.67 -32.73
N ALA D 253 -14.24 5.96 -32.26
CA ALA D 253 -14.08 5.05 -31.17
C ALA D 253 -12.96 4.10 -31.53
N HIS D 254 -13.01 3.52 -32.73
CA HIS D 254 -11.95 2.62 -33.12
C HIS D 254 -10.83 3.32 -33.91
N GLU D 255 -11.19 4.23 -34.79
CA GLU D 255 -10.17 4.92 -35.56
C GLU D 255 -9.18 5.61 -34.62
N ASP D 256 -9.69 6.32 -33.62
CA ASP D 256 -8.82 6.99 -32.65
C ASP D 256 -9.44 7.10 -31.26
N PRO D 257 -9.27 6.07 -30.43
CA PRO D 257 -9.82 6.05 -29.08
C PRO D 257 -9.34 7.19 -28.20
N ASP D 258 -8.25 7.86 -28.58
CA ASP D 258 -7.73 8.95 -27.76
C ASP D 258 -7.92 10.32 -28.42
N TYR D 259 -8.96 10.40 -29.24
CA TYR D 259 -9.31 11.60 -29.99
C TYR D 259 -9.29 12.89 -29.18
N GLY D 260 -9.87 12.86 -28.00
CA GLY D 260 -9.96 14.05 -27.15
C GLY D 260 -8.62 14.46 -26.61
N LEU D 261 -7.86 13.46 -26.19
CA LEU D 261 -6.53 13.67 -25.65
C LEU D 261 -5.61 14.27 -26.71
N ARG D 262 -5.83 13.88 -27.94
CA ARG D 262 -5.02 14.37 -29.06
C ARG D 262 -5.49 15.74 -29.52
N ASP D 263 -6.80 15.90 -29.74
CA ASP D 263 -7.32 17.17 -30.20
C ASP D 263 -6.84 18.27 -29.28
N LEU D 264 -6.90 17.99 -27.98
CA LEU D 264 -6.49 18.95 -26.98
C LEU D 264 -4.99 19.25 -26.99
N PHE D 265 -4.17 18.19 -27.14
CA PHE D 265 -2.74 18.40 -27.15
C PHE D 265 -2.35 19.29 -28.31
N ASN D 266 -2.82 18.90 -29.49
CA ASN D 266 -2.53 19.64 -30.70
C ASN D 266 -2.94 21.12 -30.68
N ALA D 267 -4.17 21.41 -30.28
CA ALA D 267 -4.66 22.79 -30.20
C ALA D 267 -3.66 23.62 -29.41
N ILE D 268 -3.44 23.23 -28.16
CA ILE D 268 -2.53 23.96 -27.30
C ILE D 268 -1.12 24.04 -27.91
N ALA D 269 -0.66 22.95 -28.48
CA ALA D 269 0.68 22.91 -29.08
C ALA D 269 0.84 23.91 -30.23
N THR D 270 -0.28 24.38 -30.77
CA THR D 270 -0.25 25.34 -31.87
C THR D 270 -0.94 26.66 -31.45
N GLY D 271 -0.48 27.23 -30.36
CA GLY D 271 -1.02 28.49 -29.87
C GLY D 271 -2.50 28.65 -30.06
N ASN D 272 -3.21 27.52 -30.11
CA ASN D 272 -4.64 27.54 -30.32
C ASN D 272 -5.35 27.20 -29.00
N TYR D 273 -4.94 27.88 -27.93
CA TYR D 273 -5.48 27.70 -26.61
C TYR D 273 -6.99 27.80 -26.48
N PRO D 274 -7.63 26.77 -25.88
CA PRO D 274 -9.07 26.82 -25.71
C PRO D 274 -9.38 27.76 -24.54
N SER D 275 -10.62 28.13 -24.38
CA SER D 275 -10.99 29.02 -23.29
C SER D 275 -12.46 28.98 -22.88
N TRP D 276 -12.72 29.49 -21.69
CA TRP D 276 -14.06 29.49 -21.15
C TRP D 276 -14.32 30.73 -20.31
N THR D 277 -15.50 31.31 -20.44
CA THR D 277 -15.80 32.47 -19.64
C THR D 277 -16.45 31.89 -18.41
N LEU D 278 -16.13 32.46 -17.26
CA LEU D 278 -16.69 31.96 -16.01
C LEU D 278 -17.79 32.87 -15.52
N TYR D 279 -18.95 32.26 -15.25
CA TYR D 279 -20.09 32.99 -14.74
C TYR D 279 -20.51 32.29 -13.47
N ILE D 280 -21.51 32.86 -12.81
CA ILE D 280 -22.03 32.33 -11.55
C ILE D 280 -23.46 32.84 -11.38
N GLN D 281 -24.31 32.03 -10.79
CA GLN D 281 -25.67 32.47 -10.54
C GLN D 281 -25.78 32.71 -9.05
N VAL D 282 -26.00 33.95 -8.63
CA VAL D 282 -26.09 34.30 -7.24
C VAL D 282 -27.54 34.23 -6.72
N MET D 283 -27.70 33.58 -5.56
CA MET D 283 -29.01 33.45 -4.95
C MET D 283 -28.97 33.68 -3.43
N THR D 284 -30.03 34.29 -2.90
CA THR D 284 -30.12 34.62 -1.49
C THR D 284 -30.82 33.52 -0.69
N PHE D 285 -30.46 33.43 0.60
CA PHE D 285 -31.06 32.44 1.49
C PHE D 285 -32.55 32.69 1.51
N SER D 286 -32.92 33.96 1.41
CA SER D 286 -34.32 34.37 1.41
C SER D 286 -34.91 33.85 0.09
N GLU D 287 -34.16 33.99 -0.99
CA GLU D 287 -34.64 33.53 -2.29
C GLU D 287 -34.68 32.02 -2.29
N ALA D 288 -33.61 31.41 -1.79
CA ALA D 288 -33.51 29.96 -1.70
C ALA D 288 -34.69 29.49 -0.83
N GLU D 289 -35.21 30.41 -0.05
CA GLU D 289 -36.34 30.11 0.82
C GLU D 289 -37.55 30.00 -0.10
N ILE D 290 -37.73 30.99 -0.94
CA ILE D 290 -38.85 31.07 -1.88
C ILE D 290 -38.77 30.08 -3.05
N PHE D 291 -37.58 29.86 -3.57
CA PHE D 291 -37.39 28.93 -4.69
C PHE D 291 -38.40 27.80 -4.58
N PRO D 292 -39.09 27.47 -5.69
CA PRO D 292 -40.11 26.42 -5.77
C PRO D 292 -39.58 24.98 -5.63
N PHE D 293 -38.31 24.80 -5.87
CA PHE D 293 -37.68 23.48 -5.78
C PHE D 293 -36.58 23.48 -4.72
N ASN D 294 -36.06 22.29 -4.41
CA ASN D 294 -34.98 22.17 -3.45
C ASN D 294 -33.77 22.77 -4.18
N PRO D 295 -33.35 23.99 -3.81
CA PRO D 295 -32.21 24.65 -4.44
C PRO D 295 -30.89 23.89 -4.36
N PHE D 296 -30.86 22.86 -3.52
CA PHE D 296 -29.65 22.08 -3.35
C PHE D 296 -29.79 20.70 -4.01
N ASP D 297 -30.99 20.42 -4.55
CA ASP D 297 -31.26 19.19 -5.25
C ASP D 297 -30.41 19.17 -6.52
N LEU D 298 -29.53 18.18 -6.63
CA LEU D 298 -28.62 18.10 -7.78
C LEU D 298 -29.33 17.91 -9.13
N THR D 299 -30.57 17.43 -9.13
CA THR D 299 -31.30 17.22 -10.38
C THR D 299 -32.08 18.44 -10.86
N LYS D 300 -31.77 19.62 -10.35
CA LYS D 300 -32.48 20.83 -10.76
C LYS D 300 -31.59 21.98 -11.19
N VAL D 301 -32.14 22.88 -12.00
CA VAL D 301 -31.38 24.02 -12.48
C VAL D 301 -31.99 25.36 -12.02
N TRP D 302 -31.16 26.40 -12.01
CA TRP D 302 -31.62 27.74 -11.61
C TRP D 302 -31.89 28.47 -12.92
N PRO D 303 -33.17 28.54 -13.35
CA PRO D 303 -33.48 29.23 -14.61
C PRO D 303 -32.78 30.59 -14.78
N HIS D 304 -32.09 30.73 -15.91
CA HIS D 304 -31.36 31.94 -16.25
C HIS D 304 -32.24 33.16 -16.10
N GLY D 305 -33.51 33.01 -16.44
CA GLY D 305 -34.45 34.10 -16.36
C GLY D 305 -34.41 34.80 -15.01
N ASP D 306 -34.85 34.10 -13.97
CA ASP D 306 -34.87 34.65 -12.62
C ASP D 306 -33.45 34.85 -12.12
N TYR D 307 -32.58 33.91 -12.44
CA TYR D 307 -31.20 34.02 -11.99
C TYR D 307 -30.24 34.15 -13.15
N PRO D 308 -30.01 35.40 -13.56
CA PRO D 308 -29.12 35.71 -14.68
C PRO D 308 -27.70 35.36 -14.26
N LEU D 309 -26.84 35.10 -15.24
CA LEU D 309 -25.46 34.79 -14.95
C LEU D 309 -24.65 36.07 -14.92
N ILE D 310 -23.64 36.11 -14.07
CA ILE D 310 -22.76 37.28 -13.96
C ILE D 310 -21.38 36.83 -14.41
N PRO D 311 -20.73 37.59 -15.28
CA PRO D 311 -19.37 37.22 -15.75
C PRO D 311 -18.33 37.46 -14.69
N VAL D 312 -17.46 36.48 -14.49
CA VAL D 312 -16.42 36.61 -13.48
C VAL D 312 -15.05 36.81 -14.08
N GLY D 313 -14.57 35.79 -14.82
CA GLY D 313 -13.26 35.89 -15.43
C GLY D 313 -13.09 34.88 -16.53
N LYS D 314 -11.84 34.63 -16.93
CA LYS D 314 -11.58 33.69 -18.00
C LYS D 314 -10.70 32.49 -17.63
N LEU D 315 -10.91 31.39 -18.32
CA LEU D 315 -10.17 30.15 -18.11
C LEU D 315 -9.38 29.73 -19.35
N VAL D 316 -8.08 30.07 -19.36
CA VAL D 316 -7.21 29.77 -20.47
C VAL D 316 -6.26 28.60 -20.17
N LEU D 317 -6.15 27.66 -21.12
CA LEU D 317 -5.25 26.53 -20.99
C LEU D 317 -4.18 26.73 -22.06
N ASN D 318 -3.01 27.20 -21.64
CA ASN D 318 -1.95 27.45 -22.62
C ASN D 318 -0.73 26.60 -22.43
N ARG D 319 -0.82 25.57 -21.61
CA ARG D 319 0.34 24.71 -21.41
C ARG D 319 -0.05 23.25 -21.48
N ASN D 320 0.84 22.45 -22.04
CA ASN D 320 0.61 21.03 -22.15
C ASN D 320 1.45 20.28 -21.14
N PRO D 321 0.95 19.14 -20.66
CA PRO D 321 1.70 18.36 -19.67
C PRO D 321 2.98 17.79 -20.27
N VAL D 322 4.10 17.91 -19.56
CA VAL D 322 5.38 17.38 -20.03
C VAL D 322 5.35 15.86 -19.88
N ASN D 323 5.20 15.41 -18.64
CA ASN D 323 5.10 14.00 -18.31
C ASN D 323 3.66 13.79 -17.89
N TYR D 324 2.94 12.99 -18.65
CA TYR D 324 1.53 12.76 -18.40
C TYR D 324 1.19 12.10 -17.08
N PHE D 325 1.92 11.05 -16.73
CA PHE D 325 1.63 10.37 -15.47
C PHE D 325 1.79 11.28 -14.26
N ALA D 326 2.96 11.91 -14.15
CA ALA D 326 3.23 12.76 -13.02
C ALA D 326 2.32 13.97 -12.91
N GLU D 327 1.91 14.51 -14.03
CA GLU D 327 1.08 15.71 -14.00
C GLU D 327 -0.41 15.55 -14.24
N VAL D 328 -0.81 14.48 -14.91
CA VAL D 328 -2.21 14.25 -15.21
C VAL D 328 -2.77 13.07 -14.42
N GLU D 329 -2.20 11.90 -14.64
CA GLU D 329 -2.67 10.73 -13.95
C GLU D 329 -2.73 10.94 -12.44
N GLN D 330 -1.74 11.66 -11.91
CA GLN D 330 -1.66 11.93 -10.48
C GLN D 330 -2.47 13.13 -10.02
N LEU D 331 -2.96 13.94 -10.95
CA LEU D 331 -3.73 15.10 -10.52
C LEU D 331 -4.87 14.59 -9.67
N ALA D 332 -5.17 15.32 -8.59
CA ALA D 332 -6.23 14.96 -7.68
C ALA D 332 -7.00 16.20 -7.22
N PHE D 333 -8.29 16.29 -7.60
CA PHE D 333 -9.10 17.44 -7.18
C PHE D 333 -10.07 17.06 -6.07
N ASP D 334 -10.01 17.79 -4.95
CA ASP D 334 -10.88 17.53 -3.81
C ASP D 334 -11.86 18.70 -3.66
N PRO D 335 -13.15 18.45 -3.91
CA PRO D 335 -14.17 19.49 -3.81
C PRO D 335 -14.12 20.23 -2.47
N SER D 336 -13.51 19.61 -1.47
CA SER D 336 -13.39 20.22 -0.15
C SER D 336 -12.33 21.29 -0.09
N ASN D 337 -11.55 21.45 -1.15
CA ASN D 337 -10.52 22.48 -1.16
C ASN D 337 -11.07 23.82 -1.61
N MET D 338 -11.91 24.44 -0.79
CA MET D 338 -12.49 25.73 -1.11
C MET D 338 -11.76 26.77 -0.25
N PRO D 339 -11.20 27.82 -0.88
CA PRO D 339 -10.52 28.82 -0.06
C PRO D 339 -11.52 29.67 0.72
N PRO D 340 -11.02 30.43 1.70
CA PRO D 340 -11.94 31.25 2.49
C PRO D 340 -12.70 32.15 1.49
N GLY D 341 -14.02 32.15 1.59
CA GLY D 341 -14.80 32.96 0.67
C GLY D 341 -15.78 32.07 -0.10
N ILE D 342 -15.38 30.80 -0.29
CA ILE D 342 -16.21 29.86 -0.98
C ILE D 342 -16.44 28.75 0.00
N GLU D 343 -17.72 28.37 0.15
CA GLU D 343 -18.09 27.32 1.08
C GLU D 343 -19.10 26.42 0.40
N PRO D 344 -19.26 25.19 0.89
CA PRO D 344 -20.22 24.29 0.27
C PRO D 344 -21.64 24.71 0.61
N SER D 345 -22.61 23.92 0.15
CA SER D 345 -24.01 24.17 0.40
C SER D 345 -24.56 22.86 0.96
N PRO D 346 -25.79 22.89 1.52
CA PRO D 346 -26.40 21.67 2.10
C PRO D 346 -26.67 20.59 1.07
N ASP D 347 -26.37 20.85 -0.20
CA ASP D 347 -26.59 19.86 -1.24
C ASP D 347 -26.13 18.49 -0.73
N LYS D 348 -27.06 17.57 -0.53
CA LYS D 348 -26.70 16.23 -0.04
C LYS D 348 -25.54 15.66 -0.84
N MET D 349 -25.71 15.63 -2.15
CA MET D 349 -24.68 15.13 -3.06
C MET D 349 -23.33 15.71 -2.74
N LEU D 350 -23.21 17.04 -2.88
CA LEU D 350 -21.97 17.72 -2.61
C LEU D 350 -21.41 17.33 -1.24
N GLN D 351 -22.29 17.40 -0.23
CA GLN D 351 -21.93 17.05 1.14
C GLN D 351 -21.14 15.75 1.18
N GLY D 352 -21.60 14.73 0.47
CA GLY D 352 -20.90 13.46 0.46
C GLY D 352 -19.54 13.54 -0.23
N ARG D 353 -19.45 14.35 -1.26
CA ARG D 353 -18.20 14.52 -2.02
C ARG D 353 -17.10 15.13 -1.17
N LEU D 354 -17.49 15.88 -0.14
CA LEU D 354 -16.52 16.50 0.75
C LEU D 354 -15.64 15.41 1.36
N PHE D 355 -16.20 14.22 1.54
CA PHE D 355 -15.50 13.08 2.11
C PHE D 355 -14.72 12.22 1.15
N ALA D 356 -15.35 11.88 0.03
CA ALA D 356 -14.81 11.00 -0.99
C ALA D 356 -13.51 11.33 -1.70
N TYR D 357 -13.39 12.53 -2.24
CA TYR D 357 -12.17 12.85 -2.98
C TYR D 357 -10.85 12.65 -2.20
N PRO D 358 -10.69 13.34 -1.07
CA PRO D 358 -9.42 13.11 -0.36
C PRO D 358 -9.31 11.63 0.12
N ASP D 359 -10.45 11.06 0.50
CA ASP D 359 -10.51 9.68 0.98
C ASP D 359 -9.94 8.73 -0.06
N THR D 360 -10.46 8.81 -1.26
CA THR D 360 -10.01 7.94 -2.33
C THR D 360 -8.59 8.32 -2.82
N HIS D 361 -8.27 9.60 -2.71
CA HIS D 361 -6.96 10.07 -3.11
C HIS D 361 -5.90 9.46 -2.22
N ARG D 362 -6.29 9.22 -0.97
CA ARG D 362 -5.38 8.63 -0.03
C ARG D 362 -5.05 7.20 -0.47
N HIS D 363 -6.03 6.50 -1.03
CA HIS D 363 -5.82 5.12 -1.50
C HIS D 363 -5.28 4.99 -2.93
N ARG D 364 -5.70 5.86 -3.84
CA ARG D 364 -5.21 5.79 -5.20
C ARG D 364 -3.78 6.28 -5.30
N LEU D 365 -3.51 7.42 -4.68
CA LEU D 365 -2.18 8.02 -4.69
C LEU D 365 -1.35 7.73 -3.44
N GLY D 366 -1.94 7.90 -2.28
CA GLY D 366 -1.24 7.64 -1.03
C GLY D 366 -1.58 8.65 0.05
N PRO D 367 -1.33 8.33 1.33
CA PRO D 367 -1.63 9.27 2.40
C PRO D 367 -1.01 10.65 2.21
N ASN D 368 0.12 10.72 1.52
CA ASN D 368 0.80 11.99 1.32
C ASN D 368 0.63 12.59 -0.06
N TYR D 369 -0.45 12.25 -0.76
CA TYR D 369 -0.67 12.76 -2.10
C TYR D 369 -0.60 14.28 -2.29
N LEU D 370 -1.12 15.03 -1.33
CA LEU D 370 -1.09 16.49 -1.41
C LEU D 370 0.33 17.01 -1.51
N GLN D 371 1.30 16.09 -1.40
CA GLN D 371 2.68 16.47 -1.48
C GLN D 371 3.17 16.31 -2.93
N ILE D 372 2.40 15.67 -3.78
CA ILE D 372 2.81 15.53 -5.18
C ILE D 372 2.87 16.91 -5.79
N PRO D 373 3.96 17.23 -6.50
CA PRO D 373 4.07 18.56 -7.12
C PRO D 373 2.78 19.11 -7.72
N VAL D 374 2.14 18.34 -8.58
CA VAL D 374 0.91 18.81 -9.21
C VAL D 374 -0.21 19.13 -8.23
N ASN D 375 -0.23 18.41 -7.11
CA ASN D 375 -1.26 18.60 -6.09
C ASN D 375 -0.89 19.56 -4.95
N CYS D 376 0.42 19.83 -4.80
CA CYS D 376 0.94 20.72 -3.78
C CYS D 376 0.41 22.16 -3.95
N PRO D 377 0.02 22.81 -2.84
CA PRO D 377 -0.48 24.19 -2.98
C PRO D 377 0.74 25.08 -2.99
N TYR D 378 1.47 25.09 -4.11
CA TYR D 378 2.67 25.88 -4.21
C TYR D 378 2.52 27.40 -4.10
N ARG D 379 1.28 27.90 -4.14
CA ARG D 379 1.10 29.34 -4.03
C ARG D 379 1.01 29.78 -2.56
N ALA D 380 0.27 29.01 -1.76
CA ALA D 380 0.10 29.28 -0.33
C ALA D 380 1.18 28.52 0.43
N ARG D 381 1.37 28.84 1.72
CA ARG D 381 2.38 28.14 2.51
C ARG D 381 1.73 27.19 3.48
N VAL D 382 2.01 25.90 3.31
CA VAL D 382 1.43 24.86 4.15
C VAL D 382 2.14 24.77 5.49
N ALA D 383 1.41 25.12 6.55
CA ALA D 383 1.93 25.09 7.92
C ALA D 383 0.82 24.59 8.83
N ASN D 384 1.07 23.46 9.48
CA ASN D 384 0.11 22.85 10.38
C ASN D 384 0.78 21.81 11.27
N TYR D 385 -0.04 21.03 11.98
CA TYR D 385 0.47 20.03 12.91
C TYR D 385 0.33 18.58 12.44
N GLN D 386 0.35 18.35 11.13
CA GLN D 386 0.25 17.01 10.61
C GLN D 386 1.66 16.57 10.27
N ARG D 387 2.01 15.32 10.59
CA ARG D 387 3.36 14.85 10.32
C ARG D 387 3.39 13.42 9.80
N ASP D 388 4.60 12.99 9.48
CA ASP D 388 4.86 11.65 9.00
C ASP D 388 4.03 11.21 7.80
N GLY D 389 3.55 9.96 7.85
CA GLY D 389 2.77 9.42 6.77
C GLY D 389 3.75 8.85 5.74
N PRO D 390 3.44 7.73 5.07
CA PRO D 390 4.34 7.16 4.08
C PRO D 390 4.78 8.11 2.94
N MET D 391 5.99 7.89 2.42
CA MET D 391 6.55 8.69 1.34
C MET D 391 6.52 10.19 1.62
N CYS D 392 7.09 10.60 2.75
CA CYS D 392 7.13 11.99 3.16
C CYS D 392 8.22 12.80 2.45
N MET D 393 7.80 13.74 1.62
CA MET D 393 8.71 14.60 0.87
C MET D 393 8.94 15.87 1.67
N MET D 394 9.79 16.75 1.13
CA MET D 394 10.09 18.00 1.81
C MET D 394 10.74 17.72 3.16
N ASP D 395 10.53 18.62 4.12
CA ASP D 395 11.15 18.46 5.43
C ASP D 395 10.25 17.97 6.57
N ASN D 396 8.96 17.71 6.28
CA ASN D 396 8.06 17.26 7.31
C ASN D 396 8.00 18.38 8.36
N GLN D 397 8.04 19.62 7.90
CA GLN D 397 8.01 20.79 8.77
C GLN D 397 9.18 20.76 9.73
N GLY D 398 10.28 20.14 9.29
CA GLY D 398 11.47 20.06 10.09
C GLY D 398 11.20 19.71 11.54
N GLY D 399 11.89 20.42 12.43
CA GLY D 399 11.73 20.15 13.85
C GLY D 399 10.76 21.06 14.57
N ALA D 400 9.88 21.73 13.85
CA ALA D 400 8.94 22.61 14.51
C ALA D 400 7.95 21.78 15.34
N PRO D 401 7.41 22.39 16.40
CA PRO D 401 6.47 21.75 17.33
C PRO D 401 5.32 21.06 16.58
N ASN D 402 5.00 19.84 17.01
CA ASN D 402 3.94 19.05 16.39
C ASN D 402 2.63 19.10 17.15
N TYR D 403 2.57 19.82 18.28
CA TYR D 403 1.32 19.88 19.02
C TYR D 403 0.71 21.27 18.98
N TYR D 404 -0.58 21.33 19.27
CA TYR D 404 -1.31 22.60 19.25
C TYR D 404 -2.47 22.61 20.23
N PRO D 405 -2.56 23.67 21.05
CA PRO D 405 -1.63 24.81 21.06
C PRO D 405 -0.30 24.50 21.68
N ASN D 406 0.64 25.41 21.47
CA ASN D 406 1.98 25.27 22.04
C ASN D 406 2.45 26.64 22.50
N SER D 407 3.65 26.71 23.09
CA SER D 407 4.15 27.99 23.57
C SER D 407 5.49 28.29 22.94
N PHE D 408 5.70 27.80 21.72
CA PHE D 408 6.98 28.02 21.05
C PHE D 408 6.88 28.63 19.66
N SER D 409 5.97 29.57 19.47
CA SER D 409 5.81 30.26 18.22
C SER D 409 5.64 29.38 16.98
N ALA D 410 4.65 28.49 17.04
CA ALA D 410 4.33 27.58 15.92
C ALA D 410 3.01 28.06 15.26
N PRO D 411 2.78 27.75 13.99
CA PRO D 411 1.60 28.12 13.22
C PRO D 411 0.35 28.46 14.03
N GLU D 412 -0.32 29.58 13.67
CA GLU D 412 -1.50 30.03 14.41
C GLU D 412 -2.81 30.04 13.61
N HIS D 413 -3.94 30.17 14.32
CA HIS D 413 -5.26 30.21 13.71
C HIS D 413 -5.42 31.33 12.70
N GLN D 414 -6.67 31.60 12.35
CA GLN D 414 -7.01 32.65 11.40
C GLN D 414 -8.50 33.02 11.46
N PRO D 415 -8.91 33.72 12.53
CA PRO D 415 -10.32 34.10 12.69
C PRO D 415 -10.96 34.54 11.36
N SER D 416 -10.20 35.34 10.59
CA SER D 416 -10.68 35.83 9.29
C SER D 416 -11.16 34.70 8.40
N ALA D 417 -10.34 33.66 8.31
CA ALA D 417 -10.68 32.51 7.47
C ALA D 417 -11.55 31.49 8.21
N LEU D 418 -12.65 31.94 8.78
CA LEU D 418 -13.54 31.04 9.50
C LEU D 418 -14.77 30.80 8.65
N GLU D 419 -15.43 29.68 8.86
CA GLU D 419 -16.64 29.31 8.11
C GLU D 419 -17.76 30.32 8.38
N HIS D 420 -18.61 30.55 7.39
CA HIS D 420 -19.73 31.46 7.61
C HIS D 420 -20.78 30.60 8.27
N ARG D 421 -21.29 31.04 9.42
CA ARG D 421 -22.28 30.25 10.14
C ARG D 421 -23.70 30.40 9.63
N THR D 422 -24.34 29.26 9.46
CA THR D 422 -25.74 29.21 9.00
C THR D 422 -26.52 28.44 10.07
N HIS D 423 -27.84 28.65 10.08
CA HIS D 423 -28.67 28.01 11.08
C HIS D 423 -29.61 26.99 10.42
N PHE D 424 -29.78 25.85 11.10
CA PHE D 424 -30.66 24.80 10.63
C PHE D 424 -31.47 24.28 11.80
N SER D 425 -32.66 23.75 11.49
CA SER D 425 -33.50 23.22 12.52
C SER D 425 -34.29 22.03 11.96
N GLY D 426 -34.51 21.03 12.79
CA GLY D 426 -35.24 19.86 12.35
C GLY D 426 -34.74 18.59 13.02
N ASP D 427 -35.54 17.55 12.87
CA ASP D 427 -35.19 16.24 13.42
C ASP D 427 -34.06 15.64 12.61
N VAL D 428 -32.95 15.33 13.28
CA VAL D 428 -31.84 14.70 12.60
C VAL D 428 -32.30 13.33 12.18
N GLN D 429 -32.57 13.16 10.89
CA GLN D 429 -33.00 11.87 10.39
C GLN D 429 -32.69 11.72 8.93
N ARG D 430 -33.08 10.55 8.41
CA ARG D 430 -32.87 10.22 7.01
C ARG D 430 -34.17 10.55 6.28
N PHE D 431 -34.21 11.74 5.67
CA PHE D 431 -35.38 12.21 4.94
C PHE D 431 -35.46 11.65 3.54
N ASN D 432 -36.59 11.02 3.21
CA ASN D 432 -36.82 10.44 1.89
C ASN D 432 -36.94 11.51 0.81
N SER D 433 -35.84 11.77 0.12
CA SER D 433 -35.81 12.78 -0.94
C SER D 433 -36.15 12.16 -2.30
N ALA D 434 -36.66 10.95 -2.27
CA ALA D 434 -37.02 10.22 -3.49
C ALA D 434 -38.02 10.87 -4.44
N ASN D 435 -39.03 11.59 -3.90
CA ASN D 435 -40.03 12.18 -4.79
C ASN D 435 -40.10 13.68 -4.86
N ASP D 436 -38.93 14.33 -4.92
CA ASP D 436 -38.90 15.78 -4.99
C ASP D 436 -39.12 16.29 -6.41
N ASP D 437 -40.10 15.69 -7.08
CA ASP D 437 -40.46 16.07 -8.44
C ASP D 437 -39.34 15.83 -9.42
N ASN D 438 -39.52 14.82 -10.25
CA ASN D 438 -38.52 14.44 -11.25
C ASN D 438 -39.13 14.48 -12.63
N VAL D 439 -40.03 15.42 -12.87
CA VAL D 439 -40.69 15.52 -14.16
C VAL D 439 -40.83 16.92 -14.70
N THR D 440 -41.20 17.83 -13.80
CA THR D 440 -41.39 19.22 -14.16
C THR D 440 -40.28 19.80 -15.05
N GLN D 441 -39.06 19.85 -14.53
CA GLN D 441 -37.93 20.40 -15.27
C GLN D 441 -37.54 19.58 -16.49
N VAL D 442 -37.81 18.27 -16.47
CA VAL D 442 -37.47 17.44 -17.61
C VAL D 442 -38.44 17.76 -18.74
N ARG D 443 -39.68 17.99 -18.35
CA ARG D 443 -40.77 18.32 -19.28
C ARG D 443 -40.41 19.56 -20.11
N THR D 444 -39.83 20.55 -19.44
CA THR D 444 -39.44 21.79 -20.11
C THR D 444 -38.27 21.51 -21.03
N PHE D 445 -37.34 20.71 -20.54
CA PHE D 445 -36.16 20.37 -21.35
C PHE D 445 -36.65 19.74 -22.65
N TYR D 446 -37.57 18.77 -22.52
CA TYR D 446 -38.12 18.04 -23.63
C TYR D 446 -38.89 18.86 -24.67
N LEU D 447 -39.63 19.87 -24.24
CA LEU D 447 -40.43 20.65 -25.18
C LEU D 447 -39.91 22.04 -25.52
N LYS D 448 -39.36 22.71 -24.51
CA LYS D 448 -38.86 24.05 -24.73
C LYS D 448 -37.40 24.14 -25.13
N VAL D 449 -36.56 23.32 -24.52
CA VAL D 449 -35.12 23.31 -24.81
C VAL D 449 -34.81 22.61 -26.13
N LEU D 450 -35.41 21.44 -26.33
CA LEU D 450 -35.22 20.69 -27.55
C LEU D 450 -36.28 21.03 -28.58
N ASN D 451 -35.93 20.87 -29.86
CA ASN D 451 -36.88 21.12 -30.94
C ASN D 451 -37.16 19.74 -31.52
N GLU D 452 -38.18 19.62 -32.36
CA GLU D 452 -38.57 18.33 -32.91
C GLU D 452 -37.49 17.38 -33.43
N GLU D 453 -36.51 17.88 -34.18
CA GLU D 453 -35.48 16.98 -34.69
C GLU D 453 -34.61 16.47 -33.55
N GLN D 454 -34.38 17.32 -32.57
CA GLN D 454 -33.56 16.91 -31.44
C GLN D 454 -34.30 15.88 -30.58
N ARG D 455 -35.64 16.06 -30.47
CA ARG D 455 -36.49 15.16 -29.71
C ARG D 455 -36.47 13.82 -30.42
N LYS D 456 -36.38 13.87 -31.74
CA LYS D 456 -36.37 12.65 -32.53
C LYS D 456 -35.12 11.85 -32.16
N ARG D 457 -33.98 12.52 -32.19
CA ARG D 457 -32.72 11.86 -31.88
C ARG D 457 -32.70 11.35 -30.46
N LEU D 458 -33.06 12.20 -29.53
CA LEU D 458 -33.10 11.81 -28.13
C LEU D 458 -33.80 10.46 -27.94
N CYS D 459 -34.92 10.24 -28.63
CA CYS D 459 -35.67 8.99 -28.50
C CYS D 459 -35.02 7.80 -29.19
N GLU D 460 -34.35 8.01 -30.32
CA GLU D 460 -33.72 6.89 -31.00
C GLU D 460 -32.48 6.51 -30.24
N ASN D 461 -31.76 7.51 -29.76
CA ASN D 461 -30.55 7.26 -28.97
C ASN D 461 -30.89 6.43 -27.74
N ILE D 462 -31.99 6.76 -27.10
CA ILE D 462 -32.45 6.05 -25.92
C ILE D 462 -32.87 4.64 -26.30
N ALA D 463 -33.88 4.56 -27.17
CA ALA D 463 -34.41 3.28 -27.62
C ALA D 463 -33.35 2.31 -28.12
N GLY D 464 -32.30 2.84 -28.74
CA GLY D 464 -31.25 1.99 -29.29
C GLY D 464 -30.41 1.28 -28.26
N HIS D 465 -30.44 1.78 -27.03
CA HIS D 465 -29.67 1.20 -25.96
C HIS D 465 -30.64 0.48 -25.01
N LEU D 466 -31.74 1.15 -24.68
CA LEU D 466 -32.74 0.58 -23.80
C LEU D 466 -33.31 -0.72 -24.32
N LYS D 467 -33.45 -0.81 -25.64
CA LYS D 467 -34.01 -1.99 -26.28
C LYS D 467 -33.36 -3.31 -25.89
N ASP D 468 -32.19 -3.26 -25.27
CA ASP D 468 -31.51 -4.48 -24.89
C ASP D 468 -31.84 -5.00 -23.50
N ALA D 469 -32.51 -4.16 -22.73
CA ALA D 469 -32.92 -4.52 -21.39
C ALA D 469 -34.18 -5.37 -21.52
N GLN D 470 -34.50 -6.14 -20.48
CA GLN D 470 -35.68 -7.00 -20.50
C GLN D 470 -36.97 -6.24 -20.66
N LEU D 471 -37.95 -6.88 -21.32
CA LEU D 471 -39.25 -6.28 -21.53
C LEU D 471 -39.81 -5.54 -20.31
N PHE D 472 -39.75 -6.20 -19.14
CA PHE D 472 -40.31 -5.58 -17.96
C PHE D 472 -39.62 -4.27 -17.59
N ILE D 473 -38.32 -4.21 -17.79
CA ILE D 473 -37.60 -2.97 -17.46
C ILE D 473 -38.06 -1.90 -18.44
N GLN D 474 -38.15 -2.28 -19.70
CA GLN D 474 -38.59 -1.37 -20.77
C GLN D 474 -39.93 -0.77 -20.39
N LYS D 475 -40.83 -1.59 -19.87
CA LYS D 475 -42.16 -1.11 -19.48
C LYS D 475 -41.97 -0.02 -18.43
N LYS D 476 -41.38 -0.41 -17.30
CA LYS D 476 -41.12 0.51 -16.20
C LYS D 476 -40.42 1.75 -16.74
N ALA D 477 -39.41 1.54 -17.59
CA ALA D 477 -38.63 2.63 -18.17
C ALA D 477 -39.50 3.60 -18.98
N VAL D 478 -40.31 3.07 -19.88
CA VAL D 478 -41.18 3.90 -20.70
C VAL D 478 -42.13 4.69 -19.79
N LYS D 479 -42.74 3.97 -18.87
CA LYS D 479 -43.69 4.57 -17.94
C LYS D 479 -43.15 5.90 -17.40
N ASN D 480 -41.92 5.88 -16.89
CA ASN D 480 -41.29 7.07 -16.33
C ASN D 480 -41.19 8.20 -17.33
N PHE D 481 -40.99 7.84 -18.61
CA PHE D 481 -40.86 8.82 -19.65
C PHE D 481 -42.18 9.51 -19.95
N SER D 482 -43.26 8.75 -19.96
CA SER D 482 -44.58 9.29 -20.22
C SER D 482 -44.93 10.29 -19.14
N ASP D 483 -44.38 10.10 -17.96
CA ASP D 483 -44.65 11.02 -16.85
C ASP D 483 -44.06 12.39 -17.13
N VAL D 484 -42.90 12.40 -17.74
CA VAL D 484 -42.27 13.67 -18.10
C VAL D 484 -43.19 14.23 -19.19
N HIS D 485 -43.58 13.34 -20.12
CA HIS D 485 -44.50 13.66 -21.19
C HIS D 485 -45.01 12.44 -21.95
N PRO D 486 -46.34 12.39 -22.14
CA PRO D 486 -47.01 11.29 -22.86
C PRO D 486 -46.30 10.90 -24.13
N GLU D 487 -45.92 11.93 -24.89
CA GLU D 487 -45.25 11.74 -26.17
C GLU D 487 -43.85 11.16 -25.98
N TYR D 488 -43.15 11.62 -24.96
CA TYR D 488 -41.80 11.14 -24.68
C TYR D 488 -41.88 9.62 -24.58
N GLY D 489 -42.79 9.13 -23.72
CA GLY D 489 -42.95 7.72 -23.55
C GLY D 489 -43.30 7.00 -24.87
N SER D 490 -44.45 7.36 -25.45
CA SER D 490 -44.90 6.75 -26.68
C SER D 490 -43.83 6.70 -27.77
N ARG D 491 -43.13 7.81 -27.96
CA ARG D 491 -42.09 7.86 -28.98
C ARG D 491 -41.04 6.79 -28.77
N ILE D 492 -40.56 6.69 -27.53
CA ILE D 492 -39.55 5.69 -27.20
C ILE D 492 -40.18 4.30 -27.34
N GLN D 493 -41.38 4.15 -26.75
CA GLN D 493 -42.10 2.90 -26.82
C GLN D 493 -42.17 2.42 -28.27
N ALA D 494 -42.57 3.34 -29.14
CA ALA D 494 -42.71 3.08 -30.56
C ALA D 494 -41.45 2.42 -31.12
N LEU D 495 -40.30 3.04 -30.84
CA LEU D 495 -39.04 2.53 -31.31
C LEU D 495 -38.74 1.13 -30.76
N LEU D 496 -38.90 0.95 -29.45
CA LEU D 496 -38.67 -0.35 -28.85
C LEU D 496 -39.39 -1.49 -29.53
N ASP D 497 -40.68 -1.34 -29.79
CA ASP D 497 -41.44 -2.40 -30.45
C ASP D 497 -40.81 -2.71 -31.81
N LYS D 498 -40.29 -1.67 -32.46
CA LYS D 498 -39.66 -1.84 -33.76
C LYS D 498 -38.36 -2.61 -33.49
N TYR D 499 -37.55 -2.06 -32.61
CA TYR D 499 -36.31 -2.69 -32.25
C TYR D 499 -36.51 -4.14 -31.87
N ASN D 500 -37.56 -4.42 -31.12
CA ASN D 500 -37.84 -5.80 -30.72
C ASN D 500 -38.35 -6.56 -31.94
N GLU D 501 -37.90 -6.14 -33.15
CA GLU D 501 -38.27 -6.74 -34.41
C GLU D 501 -39.55 -7.57 -34.37
C CYN E . 4.78 -10.78 -20.16
N CYN E . 4.70 -10.29 -21.22
CHA HEM F . 2.07 -10.84 -17.67
CHB HEM F . 6.73 -9.55 -17.10
CHC HEM F . 7.83 -12.21 -20.99
CHD HEM F . 3.40 -14.18 -20.90
C1A HEM F . 3.23 -10.21 -17.21
C2A HEM F . 3.26 -9.29 -16.12
C3A HEM F . 4.56 -8.92 -15.95
C4A HEM F . 5.34 -9.61 -16.97
CMA HEM F . 5.09 -8.00 -14.87
CAA HEM F . 2.04 -8.88 -15.32
CBA HEM F . 1.73 -9.99 -14.31
CGA HEM F . 0.51 -9.69 -13.49
O1A HEM F . 0.27 -8.51 -13.16
O2A HEM F . -0.22 -10.64 -13.14
C1B HEM F . 7.44 -10.28 -18.03
C2B HEM F . 8.88 -10.22 -18.19
C3B HEM F . 9.17 -10.91 -19.30
C4B HEM F . 7.94 -11.47 -19.82
CMB HEM F . 9.91 -9.54 -17.29
CAB HEM F . 10.40 -10.87 -19.95
CBB HEM F . 11.34 -11.94 -19.91
C1C HEM F . 6.66 -12.82 -21.43
C2C HEM F . 6.71 -13.96 -22.33
C3C HEM F . 5.51 -14.58 -22.25
C4C HEM F . 4.71 -13.85 -21.28
CMC HEM F . 4.96 -15.82 -22.94
CAC HEM F . 7.61 -15.00 -22.96
CBC HEM F . 9.13 -15.01 -22.95
C1D HEM F . 2.64 -13.42 -20.01
C2D HEM F . 1.23 -13.62 -19.77
C3D HEM F . 0.82 -12.62 -18.93
C4D HEM F . 2.03 -11.86 -18.65
CMD HEM F . 0.36 -14.76 -20.26
CAD HEM F . -0.56 -12.40 -18.28
CBD HEM F . -0.83 -13.38 -17.12
CGD HEM F . -2.26 -13.32 -16.62
O1D HEM F . -3.19 -13.61 -17.40
O2D HEM F . -2.46 -12.99 -15.43
NA HEM F . 4.51 -10.43 -17.74
NB HEM F . 6.87 -11.10 -19.01
NC HEM F . 5.43 -12.76 -20.77
ND HEM F . 3.12 -12.34 -19.33
FE HEM F . 4.99 -11.87 -18.98
CHA HEM G . 18.57 -3.62 7.87
CHB HEM G . 18.28 -7.96 5.69
CHC HEM G . 22.39 -8.90 7.74
CHD HEM G . 23.00 -4.87 9.18
C1A HEM G . 18.10 -4.72 7.13
C2A HEM G . 16.85 -4.74 6.44
C3A HEM G . 16.76 -5.95 5.83
C4A HEM G . 17.97 -6.69 6.17
CMA HEM G . 15.63 -6.41 4.93
CAA HEM G . 15.97 -3.78 7.28
CBA HEM G . 15.78 -2.56 6.39
CGA HEM G . 14.73 -1.54 6.01
O1A HEM G . 14.85 -0.92 4.94
O2A HEM G . 13.78 -1.37 6.79
C1B HEM G . 19.46 -8.62 5.99
C2B HEM G . 19.81 -9.95 5.49
C3B HEM G . 20.94 -10.30 6.14
C4B HEM G . 21.34 -9.17 6.96
CMB HEM G . 19.09 -10.80 4.47
CAB HEM G . 21.45 -11.58 6.16
CBB HEM G . 22.25 -12.13 5.13
C1C HEM G . 23.36 -8.04 8.10
C2C HEM G . 24.81 -7.91 8.28
C3C HEM G . 25.05 -6.64 8.69
C4C HEM G . 23.75 -5.97 8.78
CMC HEM G . 26.38 -5.91 8.87
CAC HEM G . 26.13 -8.55 7.84
CBC HEM G . 27.13 -8.47 6.72
C1D HEM G . 21.82 -4.21 9.06
C2D HEM G . 21.85 -2.77 9.23
C3D HEM G . 20.59 -2.31 9.04
C4D HEM G . 19.81 -3.48 8.69
CMD HEM G . 23.08 -1.91 9.50
CAD HEM G . 20.08 -0.84 9.02
CBD HEM G . 19.14 0.09 8.30
CGD HEM G . 18.77 1.56 8.31
O1D HEM G . 19.39 2.32 9.09
O2D HEM G . 17.86 1.96 7.55
NA HEM G . 18.80 -5.92 6.98
NB HEM G . 20.45 -8.13 6.84
NC HEM G . 22.72 -6.85 8.40
ND HEM G . 20.57 -4.63 8.72
FE HEM G . 20.62 -6.67 8.14
CHA HEM H . -6.52 2.67 19.05
CHB HEM H . -7.85 7.10 17.55
CHC HEM H . -9.33 8.08 22.04
CHD HEM H . -8.86 3.40 23.22
C1A HEM H . -6.70 3.82 18.27
C2A HEM H . -6.29 3.92 16.90
C3A HEM H . -6.66 5.15 16.47
C4A HEM H . -7.28 5.83 17.59
CMA HEM H . -6.49 5.69 15.06
CAA HEM H . -5.62 2.79 16.13
CBA HEM H . -6.70 1.78 15.74
CGA HEM H . -6.13 0.60 14.99
O1A HEM H . -5.18 0.78 14.21
O2A HEM H . -6.65 -0.52 15.17
C1B HEM H . -8.49 7.70 18.62
C2B HEM H . -9.08 9.02 18.59
C3B HEM H . -9.44 9.31 19.86
C4B HEM H . -9.15 8.14 20.67
CMB HEM H . -9.29 9.94 17.40
CAB HEM H . -9.79 10.57 20.30
CBB HEM H . -11.10 11.11 20.19
C1C HEM H . -9.14 6.95 22.81
C2C HEM H . -9.82 6.77 24.09
C3C HEM H . -9.80 5.44 24.39
C4C HEM H . -9.09 4.79 23.29
CMC HEM H . -10.52 8.11 24.33
CAC HEM H . -10.34 4.75 25.61
CBC HEM H . -11.69 4.08 25.81
C1D HEM H . -8.17 2.80 22.17
C2D HEM H . -7.74 1.42 22.17
C3D HEM H . -6.99 1.23 21.06
C4D HEM H . -7.02 2.51 20.36
CMD HEM H . -8.10 0.33 23.17
CAD HEM H . -6.36 -0.08 20.51
CBD HEM H . -7.41 -1.15 20.20
CGD HEM H . -6.78 -2.50 19.87
O1D HEM H . -6.61 -3.32 20.80
O2D HEM H . -6.48 -2.75 18.68
NA HEM H . -7.31 5.00 18.71
NB HEM H . -8.59 7.14 19.90
NC HEM H . -8.73 5.71 22.31
ND HEM H . -7.73 3.45 21.06
FE HEM H . -8.54 5.20 20.47
C CYN I . -17.74 10.99 -9.64
N CYN I . -18.25 11.66 -10.47
CHA HEM J . -14.15 12.27 -9.22
CHB HEM J . -17.15 10.07 -6.01
CHC HEM J . -20.58 12.81 -8.12
CHD HEM J . -17.64 14.95 -11.22
C1A HEM J . -14.89 11.21 -8.53
C2A HEM J . -14.14 10.43 -7.58
C3A HEM J . -15.03 9.91 -6.71
C4A HEM J . -16.35 10.36 -7.13
CMA HEM J . -14.70 9.06 -5.50
CAA HEM J . -12.69 10.10 -7.98
CBA HEM J . -11.16 10.09 -7.87
CGA HEM J . -9.65 10.14 -8.00
O1A HEM J . -8.99 9.10 -7.83
O2A HEM J . -9.12 11.24 -8.28
C1B HEM J . -18.47 10.51 -6.35
C2B HEM J . -19.59 10.57 -5.44
C3B HEM J . -20.54 11.30 -6.07
C4B HEM J . -19.99 11.75 -7.33
CMB HEM J . -19.73 9.97 -4.06
CAB HEM J . -21.86 11.38 -5.66
CBB HEM J . -22.29 12.15 -4.54
C1C HEM J . -20.14 13.73 -9.10
C2C HEM J . -20.87 14.94 -9.45
C3C HEM J . -20.14 15.60 -10.39
C4C HEM J . -18.95 14.78 -10.65
CMC HEM J . -22.16 15.40 -8.77
CAC HEM J . -20.53 16.91 -11.07
CBC HEM J . -20.00 18.20 -10.48
C1D HEM J . -16.39 14.43 -10.89
C2D HEM J . -15.14 14.85 -11.48
C3D HEM J . -14.17 14.03 -11.00
C4D HEM J . -14.84 13.14 -10.07
CMD HEM J . -14.92 16.04 -12.40
CAD HEM J . -12.83 14.11 -11.65
CBD HEM J . -11.38 13.72 -11.42
CGD HEM J . -10.13 14.01 -12.24
O1D HEM J . -9.30 14.83 -11.78
O2D HEM J . -9.98 13.44 -13.33
NA HEM J . -16.26 11.18 -8.25
NB HEM J . -18.69 11.29 -7.49
NC HEM J . -18.95 13.64 -9.82
ND HEM J . -16.20 13.38 -10.02
FE HEM J . -17.35 12.62 -8.70
#